data_6WN8
#
_entry.id   6WN8
#
_cell.length_a   203.349
_cell.length_b   203.349
_cell.length_c   157.775
_cell.angle_alpha   90.000
_cell.angle_beta   90.000
_cell.angle_gamma   120.000
#
_symmetry.space_group_name_H-M   'P 31 2 1'
#
loop_
_entity.id
_entity.type
_entity.pdbx_description
1 polymer 'Uracil phosphoribosyltransferase'
2 branched beta-D-fructofuranose-(2-1)-alpha-D-glucopyranose
3 non-polymer beta-D-fructopyranose
4 non-polymer 'SULFATE ION'
5 non-polymer 'CHLORIDE ION'
6 water water
#
_entity_poly.entity_id   1
_entity_poly.type   'polypeptide(L)'
_entity_poly.pdbx_seq_one_letter_code
;SNAMKIVEVKHPLVKHKLGLMREHDISTKRFRELASEVGSLLTYEATADLETEKVTIEGWNGPVEVEQIKGKKITVVPIL
RAGLGMMEGVLEHVPSARISVVGIYRNEETLEPVPYFQKLVSNIDERMALVVDPMLATGGSMIATIDLLKNAGCTSIKVL
VLVAAPEGIAALEKAHPDVELYTASVDKGLNEHGYIIPGLGDAGDKIFGTK
;
_entity_poly.pdbx_strand_id   A,B,C,D,E,F,G,H,I,J
#
loop_
_chem_comp.id
_chem_comp.type
_chem_comp.name
_chem_comp.formula
BDF D-saccharide, beta linking beta-D-fructopyranose 'C6 H12 O6'
CL non-polymer 'CHLORIDE ION' 'Cl -1'
FRU D-saccharide, beta linking beta-D-fructofuranose 'C6 H12 O6'
GLC D-saccharide, alpha linking alpha-D-glucopyranose 'C6 H12 O6'
SO4 non-polymer 'SULFATE ION' 'O4 S -2'
#
# COMPACT_ATOMS: atom_id res chain seq x y z
N ALA A 3 -35.94 -33.20 -33.05
CA ALA A 3 -35.07 -32.72 -31.95
C ALA A 3 -34.76 -31.23 -32.13
N MET A 4 -34.60 -30.49 -31.02
CA MET A 4 -34.32 -29.03 -31.07
C MET A 4 -32.83 -28.81 -31.34
N LYS A 5 -32.51 -27.88 -32.24
CA LYS A 5 -31.12 -27.51 -32.63
C LYS A 5 -30.46 -26.76 -31.47
N ILE A 6 -29.43 -27.35 -30.84
CA ILE A 6 -28.72 -26.70 -29.71
C ILE A 6 -27.26 -26.47 -30.12
N VAL A 7 -26.77 -25.24 -29.95
CA VAL A 7 -25.38 -24.88 -30.32
C VAL A 7 -24.68 -24.25 -29.10
N GLU A 8 -23.79 -25.01 -28.45
CA GLU A 8 -23.02 -24.48 -27.29
C GLU A 8 -21.76 -23.82 -27.86
N VAL A 9 -21.71 -22.49 -27.83
CA VAL A 9 -20.55 -21.73 -28.37
C VAL A 9 -19.33 -21.97 -27.47
N LYS A 10 -18.31 -22.65 -28.01
CA LYS A 10 -17.07 -22.99 -27.24
C LYS A 10 -15.89 -22.13 -27.70
N HIS A 11 -16.14 -20.97 -28.30
CA HIS A 11 -15.04 -20.07 -28.76
C HIS A 11 -14.25 -19.64 -27.53
N PRO A 12 -12.90 -19.60 -27.58
CA PRO A 12 -12.09 -19.19 -26.43
C PRO A 12 -12.48 -17.85 -25.79
N LEU A 13 -12.79 -16.84 -26.61
CA LEU A 13 -13.20 -15.50 -26.07
C LEU A 13 -14.53 -15.62 -25.34
N VAL A 14 -15.49 -16.37 -25.93
CA VAL A 14 -16.83 -16.56 -25.29
C VAL A 14 -16.64 -17.23 -23.93
N LYS A 15 -15.86 -18.32 -23.87
CA LYS A 15 -15.66 -19.04 -22.58
C LYS A 15 -14.85 -18.16 -21.60
N HIS A 16 -13.85 -17.42 -22.09
CA HIS A 16 -13.06 -16.56 -21.18
C HIS A 16 -13.94 -15.49 -20.52
N LYS A 17 -14.71 -14.77 -21.34
CA LYS A 17 -15.60 -13.68 -20.87
C LYS A 17 -16.72 -14.25 -19.99
N LEU A 18 -17.23 -15.43 -20.32
CA LEU A 18 -18.30 -16.03 -19.48
C LEU A 18 -17.70 -16.33 -18.10
N GLY A 19 -16.46 -16.81 -18.07
CA GLY A 19 -15.75 -17.12 -16.81
C GLY A 19 -15.62 -15.90 -15.92
N LEU A 20 -15.25 -14.75 -16.50
CA LEU A 20 -15.09 -13.48 -15.74
C LEU A 20 -16.42 -13.10 -15.06
N MET A 21 -17.54 -13.31 -15.76
CA MET A 21 -18.89 -12.98 -15.22
C MET A 21 -19.24 -13.91 -14.03
N ARG A 22 -18.55 -15.04 -13.89
CA ARG A 22 -18.88 -15.96 -12.75
C ARG A 22 -18.23 -15.50 -11.45
N GLU A 23 -17.30 -14.53 -11.50
CA GLU A 23 -16.65 -14.02 -10.25
C GLU A 23 -17.76 -13.41 -9.39
N HIS A 24 -17.90 -13.83 -8.12
CA HIS A 24 -19.00 -13.32 -7.25
C HIS A 24 -18.74 -11.87 -6.81
N ASP A 25 -17.52 -11.37 -6.97
CA ASP A 25 -17.19 -9.96 -6.57
C ASP A 25 -17.07 -9.06 -7.80
N ILE A 26 -17.62 -9.47 -8.94
CA ILE A 26 -17.54 -8.63 -10.17
C ILE A 26 -18.47 -7.41 -9.99
N SER A 27 -18.10 -6.27 -10.58
CA SER A 27 -18.92 -5.04 -10.47
C SER A 27 -20.09 -5.09 -11.45
N THR A 28 -21.14 -4.31 -11.18
CA THR A 28 -22.35 -4.25 -12.07
C THR A 28 -21.90 -3.75 -13.44
N LYS A 29 -21.04 -2.72 -13.45
CA LYS A 29 -20.51 -2.11 -14.70
C LYS A 29 -19.85 -3.21 -15.55
N ARG A 30 -18.82 -3.88 -14.98
CA ARG A 30 -18.06 -4.95 -15.66
C ARG A 30 -19.02 -6.06 -16.13
N PHE A 31 -19.94 -6.48 -15.25
CA PHE A 31 -20.93 -7.55 -15.56
C PHE A 31 -21.79 -7.10 -16.75
N ARG A 32 -22.22 -5.83 -16.78
CA ARG A 32 -23.06 -5.34 -17.91
C ARG A 32 -22.25 -5.38 -19.22
N GLU A 33 -21.01 -4.90 -19.19
CA GLU A 33 -20.14 -4.89 -20.40
C GLU A 33 -19.98 -6.31 -20.95
N LEU A 34 -19.69 -7.28 -20.07
CA LEU A 34 -19.50 -8.69 -20.49
C LEU A 34 -20.81 -9.28 -21.03
N ALA A 35 -21.93 -8.98 -20.39
CA ALA A 35 -23.24 -9.51 -20.84
C ALA A 35 -23.47 -9.10 -22.30
N SER A 36 -23.24 -7.81 -22.61
CA SER A 36 -23.41 -7.27 -23.98
C SER A 36 -22.33 -7.83 -24.90
N GLU A 37 -21.10 -7.93 -24.40
CA GLU A 37 -19.95 -8.45 -25.19
C GLU A 37 -20.23 -9.90 -25.63
N VAL A 38 -20.57 -10.79 -24.69
CA VAL A 38 -20.85 -12.21 -25.03
C VAL A 38 -22.10 -12.26 -25.93
N GLY A 39 -23.09 -11.41 -25.67
CA GLY A 39 -24.32 -11.37 -26.49
C GLY A 39 -23.99 -11.03 -27.93
N SER A 40 -22.98 -10.18 -28.12
CA SER A 40 -22.52 -9.74 -29.46
C SER A 40 -21.92 -10.94 -30.23
N LEU A 41 -21.11 -11.75 -29.54
CA LEU A 41 -20.46 -12.93 -30.15
C LEU A 41 -21.52 -14.00 -30.47
N LEU A 42 -22.48 -14.21 -29.57
CA LEU A 42 -23.55 -15.22 -29.81
C LEU A 42 -24.37 -14.81 -31.04
N THR A 43 -24.45 -13.50 -31.29
CA THR A 43 -25.21 -12.97 -32.45
C THR A 43 -24.49 -13.34 -33.76
N TYR A 44 -23.15 -13.41 -33.71
CA TYR A 44 -22.36 -13.77 -34.92
C TYR A 44 -22.55 -15.27 -35.21
N GLU A 45 -22.66 -16.08 -34.15
CA GLU A 45 -22.84 -17.55 -34.29
C GLU A 45 -24.25 -17.86 -34.81
N ALA A 46 -25.24 -17.08 -34.37
CA ALA A 46 -26.65 -17.29 -34.76
C ALA A 46 -26.98 -16.75 -36.16
N THR A 47 -26.24 -15.74 -36.63
CA THR A 47 -26.51 -15.15 -37.98
C THR A 47 -25.59 -15.76 -39.04
N ALA A 48 -24.96 -16.90 -38.75
CA ALA A 48 -24.04 -17.55 -39.72
C ALA A 48 -24.81 -18.26 -40.84
N ASP A 49 -26.11 -18.55 -40.64
CA ASP A 49 -26.92 -19.26 -41.66
C ASP A 49 -27.93 -18.33 -42.34
N LEU A 50 -27.76 -17.00 -42.25
CA LEU A 50 -28.73 -16.07 -42.92
C LEU A 50 -28.64 -16.24 -44.42
N GLU A 51 -29.78 -16.11 -45.12
CA GLU A 51 -29.83 -16.26 -46.60
C GLU A 51 -29.41 -14.94 -47.25
N THR A 52 -28.51 -15.02 -48.23
CA THR A 52 -28.00 -13.84 -48.97
C THR A 52 -28.41 -13.94 -50.43
N GLU A 53 -28.31 -12.83 -51.17
CA GLU A 53 -28.66 -12.76 -52.61
C GLU A 53 -27.67 -11.83 -53.30
N LYS A 54 -27.21 -12.20 -54.51
CA LYS A 54 -26.23 -11.39 -55.27
C LYS A 54 -26.97 -10.23 -55.97
N VAL A 55 -26.42 -9.03 -55.85
CA VAL A 55 -27.00 -7.78 -56.45
C VAL A 55 -25.85 -6.93 -57.00
N THR A 56 -26.12 -6.16 -58.07
CA THR A 56 -25.10 -5.28 -58.70
C THR A 56 -25.31 -3.85 -58.19
N ILE A 57 -24.24 -3.16 -57.79
CA ILE A 57 -24.33 -1.75 -57.30
C ILE A 57 -23.14 -0.95 -57.87
N GLU A 58 -23.26 0.37 -57.91
CA GLU A 58 -22.16 1.24 -58.42
C GLU A 58 -21.04 1.29 -57.39
N GLY A 59 -19.90 0.67 -57.72
CA GLY A 59 -18.73 0.63 -56.82
C GLY A 59 -17.77 1.78 -57.09
N TRP A 60 -16.65 1.80 -56.38
CA TRP A 60 -15.62 2.85 -56.52
C TRP A 60 -15.07 2.88 -57.94
N ASN A 61 -15.00 1.71 -58.59
CA ASN A 61 -14.42 1.64 -59.97
C ASN A 61 -15.45 0.98 -60.90
N GLY A 62 -16.69 1.47 -60.90
CA GLY A 62 -17.77 0.94 -61.76
C GLY A 62 -18.61 -0.14 -61.07
N PRO A 63 -19.57 -0.75 -61.80
CA PRO A 63 -20.43 -1.80 -61.25
C PRO A 63 -19.67 -2.95 -60.59
N VAL A 64 -20.23 -3.49 -59.50
CA VAL A 64 -19.62 -4.62 -58.75
C VAL A 64 -20.74 -5.45 -58.12
N GLU A 65 -20.55 -6.78 -58.03
CA GLU A 65 -21.60 -7.66 -57.45
C GLU A 65 -21.38 -7.75 -55.94
N VAL A 66 -22.43 -7.46 -55.15
CA VAL A 66 -22.36 -7.51 -53.66
C VAL A 66 -23.46 -8.44 -53.15
N GLU A 67 -23.32 -8.92 -51.92
CA GLU A 67 -24.36 -9.82 -51.31
C GLU A 67 -25.07 -9.06 -50.21
N GLN A 68 -26.40 -9.13 -50.18
CA GLN A 68 -27.20 -8.45 -49.13
C GLN A 68 -28.10 -9.50 -48.47
N ILE A 69 -28.48 -9.26 -47.20
CA ILE A 69 -29.35 -10.19 -46.43
C ILE A 69 -30.75 -10.18 -47.05
N LYS A 70 -31.21 -11.35 -47.54
CA LYS A 70 -32.55 -11.45 -48.18
C LYS A 70 -33.64 -11.43 -47.10
N GLY A 71 -34.84 -10.97 -47.46
CA GLY A 71 -35.99 -10.90 -46.54
C GLY A 71 -36.07 -9.58 -45.80
N LYS A 72 -37.12 -9.38 -45.00
CA LYS A 72 -37.30 -8.12 -44.21
C LYS A 72 -36.34 -8.11 -43.03
N LYS A 73 -36.13 -6.92 -42.44
CA LYS A 73 -35.21 -6.69 -41.30
C LYS A 73 -35.55 -7.63 -40.13
N ILE A 74 -34.50 -8.12 -39.47
CA ILE A 74 -34.60 -9.05 -38.30
C ILE A 74 -35.22 -8.28 -37.12
N THR A 75 -35.78 -9.01 -36.15
CA THR A 75 -36.37 -8.36 -34.96
C THR A 75 -35.67 -8.91 -33.70
N VAL A 76 -35.13 -8.03 -32.87
CA VAL A 76 -34.46 -8.47 -31.61
C VAL A 76 -35.53 -8.47 -30.52
N VAL A 77 -35.64 -9.56 -29.77
CA VAL A 77 -36.68 -9.66 -28.70
C VAL A 77 -35.99 -9.74 -27.34
N PRO A 78 -35.66 -8.58 -26.71
CA PRO A 78 -35.03 -8.59 -25.39
C PRO A 78 -36.08 -8.82 -24.30
N ILE A 79 -35.84 -9.80 -23.42
CA ILE A 79 -36.80 -10.09 -22.31
C ILE A 79 -36.45 -9.17 -21.13
N LEU A 80 -37.29 -8.17 -20.83
CA LEU A 80 -37.01 -7.25 -19.70
C LEU A 80 -36.92 -8.09 -18.43
N ARG A 81 -36.02 -7.72 -17.51
CA ARG A 81 -35.15 -6.57 -17.65
C ARG A 81 -33.77 -7.01 -18.18
N ALA A 82 -33.26 -8.13 -17.65
CA ALA A 82 -31.95 -8.74 -17.99
C ALA A 82 -31.65 -8.69 -19.49
N GLY A 83 -32.66 -8.86 -20.34
CA GLY A 83 -32.48 -8.86 -21.81
C GLY A 83 -31.76 -7.63 -22.34
N LEU A 84 -32.14 -6.43 -21.88
CA LEU A 84 -31.52 -5.16 -22.35
C LEU A 84 -30.00 -5.19 -22.18
N GLY A 85 -29.50 -5.90 -21.14
CA GLY A 85 -28.06 -5.99 -20.88
C GLY A 85 -27.31 -6.75 -21.96
N MET A 86 -28.02 -7.28 -22.95
CA MET A 86 -27.39 -8.04 -24.08
C MET A 86 -27.82 -7.47 -25.42
N MET A 87 -28.90 -6.67 -25.44
CA MET A 87 -29.46 -6.08 -26.67
C MET A 87 -28.43 -5.21 -27.40
N GLU A 88 -27.63 -4.42 -26.68
CA GLU A 88 -26.63 -3.52 -27.32
C GLU A 88 -25.62 -4.35 -28.13
N GLY A 89 -25.23 -5.52 -27.63
CA GLY A 89 -24.27 -6.38 -28.34
C GLY A 89 -24.87 -6.94 -29.63
N VAL A 90 -26.18 -7.20 -29.61
CA VAL A 90 -26.92 -7.73 -30.79
C VAL A 90 -27.06 -6.63 -31.84
N LEU A 91 -27.59 -5.46 -31.44
CA LEU A 91 -27.79 -4.31 -32.37
C LEU A 91 -26.47 -3.90 -33.03
N GLU A 92 -25.34 -4.19 -32.39
CA GLU A 92 -24.00 -3.86 -32.96
C GLU A 92 -23.83 -4.48 -34.35
N HIS A 93 -24.36 -5.68 -34.56
CA HIS A 93 -24.22 -6.41 -35.85
C HIS A 93 -25.46 -6.21 -36.74
N VAL A 94 -26.59 -5.80 -36.15
CA VAL A 94 -27.85 -5.57 -36.91
C VAL A 94 -28.52 -4.31 -36.33
N PRO A 95 -27.92 -3.12 -36.52
CA PRO A 95 -28.47 -1.88 -35.98
C PRO A 95 -29.82 -1.46 -36.57
N SER A 96 -30.18 -2.00 -37.74
CA SER A 96 -31.48 -1.67 -38.39
C SER A 96 -32.57 -2.63 -37.89
N ALA A 97 -32.22 -3.54 -37.00
CA ALA A 97 -33.19 -4.53 -36.45
C ALA A 97 -34.32 -3.83 -35.71
N ARG A 98 -35.54 -4.35 -35.87
CA ARG A 98 -36.75 -3.84 -35.20
C ARG A 98 -36.73 -4.41 -33.78
N ILE A 99 -36.91 -3.58 -32.76
CA ILE A 99 -36.86 -4.07 -31.34
C ILE A 99 -38.27 -4.36 -30.81
N SER A 100 -38.52 -5.64 -30.50
CA SER A 100 -39.82 -6.12 -29.93
C SER A 100 -39.62 -6.39 -28.43
N VAL A 101 -39.82 -5.36 -27.61
CA VAL A 101 -39.62 -5.46 -26.12
C VAL A 101 -40.71 -6.35 -25.49
N VAL A 102 -40.29 -7.33 -24.70
CA VAL A 102 -41.19 -8.28 -23.98
C VAL A 102 -40.78 -8.28 -22.51
N GLY A 103 -41.72 -7.95 -21.61
CA GLY A 103 -41.46 -7.90 -20.16
C GLY A 103 -41.98 -9.13 -19.44
N ILE A 104 -41.12 -9.81 -18.69
CA ILE A 104 -41.50 -11.04 -17.94
C ILE A 104 -40.63 -11.15 -16.68
N TYR A 105 -41.25 -11.30 -15.50
CA TYR A 105 -40.48 -11.48 -14.24
C TYR A 105 -40.90 -12.86 -13.72
N ARG A 106 -40.04 -13.54 -12.96
CA ARG A 106 -40.41 -14.88 -12.48
C ARG A 106 -40.88 -14.83 -11.02
N ASN A 107 -41.95 -15.55 -10.70
CA ASN A 107 -42.49 -15.64 -9.33
C ASN A 107 -41.57 -16.59 -8.57
N GLU A 108 -40.73 -16.07 -7.68
CA GLU A 108 -39.75 -16.91 -6.92
C GLU A 108 -40.48 -17.91 -6.00
N GLU A 109 -41.80 -17.76 -5.86
CA GLU A 109 -42.60 -18.68 -4.99
C GLU A 109 -42.96 -19.93 -5.80
N THR A 110 -43.42 -19.74 -7.04
CA THR A 110 -43.86 -20.85 -7.94
C THR A 110 -42.87 -21.11 -9.09
N LEU A 111 -41.97 -20.16 -9.36
CA LEU A 111 -40.96 -20.25 -10.46
C LEU A 111 -41.68 -20.12 -11.81
N GLU A 112 -42.95 -19.71 -11.80
CA GLU A 112 -43.73 -19.54 -13.06
C GLU A 112 -43.49 -18.15 -13.62
N PRO A 113 -43.59 -17.97 -14.96
CA PRO A 113 -43.38 -16.66 -15.58
C PRO A 113 -44.59 -15.72 -15.40
N VAL A 114 -44.31 -14.41 -15.30
CA VAL A 114 -45.38 -13.39 -15.13
C VAL A 114 -45.18 -12.33 -16.22
N PRO A 115 -45.73 -12.52 -17.43
CA PRO A 115 -45.58 -11.54 -18.51
C PRO A 115 -46.42 -10.28 -18.24
N TYR A 116 -45.74 -9.13 -18.09
CA TYR A 116 -46.41 -7.84 -17.80
C TYR A 116 -46.32 -6.84 -18.97
N PHE A 117 -45.51 -7.12 -20.01
CA PHE A 117 -45.43 -6.15 -21.13
C PHE A 117 -45.03 -6.83 -22.44
N GLN A 118 -45.54 -6.28 -23.55
CA GLN A 118 -45.23 -6.80 -24.90
C GLN A 118 -45.67 -5.75 -25.94
N LYS A 119 -44.85 -5.57 -26.98
CA LYS A 119 -45.15 -4.64 -28.10
C LYS A 119 -44.23 -5.06 -29.24
N LEU A 120 -44.69 -6.10 -29.95
CA LEU A 120 -43.99 -6.75 -31.08
C LEU A 120 -44.07 -5.87 -32.33
N VAL A 121 -43.14 -6.11 -33.27
CA VAL A 121 -43.09 -5.35 -34.54
C VAL A 121 -44.19 -5.89 -35.46
N SER A 122 -44.55 -5.14 -36.51
CA SER A 122 -45.60 -5.58 -37.48
C SER A 122 -45.00 -6.55 -38.50
N ASN A 123 -45.86 -7.36 -39.13
CA ASN A 123 -45.42 -8.34 -40.16
C ASN A 123 -44.37 -9.28 -39.59
N ILE A 124 -44.48 -9.62 -38.29
CA ILE A 124 -43.48 -10.52 -37.63
C ILE A 124 -43.52 -11.91 -38.31
N ASP A 125 -44.61 -12.22 -39.02
CA ASP A 125 -44.75 -13.53 -39.72
C ASP A 125 -43.73 -13.61 -40.87
N GLU A 126 -43.22 -12.46 -41.32
CA GLU A 126 -42.22 -12.40 -42.44
C GLU A 126 -40.85 -12.02 -41.87
N ARG A 127 -40.64 -12.22 -40.56
CA ARG A 127 -39.35 -11.84 -39.92
C ARG A 127 -38.78 -12.94 -39.04
N MET A 128 -37.46 -12.94 -38.87
CA MET A 128 -36.76 -13.90 -37.99
C MET A 128 -36.62 -13.20 -36.64
N ALA A 129 -36.88 -13.91 -35.53
CA ALA A 129 -36.78 -13.28 -34.21
C ALA A 129 -35.57 -13.81 -33.43
N LEU A 130 -34.73 -12.89 -32.93
CA LEU A 130 -33.56 -13.21 -32.08
C LEU A 130 -33.96 -12.88 -30.64
N VAL A 131 -34.34 -13.89 -29.85
CA VAL A 131 -34.77 -13.65 -28.44
C VAL A 131 -33.52 -13.65 -27.56
N VAL A 132 -33.30 -12.58 -26.80
CA VAL A 132 -32.10 -12.50 -25.90
C VAL A 132 -32.53 -12.45 -24.44
N ASP A 133 -31.92 -13.32 -23.63
CA ASP A 133 -32.19 -13.41 -22.17
C ASP A 133 -30.97 -14.11 -21.58
N PRO A 134 -30.27 -13.51 -20.58
CA PRO A 134 -29.08 -14.14 -20.01
C PRO A 134 -29.19 -15.55 -19.44
N MET A 135 -30.35 -15.95 -18.91
CA MET A 135 -30.45 -17.31 -18.29
C MET A 135 -31.68 -18.10 -18.74
N LEU A 136 -31.49 -19.42 -18.85
CA LEU A 136 -32.55 -20.40 -19.21
C LEU A 136 -32.52 -21.44 -18.09
N ALA A 137 -33.18 -21.11 -16.96
CA ALA A 137 -33.27 -22.03 -15.79
C ALA A 137 -34.30 -23.16 -15.73
N THR A 138 -35.59 -22.80 -15.60
CA THR A 138 -36.72 -23.75 -15.77
C THR A 138 -37.22 -23.68 -17.23
N GLY A 139 -37.01 -22.54 -17.90
CA GLY A 139 -37.44 -22.35 -19.29
C GLY A 139 -38.80 -21.69 -19.40
N GLY A 140 -39.47 -21.44 -18.26
CA GLY A 140 -40.81 -20.82 -18.24
C GLY A 140 -40.87 -19.49 -18.96
N SER A 141 -39.93 -18.59 -18.69
CA SER A 141 -39.90 -17.24 -19.34
C SER A 141 -39.72 -17.35 -20.85
N MET A 142 -38.83 -18.24 -21.30
CA MET A 142 -38.58 -18.38 -22.76
C MET A 142 -39.78 -19.06 -23.44
N ILE A 143 -40.37 -20.08 -22.80
CA ILE A 143 -41.55 -20.78 -23.38
C ILE A 143 -42.71 -19.77 -23.50
N ALA A 144 -42.85 -18.89 -22.51
CA ALA A 144 -43.92 -17.85 -22.50
C ALA A 144 -43.65 -16.83 -23.62
N THR A 145 -42.38 -16.50 -23.86
CA THR A 145 -42.00 -15.53 -24.92
C THR A 145 -42.31 -16.12 -26.30
N ILE A 146 -41.84 -17.34 -26.55
CA ILE A 146 -42.07 -18.02 -27.86
C ILE A 146 -43.58 -18.16 -28.11
N ASP A 147 -44.38 -18.33 -27.04
CA ASP A 147 -45.85 -18.43 -27.22
C ASP A 147 -46.36 -17.13 -27.85
N LEU A 148 -45.94 -15.97 -27.30
CA LEU A 148 -46.35 -14.64 -27.82
C LEU A 148 -45.92 -14.49 -29.29
N LEU A 149 -44.67 -14.85 -29.60
CA LEU A 149 -44.14 -14.74 -30.98
C LEU A 149 -44.94 -15.61 -31.95
N LYS A 150 -45.08 -16.92 -31.66
CA LYS A 150 -45.85 -17.81 -32.58
C LYS A 150 -47.32 -17.36 -32.62
N ASN A 151 -47.85 -16.93 -31.48
CA ASN A 151 -49.25 -16.46 -31.39
C ASN A 151 -49.39 -15.24 -32.32
N ALA A 152 -48.32 -14.46 -32.47
CA ALA A 152 -48.31 -13.25 -33.34
C ALA A 152 -48.08 -13.65 -34.79
N GLY A 153 -47.69 -14.91 -35.05
CA GLY A 153 -47.46 -15.42 -36.42
C GLY A 153 -46.00 -15.62 -36.79
N CYS A 154 -45.05 -15.46 -35.85
CA CYS A 154 -43.61 -15.65 -36.17
C CYS A 154 -43.29 -17.13 -36.27
N THR A 155 -42.64 -17.54 -37.38
CA THR A 155 -42.26 -18.96 -37.64
C THR A 155 -40.75 -19.19 -37.43
N SER A 156 -39.91 -18.22 -37.78
CA SER A 156 -38.44 -18.35 -37.62
C SER A 156 -37.98 -17.69 -36.31
N ILE A 157 -37.52 -18.50 -35.34
CA ILE A 157 -37.06 -17.98 -34.01
C ILE A 157 -35.73 -18.61 -33.60
N LYS A 158 -34.83 -17.77 -33.07
CA LYS A 158 -33.48 -18.16 -32.56
C LYS A 158 -33.37 -17.62 -31.12
N VAL A 159 -32.87 -18.43 -30.19
CA VAL A 159 -32.74 -18.00 -28.76
C VAL A 159 -31.26 -17.84 -28.39
N LEU A 160 -30.90 -16.68 -27.86
CA LEU A 160 -29.50 -16.39 -27.44
C LEU A 160 -29.49 -16.26 -25.91
N VAL A 161 -28.72 -17.09 -25.23
CA VAL A 161 -28.63 -17.05 -23.73
C VAL A 161 -27.17 -17.27 -23.32
N LEU A 162 -26.78 -16.73 -22.17
CA LEU A 162 -25.39 -16.88 -21.67
C LEU A 162 -25.24 -18.27 -21.04
N VAL A 163 -26.11 -18.62 -20.09
CA VAL A 163 -26.08 -19.94 -19.38
C VAL A 163 -27.45 -20.59 -19.47
N ALA A 164 -27.48 -21.92 -19.64
CA ALA A 164 -28.74 -22.69 -19.73
C ALA A 164 -28.62 -23.99 -18.93
N ALA A 165 -29.66 -24.33 -18.17
CA ALA A 165 -29.68 -25.56 -17.36
C ALA A 165 -30.37 -26.66 -18.18
N PRO A 166 -29.96 -27.95 -18.03
CA PRO A 166 -30.59 -29.04 -18.78
C PRO A 166 -32.13 -29.06 -18.65
N GLU A 167 -32.65 -28.78 -17.44
CA GLU A 167 -34.11 -28.78 -17.18
C GLU A 167 -34.79 -27.73 -18.08
N GLY A 168 -34.16 -26.57 -18.26
CA GLY A 168 -34.71 -25.49 -19.12
C GLY A 168 -34.63 -25.86 -20.60
N ILE A 169 -33.57 -26.57 -20.99
CA ILE A 169 -33.35 -27.02 -22.39
C ILE A 169 -34.38 -28.10 -22.72
N ALA A 170 -34.69 -28.98 -21.77
CA ALA A 170 -35.66 -30.08 -21.97
C ALA A 170 -37.08 -29.51 -22.09
N ALA A 171 -37.45 -28.56 -21.21
CA ALA A 171 -38.80 -27.96 -21.22
C ALA A 171 -39.03 -27.18 -22.52
N LEU A 172 -38.04 -26.40 -22.93
CA LEU A 172 -38.09 -25.58 -24.17
C LEU A 172 -38.20 -26.48 -25.40
N GLU A 173 -37.45 -27.58 -25.41
CA GLU A 173 -37.42 -28.53 -26.56
C GLU A 173 -38.79 -29.22 -26.75
N LYS A 174 -39.43 -29.67 -25.66
CA LYS A 174 -40.75 -30.35 -25.81
C LYS A 174 -41.83 -29.30 -26.09
N ALA A 175 -41.65 -28.07 -25.60
CA ALA A 175 -42.62 -26.98 -25.81
C ALA A 175 -42.52 -26.41 -27.23
N HIS A 176 -41.29 -26.10 -27.69
CA HIS A 176 -41.10 -25.51 -29.05
C HIS A 176 -39.82 -26.06 -29.68
N PRO A 177 -39.85 -27.28 -30.28
CA PRO A 177 -38.65 -27.86 -30.89
C PRO A 177 -38.19 -27.24 -32.23
N ASP A 178 -38.95 -26.31 -32.81
CA ASP A 178 -38.56 -25.69 -34.11
C ASP A 178 -37.64 -24.48 -33.91
N VAL A 179 -37.39 -24.07 -32.66
CA VAL A 179 -36.49 -22.90 -32.40
C VAL A 179 -35.05 -23.42 -32.30
N GLU A 180 -34.07 -22.53 -32.51
CA GLU A 180 -32.63 -22.92 -32.39
C GLU A 180 -32.09 -22.25 -31.13
N LEU A 181 -31.38 -23.00 -30.29
CA LEU A 181 -30.82 -22.42 -29.05
C LEU A 181 -29.31 -22.22 -29.19
N TYR A 182 -28.85 -21.02 -28.84
CA TYR A 182 -27.41 -20.64 -28.87
C TYR A 182 -27.06 -20.21 -27.43
N THR A 183 -26.31 -21.04 -26.73
CA THR A 183 -25.92 -20.74 -25.32
C THR A 183 -24.40 -20.64 -25.22
N ALA A 184 -23.91 -19.82 -24.28
CA ALA A 184 -22.45 -19.69 -24.07
C ALA A 184 -22.02 -20.80 -23.12
N SER A 185 -22.99 -21.58 -22.60
CA SER A 185 -22.67 -22.68 -21.66
C SER A 185 -23.92 -23.47 -21.24
N VAL A 186 -23.74 -24.77 -21.03
CA VAL A 186 -24.79 -25.72 -20.56
C VAL A 186 -24.31 -26.14 -19.16
N ASP A 187 -24.86 -25.53 -18.11
CA ASP A 187 -24.43 -25.83 -16.71
C ASP A 187 -24.96 -27.19 -16.23
N LYS A 188 -24.72 -27.50 -14.96
CA LYS A 188 -25.12 -28.80 -14.33
C LYS A 188 -26.64 -28.87 -14.15
N GLY A 189 -27.24 -27.93 -13.43
CA GLY A 189 -28.70 -27.97 -13.23
C GLY A 189 -29.22 -26.80 -12.42
N LEU A 190 -30.31 -27.03 -11.68
CA LEU A 190 -30.97 -25.99 -10.83
C LEU A 190 -30.86 -26.37 -9.36
N ASN A 191 -30.94 -25.39 -8.46
CA ASN A 191 -30.87 -25.66 -6.99
C ASN A 191 -32.31 -25.79 -6.48
N GLU A 192 -32.51 -25.83 -5.16
CA GLU A 192 -33.87 -25.96 -4.57
C GLU A 192 -34.66 -24.65 -4.71
N HIS A 193 -34.01 -23.56 -5.12
CA HIS A 193 -34.70 -22.25 -5.28
C HIS A 193 -34.94 -21.93 -6.76
N GLY A 194 -34.58 -22.85 -7.66
CA GLY A 194 -34.78 -22.69 -9.12
C GLY A 194 -33.67 -21.92 -9.82
N TYR A 195 -32.54 -21.68 -9.16
CA TYR A 195 -31.42 -20.93 -9.81
C TYR A 195 -30.43 -21.92 -10.43
N ILE A 196 -29.80 -21.50 -11.54
CA ILE A 196 -28.81 -22.34 -12.29
C ILE A 196 -27.50 -22.43 -11.51
N ILE A 197 -26.87 -23.60 -11.55
CA ILE A 197 -25.56 -23.86 -10.86
C ILE A 197 -24.61 -24.52 -11.87
N PRO A 198 -23.35 -24.05 -12.02
CA PRO A 198 -22.82 -22.91 -11.25
C PRO A 198 -23.59 -21.61 -11.49
N GLY A 199 -24.08 -21.41 -12.73
CA GLY A 199 -24.86 -20.24 -13.14
C GLY A 199 -24.14 -18.91 -12.93
N LEU A 200 -24.90 -17.82 -13.03
CA LEU A 200 -24.40 -16.42 -12.87
C LEU A 200 -25.14 -15.74 -11.71
N GLY A 201 -25.95 -16.48 -10.95
CA GLY A 201 -26.69 -15.90 -9.82
C GLY A 201 -27.89 -15.11 -10.33
N ASP A 202 -28.32 -14.09 -9.60
CA ASP A 202 -29.49 -13.29 -10.04
C ASP A 202 -28.99 -12.26 -11.07
N ALA A 203 -28.77 -12.72 -12.31
CA ALA A 203 -28.27 -11.90 -13.43
C ALA A 203 -29.08 -10.61 -13.60
N GLY A 204 -30.42 -10.70 -13.52
CA GLY A 204 -31.30 -9.53 -13.67
C GLY A 204 -30.94 -8.39 -12.72
N ASP A 205 -31.03 -8.64 -11.41
CA ASP A 205 -30.74 -7.62 -10.38
C ASP A 205 -29.25 -7.23 -10.41
N LYS A 206 -28.38 -8.13 -10.87
CA LYS A 206 -26.92 -7.83 -10.89
C LYS A 206 -26.61 -6.84 -12.02
N ILE A 207 -27.35 -6.92 -13.13
CA ILE A 207 -27.18 -6.03 -14.33
C ILE A 207 -27.79 -4.65 -14.07
N PHE A 208 -28.98 -4.59 -13.47
CA PHE A 208 -29.68 -3.30 -13.19
C PHE A 208 -29.24 -2.71 -11.84
N GLY A 209 -28.51 -3.46 -11.02
CA GLY A 209 -28.02 -2.95 -9.72
C GLY A 209 -29.10 -2.92 -8.64
N THR A 210 -30.10 -3.80 -8.73
CA THR A 210 -31.20 -3.87 -7.72
C THR A 210 -30.96 -5.08 -6.82
N LYS A 211 -31.95 -5.45 -6.00
CA LYS A 211 -31.83 -6.62 -5.08
C LYS A 211 -33.22 -7.25 -4.89
N ASN B 2 2.28 -26.59 -44.51
CA ASN B 2 3.53 -26.01 -45.07
C ASN B 2 3.17 -24.77 -45.91
N ALA B 3 2.06 -24.84 -46.63
CA ALA B 3 1.58 -23.70 -47.48
C ALA B 3 0.88 -22.68 -46.57
N MET B 4 0.91 -21.40 -46.93
CA MET B 4 0.27 -20.34 -46.10
C MET B 4 -1.24 -20.60 -46.00
N LYS B 5 -1.77 -20.57 -44.77
CA LYS B 5 -3.21 -20.80 -44.52
C LYS B 5 -3.98 -19.51 -44.80
N ILE B 6 -4.96 -19.56 -45.71
CA ILE B 6 -5.80 -18.39 -46.10
C ILE B 6 -7.22 -18.64 -45.62
N VAL B 7 -7.86 -17.64 -45.01
CA VAL B 7 -9.25 -17.82 -44.52
C VAL B 7 -10.11 -16.66 -45.04
N GLU B 8 -10.92 -16.92 -46.06
CA GLU B 8 -11.81 -15.87 -46.63
C GLU B 8 -13.12 -15.98 -45.84
N VAL B 9 -13.35 -15.07 -44.90
CA VAL B 9 -14.59 -15.09 -44.06
C VAL B 9 -15.80 -14.88 -44.98
N LYS B 10 -16.66 -15.91 -45.08
CA LYS B 10 -17.87 -15.87 -45.96
C LYS B 10 -19.14 -15.77 -45.11
N HIS B 11 -19.02 -15.23 -43.90
CA HIS B 11 -20.20 -15.07 -43.01
C HIS B 11 -21.14 -14.05 -43.65
N PRO B 12 -22.46 -14.32 -43.69
CA PRO B 12 -23.43 -13.40 -44.30
C PRO B 12 -23.30 -11.92 -43.91
N LEU B 13 -23.01 -11.62 -42.63
CA LEU B 13 -22.88 -10.20 -42.18
C LEU B 13 -21.57 -9.60 -42.69
N VAL B 14 -20.50 -10.40 -42.76
CA VAL B 14 -19.19 -9.87 -43.24
C VAL B 14 -19.32 -9.54 -44.73
N LYS B 15 -19.98 -10.40 -45.51
CA LYS B 15 -20.17 -10.15 -46.97
C LYS B 15 -21.10 -8.95 -47.17
N HIS B 16 -22.16 -8.84 -46.37
CA HIS B 16 -23.12 -7.71 -46.48
C HIS B 16 -22.43 -6.37 -46.15
N LYS B 17 -21.76 -6.31 -45.00
CA LYS B 17 -21.09 -5.06 -44.56
C LYS B 17 -19.96 -4.70 -45.53
N LEU B 18 -19.27 -5.69 -46.11
CA LEU B 18 -18.17 -5.40 -47.07
C LEU B 18 -18.76 -4.82 -48.35
N GLY B 19 -19.91 -5.35 -48.78
CA GLY B 19 -20.60 -4.86 -50.00
C GLY B 19 -21.02 -3.42 -49.87
N LEU B 20 -21.42 -3.00 -48.66
CA LEU B 20 -21.86 -1.59 -48.41
C LEU B 20 -20.65 -0.67 -48.53
N MET B 21 -19.47 -1.15 -48.12
CA MET B 21 -18.22 -0.34 -48.18
C MET B 21 -17.81 -0.12 -49.64
N ARG B 22 -18.35 -0.91 -50.56
CA ARG B 22 -18.00 -0.76 -52.01
C ARG B 22 -18.83 0.36 -52.64
N GLU B 23 -19.93 0.78 -52.00
CA GLU B 23 -20.78 1.89 -52.54
C GLU B 23 -19.88 3.09 -52.86
N HIS B 24 -20.03 3.70 -54.05
CA HIS B 24 -19.17 4.86 -54.41
C HIS B 24 -19.63 6.11 -53.65
N ASP B 25 -20.93 6.17 -53.33
CA ASP B 25 -21.54 7.33 -52.62
C ASP B 25 -21.49 7.15 -51.10
N ILE B 26 -20.79 6.12 -50.60
CA ILE B 26 -20.73 5.91 -49.11
C ILE B 26 -20.00 7.08 -48.47
N SER B 27 -20.43 7.47 -47.26
CA SER B 27 -19.84 8.58 -46.48
C SER B 27 -18.64 8.09 -45.66
N THR B 28 -17.81 9.04 -45.22
CA THR B 28 -16.61 8.71 -44.39
C THR B 28 -17.10 8.10 -43.07
N LYS B 29 -18.16 8.67 -42.50
CA LYS B 29 -18.78 8.22 -41.22
C LYS B 29 -19.09 6.72 -41.31
N ARG B 30 -19.93 6.31 -42.27
CA ARG B 30 -20.33 4.88 -42.41
C ARG B 30 -19.16 4.02 -42.90
N PHE B 31 -18.26 4.55 -43.73
CA PHE B 31 -17.13 3.73 -44.21
C PHE B 31 -16.22 3.40 -43.01
N ARG B 32 -15.97 4.39 -42.15
CA ARG B 32 -15.11 4.20 -40.94
C ARG B 32 -15.78 3.21 -39.99
N GLU B 33 -17.09 3.32 -39.79
CA GLU B 33 -17.82 2.40 -38.87
C GLU B 33 -17.76 0.96 -39.40
N LEU B 34 -18.15 0.75 -40.67
CA LEU B 34 -18.13 -0.61 -41.28
C LEU B 34 -16.70 -1.19 -41.24
N ALA B 35 -15.69 -0.34 -41.40
CA ALA B 35 -14.28 -0.85 -41.36
C ALA B 35 -14.01 -1.48 -39.99
N SER B 36 -14.48 -0.84 -38.92
CA SER B 36 -14.28 -1.37 -37.53
C SER B 36 -15.13 -2.62 -37.33
N GLU B 37 -16.42 -2.54 -37.69
CA GLU B 37 -17.36 -3.69 -37.53
C GLU B 37 -16.77 -4.92 -38.22
N VAL B 38 -16.45 -4.82 -39.52
CA VAL B 38 -15.86 -5.96 -40.27
C VAL B 38 -14.55 -6.38 -39.59
N GLY B 39 -13.80 -5.42 -39.03
CA GLY B 39 -12.53 -5.72 -38.36
C GLY B 39 -12.71 -6.54 -37.09
N SER B 40 -13.81 -6.31 -36.36
CA SER B 40 -14.10 -7.06 -35.10
C SER B 40 -14.50 -8.50 -35.45
N LEU B 41 -15.20 -8.68 -36.56
CA LEU B 41 -15.65 -10.02 -37.01
C LEU B 41 -14.44 -10.83 -37.46
N LEU B 42 -13.46 -10.18 -38.10
CA LEU B 42 -12.23 -10.88 -38.56
C LEU B 42 -11.41 -11.29 -37.33
N THR B 43 -11.42 -10.47 -36.28
CA THR B 43 -10.68 -10.74 -35.02
C THR B 43 -11.29 -11.98 -34.33
N TYR B 44 -12.62 -12.11 -34.36
CA TYR B 44 -13.30 -13.27 -33.72
C TYR B 44 -12.90 -14.54 -34.48
N GLU B 45 -12.74 -14.44 -35.80
CA GLU B 45 -12.34 -15.58 -36.66
C GLU B 45 -10.87 -15.95 -36.40
N ALA B 46 -10.01 -14.93 -36.25
CA ALA B 46 -8.56 -15.13 -36.03
C ALA B 46 -8.25 -15.56 -34.59
N THR B 47 -9.21 -15.48 -33.68
CA THR B 47 -8.97 -15.88 -32.26
C THR B 47 -9.71 -17.18 -31.90
N ALA B 48 -10.22 -17.91 -32.90
CA ALA B 48 -10.96 -19.16 -32.64
C ALA B 48 -10.01 -20.27 -32.16
N ASP B 49 -8.71 -20.17 -32.48
CA ASP B 49 -7.74 -21.23 -32.09
C ASP B 49 -6.94 -20.86 -30.82
N LEU B 50 -7.28 -19.77 -30.13
CA LEU B 50 -6.51 -19.40 -28.91
C LEU B 50 -6.56 -20.56 -27.91
N GLU B 51 -5.42 -20.89 -27.28
CA GLU B 51 -5.38 -22.00 -26.29
C GLU B 51 -5.92 -21.49 -24.95
N THR B 52 -6.69 -22.34 -24.26
CA THR B 52 -7.29 -21.99 -22.95
C THR B 52 -6.74 -22.93 -21.88
N GLU B 53 -7.04 -22.66 -20.61
CA GLU B 53 -6.58 -23.52 -19.48
C GLU B 53 -7.60 -23.42 -18.34
N LYS B 54 -7.91 -24.56 -17.72
CA LYS B 54 -8.88 -24.62 -16.58
C LYS B 54 -8.28 -23.90 -15.37
N VAL B 55 -9.10 -23.14 -14.65
CA VAL B 55 -8.68 -22.39 -13.44
C VAL B 55 -9.88 -22.32 -12.51
N THR B 56 -9.66 -22.49 -11.21
CA THR B 56 -10.78 -22.46 -10.21
C THR B 56 -10.84 -21.06 -9.57
N ILE B 57 -12.02 -20.44 -9.60
CA ILE B 57 -12.27 -19.09 -9.02
C ILE B 57 -13.50 -19.21 -8.12
N GLU B 58 -13.75 -18.22 -7.25
CA GLU B 58 -14.92 -18.29 -6.34
C GLU B 58 -16.16 -17.81 -7.12
N GLY B 59 -17.09 -18.74 -7.40
CA GLY B 59 -18.31 -18.44 -8.17
C GLY B 59 -19.46 -17.96 -7.29
N TRP B 60 -20.60 -17.67 -7.91
CA TRP B 60 -21.81 -17.19 -7.20
C TRP B 60 -22.37 -18.28 -6.27
N ASN B 61 -21.99 -19.54 -6.50
CA ASN B 61 -22.48 -20.67 -5.66
C ASN B 61 -21.27 -21.48 -5.18
N GLY B 62 -20.19 -20.79 -4.82
CA GLY B 62 -18.95 -21.46 -4.34
C GLY B 62 -17.95 -21.68 -5.47
N PRO B 63 -16.87 -22.46 -5.23
CA PRO B 63 -15.85 -22.72 -6.25
C PRO B 63 -16.40 -23.23 -7.58
N VAL B 64 -15.90 -22.68 -8.67
CA VAL B 64 -16.32 -23.06 -10.06
C VAL B 64 -15.07 -23.06 -10.95
N GLU B 65 -14.98 -24.04 -11.85
CA GLU B 65 -13.82 -24.18 -12.76
C GLU B 65 -14.16 -23.51 -14.10
N VAL B 66 -13.49 -22.40 -14.41
CA VAL B 66 -13.70 -21.63 -15.67
C VAL B 66 -12.45 -21.78 -16.55
N GLU B 67 -12.49 -21.20 -17.75
CA GLU B 67 -11.35 -21.26 -18.70
C GLU B 67 -10.81 -19.84 -18.95
N GLN B 68 -9.49 -19.71 -19.11
CA GLN B 68 -8.88 -18.39 -19.37
C GLN B 68 -7.81 -18.57 -20.47
N ILE B 69 -7.67 -17.56 -21.32
CA ILE B 69 -6.69 -17.59 -22.45
C ILE B 69 -5.28 -17.72 -21.88
N LYS B 70 -4.51 -18.66 -22.41
CA LYS B 70 -3.12 -18.97 -21.95
C LYS B 70 -2.12 -18.06 -22.69
N GLY B 71 -0.96 -17.82 -22.07
CA GLY B 71 0.13 -16.99 -22.65
C GLY B 71 -0.05 -15.51 -22.38
N LYS B 72 0.92 -14.69 -22.83
CA LYS B 72 0.86 -13.22 -22.65
C LYS B 72 -0.23 -12.62 -23.53
N LYS B 73 -0.52 -11.33 -23.34
CA LYS B 73 -1.57 -10.61 -24.11
C LYS B 73 -1.14 -10.43 -25.57
N ILE B 74 -2.12 -10.55 -26.46
CA ILE B 74 -1.97 -10.39 -27.94
C ILE B 74 -1.51 -8.96 -28.23
N THR B 75 -0.82 -8.76 -29.36
CA THR B 75 -0.38 -7.40 -29.77
C THR B 75 -1.05 -7.06 -31.11
N VAL B 76 -1.70 -5.90 -31.19
CA VAL B 76 -2.36 -5.46 -32.45
C VAL B 76 -1.31 -4.60 -33.18
N VAL B 77 -1.07 -4.86 -34.46
CA VAL B 77 -0.03 -4.07 -35.20
C VAL B 77 -0.69 -3.31 -36.34
N PRO B 78 -1.20 -2.08 -36.11
CA PRO B 78 -1.79 -1.28 -37.17
C PRO B 78 -0.69 -0.63 -38.02
N ILE B 79 -0.85 -0.63 -39.35
CA ILE B 79 0.16 -0.03 -40.26
C ILE B 79 -0.30 1.40 -40.59
N LEU B 80 0.51 2.41 -40.25
CA LEU B 80 0.14 3.81 -40.55
C LEU B 80 -0.08 3.93 -42.06
N ARG B 81 -1.14 4.63 -42.48
CA ARG B 81 -2.10 5.29 -41.61
C ARG B 81 -3.40 4.49 -41.52
N ALA B 82 -3.88 3.98 -42.65
CA ALA B 82 -5.15 3.21 -42.79
C ALA B 82 -5.30 2.14 -41.70
N GLY B 83 -4.21 1.53 -41.25
CA GLY B 83 -4.30 0.48 -40.21
C GLY B 83 -4.99 0.96 -38.93
N LEU B 84 -4.83 2.25 -38.60
CA LEU B 84 -5.45 2.83 -37.39
C LEU B 84 -6.97 2.80 -37.50
N GLY B 85 -7.50 2.70 -38.73
CA GLY B 85 -8.96 2.68 -38.98
C GLY B 85 -9.63 1.37 -38.62
N MET B 86 -8.85 0.32 -38.37
CA MET B 86 -9.42 -1.01 -38.00
C MET B 86 -9.04 -1.37 -36.56
N MET B 87 -8.18 -0.55 -35.96
CA MET B 87 -7.69 -0.77 -34.58
C MET B 87 -8.86 -0.84 -33.59
N GLU B 88 -9.82 0.10 -33.70
CA GLU B 88 -11.00 0.13 -32.79
C GLU B 88 -11.74 -1.20 -32.82
N GLY B 89 -12.04 -1.71 -34.01
CA GLY B 89 -12.78 -2.98 -34.19
C GLY B 89 -12.04 -4.18 -33.61
N VAL B 90 -10.72 -4.21 -33.74
CA VAL B 90 -9.91 -5.35 -33.22
C VAL B 90 -9.88 -5.29 -31.68
N LEU B 91 -9.71 -4.09 -31.11
CA LEU B 91 -9.64 -3.92 -29.63
C LEU B 91 -11.01 -4.14 -28.99
N GLU B 92 -12.06 -4.27 -29.80
CA GLU B 92 -13.43 -4.45 -29.25
C GLU B 92 -13.54 -5.78 -28.50
N HIS B 93 -13.00 -6.87 -29.06
CA HIS B 93 -13.11 -8.20 -28.39
C HIS B 93 -11.82 -8.51 -27.61
N VAL B 94 -10.74 -7.77 -27.86
CA VAL B 94 -9.45 -7.97 -27.12
C VAL B 94 -9.00 -6.60 -26.62
N PRO B 95 -9.76 -5.97 -25.70
CA PRO B 95 -9.42 -4.64 -25.19
C PRO B 95 -8.08 -4.53 -24.45
N SER B 96 -7.56 -5.64 -23.93
CA SER B 96 -6.27 -5.61 -23.19
C SER B 96 -5.09 -5.73 -24.18
N ALA B 97 -5.39 -5.98 -25.45
CA ALA B 97 -4.34 -6.13 -26.50
C ALA B 97 -3.37 -4.94 -26.47
N ARG B 98 -2.09 -5.25 -26.65
CA ARG B 98 -0.98 -4.26 -26.69
C ARG B 98 -0.89 -3.73 -28.12
N ILE B 99 -0.90 -2.40 -28.29
CA ILE B 99 -0.87 -1.80 -29.67
C ILE B 99 0.57 -1.46 -30.07
N SER B 100 1.04 -2.09 -31.16
CA SER B 100 2.40 -1.87 -31.72
C SER B 100 2.26 -1.13 -33.06
N VAL B 101 2.34 0.20 -33.04
CA VAL B 101 2.19 1.00 -34.29
C VAL B 101 3.46 0.87 -35.14
N VAL B 102 3.30 0.69 -36.45
CA VAL B 102 4.44 0.55 -37.39
C VAL B 102 4.19 1.39 -38.64
N GLY B 103 5.20 2.16 -39.07
CA GLY B 103 5.11 3.01 -40.28
C GLY B 103 6.14 2.56 -41.30
N ILE B 104 5.69 2.15 -42.49
CA ILE B 104 6.61 1.69 -43.58
C ILE B 104 6.72 2.75 -44.67
N TYR B 105 7.95 3.02 -45.12
CA TYR B 105 8.22 3.98 -46.22
C TYR B 105 8.53 3.19 -47.50
N ARG B 106 7.68 3.33 -48.52
CA ARG B 106 7.89 2.59 -49.79
C ARG B 106 8.93 3.35 -50.63
N ASN B 107 10.16 2.85 -50.66
CA ASN B 107 11.29 3.47 -51.41
C ASN B 107 11.16 3.11 -52.90
N GLU B 112 13.71 -1.36 -51.97
CA GLU B 112 12.91 -2.14 -50.98
C GLU B 112 12.36 -1.20 -49.93
N PRO B 113 11.15 -1.48 -49.36
CA PRO B 113 10.55 -0.61 -48.35
C PRO B 113 11.31 -0.67 -47.00
N VAL B 114 11.37 0.45 -46.30
CA VAL B 114 12.06 0.54 -44.97
C VAL B 114 11.14 1.18 -43.94
N PRO B 115 11.13 0.72 -42.68
CA PRO B 115 10.29 1.30 -41.64
C PRO B 115 10.79 2.69 -41.21
N TYR B 116 9.88 3.66 -41.06
CA TYR B 116 10.27 5.04 -40.65
C TYR B 116 9.83 5.26 -39.19
N PHE B 117 8.89 4.46 -38.71
CA PHE B 117 8.40 4.58 -37.31
C PHE B 117 8.02 3.21 -36.76
N GLN B 118 8.39 2.94 -35.50
CA GLN B 118 8.05 1.65 -34.86
C GLN B 118 8.14 1.80 -33.33
N LYS B 119 7.14 1.26 -32.64
CA LYS B 119 7.06 1.22 -31.15
C LYS B 119 6.35 -0.09 -30.82
N LEU B 120 7.12 -1.16 -30.89
CA LEU B 120 6.61 -2.54 -30.62
C LEU B 120 6.49 -2.76 -29.12
N VAL B 121 5.60 -3.68 -28.74
CA VAL B 121 5.39 -4.04 -27.31
C VAL B 121 6.62 -4.83 -26.87
N SER B 122 6.83 -4.98 -25.55
CA SER B 122 7.98 -5.75 -25.02
C SER B 122 7.66 -7.25 -25.10
N ASN B 123 8.71 -8.10 -25.08
CA ASN B 123 8.55 -9.58 -25.12
C ASN B 123 7.60 -10.00 -26.25
N ILE B 124 7.80 -9.46 -27.46
CA ILE B 124 6.90 -9.81 -28.60
C ILE B 124 7.17 -11.25 -29.05
N ASP B 125 8.28 -11.85 -28.60
CA ASP B 125 8.64 -13.25 -28.98
C ASP B 125 7.77 -14.22 -28.18
N GLU B 126 6.97 -13.72 -27.25
CA GLU B 126 6.08 -14.54 -26.39
C GLU B 126 4.62 -14.13 -26.62
N ARG B 127 4.33 -13.52 -27.78
CA ARG B 127 2.95 -13.06 -28.05
C ARG B 127 2.54 -13.34 -29.50
N MET B 128 1.22 -13.37 -29.73
CA MET B 128 0.67 -13.56 -31.08
C MET B 128 0.46 -12.13 -31.61
N ALA B 129 0.81 -11.86 -32.87
CA ALA B 129 0.63 -10.50 -33.41
C ALA B 129 -0.47 -10.47 -34.47
N LEU B 130 -1.43 -9.55 -34.32
CA LEU B 130 -2.51 -9.38 -35.32
C LEU B 130 -2.16 -8.12 -36.12
N VAL B 131 -1.58 -8.30 -37.31
CA VAL B 131 -1.20 -7.13 -38.16
C VAL B 131 -2.48 -6.71 -38.89
N VAL B 132 -2.89 -5.45 -38.74
CA VAL B 132 -4.15 -5.00 -39.41
C VAL B 132 -3.86 -3.87 -40.40
N ASP B 133 -4.51 -3.96 -41.56
CA ASP B 133 -4.38 -2.96 -42.65
C ASP B 133 -5.60 -3.22 -43.53
N PRO B 134 -6.36 -2.20 -43.99
CA PRO B 134 -7.55 -2.44 -44.81
C PRO B 134 -7.33 -3.22 -46.11
N MET B 135 -6.19 -3.05 -46.77
CA MET B 135 -5.97 -3.71 -48.07
C MET B 135 -4.59 -4.37 -48.18
N LEU B 136 -4.55 -5.47 -48.94
CA LEU B 136 -3.33 -6.25 -49.26
C LEU B 136 -3.22 -6.29 -50.78
N ALA B 137 -2.64 -5.23 -51.39
CA ALA B 137 -2.50 -5.13 -52.86
C ALA B 137 -1.31 -5.88 -53.48
N THR B 138 -0.09 -5.37 -53.27
CA THR B 138 1.16 -6.05 -53.71
C THR B 138 1.76 -6.84 -52.54
N GLY B 139 1.50 -6.39 -51.31
CA GLY B 139 2.01 -7.06 -50.10
C GLY B 139 3.32 -6.43 -49.61
N GLY B 140 3.80 -5.39 -50.29
CA GLY B 140 5.05 -4.70 -49.91
C GLY B 140 5.06 -4.22 -48.46
N SER B 141 4.06 -3.42 -48.06
CA SER B 141 3.99 -2.89 -46.68
C SER B 141 3.81 -4.03 -45.66
N MET B 142 2.91 -4.96 -45.96
CA MET B 142 2.63 -6.09 -45.03
C MET B 142 3.90 -6.92 -44.84
N ILE B 143 4.53 -7.36 -45.94
CA ILE B 143 5.78 -8.18 -45.87
C ILE B 143 6.84 -7.42 -45.06
N ALA B 144 7.02 -6.12 -45.31
CA ALA B 144 8.03 -5.31 -44.58
C ALA B 144 7.68 -5.27 -43.08
N THR B 145 6.39 -5.11 -42.77
CA THR B 145 5.92 -5.06 -41.36
C THR B 145 6.22 -6.40 -40.67
N ILE B 146 6.02 -7.51 -41.37
CA ILE B 146 6.28 -8.87 -40.80
C ILE B 146 7.80 -9.07 -40.64
N ASP B 147 8.61 -8.67 -41.64
CA ASP B 147 10.08 -8.80 -41.51
C ASP B 147 10.53 -8.16 -40.20
N LEU B 148 10.01 -6.96 -39.93
CA LEU B 148 10.31 -6.14 -38.72
C LEU B 148 9.87 -6.92 -37.46
N LEU B 149 8.66 -7.49 -37.48
CA LEU B 149 8.16 -8.26 -36.31
C LEU B 149 9.03 -9.49 -36.05
N LYS B 150 9.43 -10.21 -37.10
CA LYS B 150 10.27 -11.42 -36.91
C LYS B 150 11.65 -11.04 -36.37
N ASN B 151 12.25 -9.95 -36.86
CA ASN B 151 13.57 -9.52 -36.36
C ASN B 151 13.46 -9.25 -34.86
N ALA B 152 12.28 -8.82 -34.40
CA ALA B 152 12.02 -8.53 -32.97
C ALA B 152 11.83 -9.84 -32.19
N GLY B 153 11.69 -10.98 -32.89
CA GLY B 153 11.54 -12.29 -32.26
C GLY B 153 10.14 -12.88 -32.29
N CYS B 154 9.14 -12.21 -32.91
CA CYS B 154 7.76 -12.77 -32.94
C CYS B 154 7.72 -13.97 -33.89
N THR B 155 7.07 -15.07 -33.47
CA THR B 155 6.99 -16.30 -34.30
C THR B 155 5.53 -16.74 -34.52
N SER B 156 4.57 -15.99 -33.97
CA SER B 156 3.13 -16.32 -34.14
C SER B 156 2.45 -15.08 -34.73
N ILE B 157 2.22 -15.09 -36.05
CA ILE B 157 1.63 -13.89 -36.71
C ILE B 157 0.38 -14.26 -37.54
N LYS B 158 -0.60 -13.37 -37.48
CA LYS B 158 -1.88 -13.47 -38.24
C LYS B 158 -2.08 -12.11 -38.91
N VAL B 159 -2.57 -12.10 -40.14
CA VAL B 159 -2.81 -10.84 -40.92
C VAL B 159 -4.32 -10.66 -41.12
N LEU B 160 -4.85 -9.51 -40.73
CA LEU B 160 -6.30 -9.21 -40.90
C LEU B 160 -6.43 -8.07 -41.90
N VAL B 161 -7.13 -8.31 -43.02
CA VAL B 161 -7.32 -7.25 -44.06
C VAL B 161 -8.77 -7.34 -44.56
N LEU B 162 -9.33 -6.22 -45.02
CA LEU B 162 -10.72 -6.22 -45.55
C LEU B 162 -10.72 -6.91 -46.91
N VAL B 163 -9.91 -6.41 -47.85
CA VAL B 163 -9.82 -7.00 -49.22
C VAL B 163 -8.37 -7.37 -49.53
N ALA B 164 -8.17 -8.38 -50.38
CA ALA B 164 -6.81 -8.83 -50.77
C ALA B 164 -6.79 -9.24 -52.23
N ALA B 165 -5.69 -8.95 -52.93
CA ALA B 165 -5.52 -9.31 -54.36
C ALA B 165 -4.65 -10.55 -54.44
N PRO B 166 -4.85 -11.44 -55.44
CA PRO B 166 -4.03 -12.65 -55.59
C PRO B 166 -2.53 -12.33 -55.59
N GLU B 167 -2.11 -11.24 -56.26
CA GLU B 167 -0.68 -10.86 -56.30
C GLU B 167 -0.15 -10.72 -54.86
N GLY B 168 -0.85 -9.92 -54.03
CA GLY B 168 -0.47 -9.70 -52.62
C GLY B 168 -0.42 -10.99 -51.84
N ILE B 169 -1.42 -11.86 -52.05
CA ILE B 169 -1.50 -13.18 -51.35
C ILE B 169 -0.28 -14.03 -51.74
N ALA B 170 0.04 -14.07 -53.04
CA ALA B 170 1.20 -14.85 -53.53
C ALA B 170 2.52 -14.30 -52.98
N ALA B 171 2.63 -12.96 -52.92
CA ALA B 171 3.87 -12.31 -52.41
C ALA B 171 4.06 -12.64 -50.93
N LEU B 172 2.98 -12.51 -50.15
CA LEU B 172 3.00 -12.79 -48.68
C LEU B 172 3.29 -14.27 -48.43
N GLU B 173 2.69 -15.15 -49.22
CA GLU B 173 2.88 -16.62 -49.07
C GLU B 173 4.34 -17.00 -49.31
N LYS B 174 4.96 -16.42 -50.35
CA LYS B 174 6.37 -16.73 -50.68
C LYS B 174 7.31 -16.14 -49.63
N ALA B 175 7.00 -14.94 -49.11
CA ALA B 175 7.86 -14.26 -48.11
C ALA B 175 7.67 -14.84 -46.71
N HIS B 176 6.42 -15.13 -46.31
CA HIS B 176 6.17 -15.65 -44.94
C HIS B 176 5.07 -16.71 -44.94
N PRO B 177 5.37 -17.97 -45.33
CA PRO B 177 4.35 -19.02 -45.33
C PRO B 177 3.81 -19.41 -43.94
N ASP B 178 4.54 -19.11 -42.86
CA ASP B 178 4.06 -19.47 -41.48
C ASP B 178 3.00 -18.46 -41.00
N VAL B 179 2.75 -17.41 -41.78
CA VAL B 179 1.72 -16.38 -41.42
C VAL B 179 0.34 -16.93 -41.79
N GLU B 180 -0.71 -16.50 -41.10
CA GLU B 180 -2.08 -16.96 -41.43
C GLU B 180 -2.88 -15.72 -41.85
N LEU B 181 -3.45 -15.74 -43.05
CA LEU B 181 -4.21 -14.59 -43.58
C LEU B 181 -5.72 -14.76 -43.40
N TYR B 182 -6.36 -13.69 -42.93
CA TYR B 182 -7.83 -13.60 -42.72
C TYR B 182 -8.32 -12.38 -43.49
N THR B 183 -9.17 -12.58 -44.49
CA THR B 183 -9.68 -11.44 -45.31
C THR B 183 -11.19 -11.57 -45.51
N ALA B 184 -11.87 -10.45 -45.70
CA ALA B 184 -13.33 -10.47 -45.94
C ALA B 184 -13.57 -10.78 -47.42
N SER B 185 -12.54 -10.64 -48.25
CA SER B 185 -12.71 -10.93 -49.69
C SER B 185 -11.38 -11.07 -50.44
N VAL B 186 -11.34 -12.02 -51.37
CA VAL B 186 -10.18 -12.28 -52.27
C VAL B 186 -10.63 -11.69 -53.60
N ASP B 187 -10.20 -10.46 -53.92
CA ASP B 187 -10.62 -9.79 -55.18
C ASP B 187 -9.99 -10.46 -56.41
N LYS B 188 -10.20 -9.85 -57.58
CA LYS B 188 -9.76 -10.38 -58.89
C LYS B 188 -8.30 -10.02 -59.20
N GLY B 189 -7.85 -8.80 -58.87
CA GLY B 189 -6.44 -8.46 -59.18
C GLY B 189 -6.11 -7.00 -58.87
N LEU B 190 -5.19 -6.44 -59.68
CA LEU B 190 -4.74 -5.02 -59.52
C LEU B 190 -4.83 -4.29 -60.86
N ASN B 191 -4.93 -2.96 -60.82
CA ASN B 191 -4.97 -2.13 -62.06
C ASN B 191 -3.52 -1.69 -62.35
N GLU B 192 -3.30 -0.82 -63.34
CA GLU B 192 -1.91 -0.41 -63.66
C GLU B 192 -1.33 0.50 -62.55
N HIS B 193 -2.14 0.90 -61.57
CA HIS B 193 -1.64 1.78 -60.49
C HIS B 193 -1.46 1.01 -59.17
N GLY B 194 -1.61 -0.31 -59.18
CA GLY B 194 -1.42 -1.12 -57.96
C GLY B 194 -2.64 -1.16 -57.05
N TYR B 195 -3.74 -0.50 -57.43
CA TYR B 195 -4.97 -0.54 -56.59
C TYR B 195 -5.67 -1.88 -56.79
N ILE B 196 -6.42 -2.34 -55.77
CA ILE B 196 -7.16 -3.63 -55.84
C ILE B 196 -8.48 -3.40 -56.59
N ILE B 197 -8.86 -4.34 -57.46
CA ILE B 197 -10.12 -4.28 -58.26
C ILE B 197 -10.91 -5.57 -58.02
N PRO B 198 -12.22 -5.52 -57.68
CA PRO B 198 -12.96 -4.26 -57.53
C PRO B 198 -12.40 -3.32 -56.45
N GLY B 199 -11.89 -3.91 -55.35
CA GLY B 199 -11.29 -3.15 -54.23
C GLY B 199 -12.24 -2.20 -53.53
N LEU B 200 -11.68 -1.25 -52.77
CA LEU B 200 -12.43 -0.24 -51.99
C LEU B 200 -11.92 1.16 -52.32
N GLY B 201 -11.03 1.29 -53.32
CA GLY B 201 -10.47 2.61 -53.66
C GLY B 201 -9.45 3.05 -52.63
N ASP B 202 -9.27 4.36 -52.45
CA ASP B 202 -8.28 4.84 -51.45
C ASP B 202 -8.95 4.71 -50.06
N ALA B 203 -8.82 3.53 -49.45
CA ALA B 203 -9.41 3.19 -48.13
C ALA B 203 -8.98 4.19 -47.05
N GLY B 204 -7.68 4.49 -46.98
CA GLY B 204 -7.16 5.44 -45.98
C GLY B 204 -7.89 6.77 -46.02
N ASP B 205 -7.91 7.41 -47.19
CA ASP B 205 -8.58 8.72 -47.37
C ASP B 205 -10.09 8.61 -47.09
N LYS B 206 -10.70 7.47 -47.40
CA LYS B 206 -12.16 7.30 -47.21
C LYS B 206 -12.49 7.11 -45.73
N ILE B 207 -11.57 6.54 -44.98
CA ILE B 207 -11.74 6.31 -43.51
C ILE B 207 -11.56 7.63 -42.74
N PHE B 208 -10.48 8.36 -43.02
CA PHE B 208 -10.16 9.63 -42.32
C PHE B 208 -10.84 10.84 -42.98
N GLY B 209 -11.28 10.72 -44.23
CA GLY B 209 -11.95 11.84 -44.92
C GLY B 209 -10.98 12.89 -45.40
N THR B 210 -9.90 12.47 -46.08
CA THR B 210 -8.86 13.38 -46.63
C THR B 210 -8.70 13.07 -48.12
N LYS B 211 -8.96 14.04 -49.00
CA LYS B 211 -8.82 13.78 -50.46
C LYS B 211 -7.33 13.66 -50.82
N ASN C 2 -4.55 40.50 -26.75
CA ASN C 2 -5.45 39.64 -25.91
C ASN C 2 -4.69 38.38 -25.48
N ALA C 3 -4.94 37.93 -24.24
CA ALA C 3 -4.30 36.72 -23.68
C ALA C 3 -4.99 35.47 -24.24
N MET C 4 -4.35 34.31 -24.12
CA MET C 4 -4.93 33.04 -24.62
C MET C 4 -6.14 32.67 -23.74
N LYS C 5 -7.26 32.34 -24.37
CA LYS C 5 -8.51 31.99 -23.64
C LYS C 5 -8.31 30.57 -23.10
N ILE C 6 -8.21 30.41 -21.78
CA ILE C 6 -7.99 29.08 -21.13
C ILE C 6 -9.27 28.66 -20.39
N VAL C 7 -9.61 27.37 -20.45
CA VAL C 7 -10.83 26.84 -19.77
C VAL C 7 -10.48 25.51 -19.09
N GLU C 8 -10.53 25.49 -17.75
CA GLU C 8 -10.27 24.28 -16.94
C GLU C 8 -11.64 23.75 -16.53
N VAL C 9 -12.05 22.64 -17.13
CA VAL C 9 -13.39 22.01 -16.88
C VAL C 9 -13.46 21.44 -15.45
N LYS C 10 -14.25 22.06 -14.57
CA LYS C 10 -14.43 21.60 -13.16
C LYS C 10 -15.65 20.67 -13.00
N HIS C 11 -16.34 20.30 -14.09
CA HIS C 11 -17.53 19.41 -13.94
C HIS C 11 -17.15 18.23 -13.05
N PRO C 12 -17.93 17.90 -11.99
CA PRO C 12 -17.60 16.79 -11.10
C PRO C 12 -17.28 15.46 -11.79
N LEU C 13 -17.98 15.11 -12.87
CA LEU C 13 -17.68 13.83 -13.58
C LEU C 13 -16.30 13.91 -14.23
N VAL C 14 -15.91 15.10 -14.71
CA VAL C 14 -14.57 15.26 -15.36
C VAL C 14 -13.50 15.11 -14.27
N LYS C 15 -13.71 15.72 -13.09
CA LYS C 15 -12.73 15.63 -11.98
C LYS C 15 -12.63 14.17 -11.52
N HIS C 16 -13.79 13.54 -11.28
CA HIS C 16 -13.84 12.12 -10.83
C HIS C 16 -13.09 11.20 -11.81
N LYS C 17 -13.45 11.26 -13.10
CA LYS C 17 -12.84 10.40 -14.15
C LYS C 17 -11.34 10.72 -14.28
N LEU C 18 -10.94 11.98 -14.15
CA LEU C 18 -9.50 12.32 -14.25
C LEU C 18 -8.78 11.71 -13.03
N GLY C 19 -9.43 11.74 -11.87
CA GLY C 19 -8.87 11.19 -10.63
C GLY C 19 -8.60 9.70 -10.76
N LEU C 20 -9.46 8.99 -11.48
CA LEU C 20 -9.31 7.52 -11.70
C LEU C 20 -8.09 7.26 -12.59
N MET C 21 -7.86 8.14 -13.57
CA MET C 21 -6.72 7.99 -14.51
C MET C 21 -5.39 8.23 -13.79
N ARG C 22 -5.41 8.87 -12.62
CA ARG C 22 -4.15 9.12 -11.88
C ARG C 22 -3.72 7.91 -11.05
N GLU C 23 -4.61 6.94 -10.78
CA GLU C 23 -4.24 5.75 -9.97
C GLU C 23 -3.10 5.05 -10.73
N HIS C 24 -1.95 4.85 -10.07
CA HIS C 24 -0.73 4.26 -10.70
C HIS C 24 -0.93 2.82 -11.19
N ASP C 25 -1.80 2.04 -10.55
CA ASP C 25 -2.04 0.63 -10.94
C ASP C 25 -3.20 0.51 -11.93
N ILE C 26 -3.67 1.62 -12.52
CA ILE C 26 -4.81 1.53 -13.48
C ILE C 26 -4.36 0.67 -14.68
N SER C 27 -5.26 -0.16 -15.20
CA SER C 27 -4.93 -1.03 -16.36
C SER C 27 -4.93 -0.19 -17.65
N THR C 28 -4.29 -0.72 -18.69
CA THR C 28 -4.22 -0.05 -20.01
C THR C 28 -5.64 0.10 -20.55
N LYS C 29 -6.46 -0.93 -20.35
CA LYS C 29 -7.88 -0.96 -20.82
C LYS C 29 -8.67 0.22 -20.26
N ARG C 30 -8.77 0.35 -18.92
CA ARG C 30 -9.56 1.46 -18.34
C ARG C 30 -8.90 2.82 -18.57
N PHE C 31 -7.57 2.88 -18.67
CA PHE C 31 -6.90 4.19 -18.89
C PHE C 31 -7.33 4.70 -20.28
N ARG C 32 -7.39 3.80 -21.26
CA ARG C 32 -7.79 4.16 -22.64
C ARG C 32 -9.27 4.56 -22.68
N GLU C 33 -10.13 3.82 -21.96
CA GLU C 33 -11.58 4.13 -21.92
C GLU C 33 -11.83 5.50 -21.30
N LEU C 34 -11.19 5.79 -20.16
CA LEU C 34 -11.36 7.11 -19.48
C LEU C 34 -10.75 8.23 -20.34
N ALA C 35 -9.67 7.95 -21.07
CA ALA C 35 -9.04 8.97 -21.93
C ALA C 35 -10.05 9.40 -23.01
N SER C 36 -10.78 8.44 -23.58
CA SER C 36 -11.79 8.71 -24.64
C SER C 36 -13.01 9.42 -24.03
N GLU C 37 -13.49 8.94 -22.88
CA GLU C 37 -14.69 9.55 -22.24
C GLU C 37 -14.39 10.99 -21.83
N VAL C 38 -13.31 11.21 -21.07
CA VAL C 38 -12.95 12.60 -20.65
C VAL C 38 -12.76 13.43 -21.92
N GLY C 39 -12.40 12.78 -23.03
CA GLY C 39 -12.20 13.48 -24.32
C GLY C 39 -13.52 13.96 -24.89
N SER C 40 -14.60 13.18 -24.70
CA SER C 40 -15.94 13.55 -25.23
C SER C 40 -16.53 14.69 -24.39
N LEU C 41 -16.27 14.67 -23.07
CA LEU C 41 -16.78 15.73 -22.15
C LEU C 41 -16.04 17.04 -22.45
N LEU C 42 -14.76 16.97 -22.85
CA LEU C 42 -14.00 18.21 -23.19
C LEU C 42 -14.49 18.73 -24.54
N THR C 43 -14.93 17.82 -25.42
CA THR C 43 -15.44 18.20 -26.76
C THR C 43 -16.74 19.00 -26.60
N TYR C 44 -17.61 18.58 -25.69
CA TYR C 44 -18.90 19.27 -25.44
C TYR C 44 -18.60 20.68 -24.92
N GLU C 45 -17.69 20.79 -23.96
CA GLU C 45 -17.28 22.10 -23.37
C GLU C 45 -16.70 23.01 -24.45
N ALA C 46 -15.84 22.46 -25.33
CA ALA C 46 -15.16 23.23 -26.40
C ALA C 46 -16.10 23.57 -27.56
N THR C 47 -17.24 22.90 -27.71
CA THR C 47 -18.16 23.19 -28.85
C THR C 47 -19.39 23.98 -28.38
N ALA C 48 -19.34 24.58 -27.19
CA ALA C 48 -20.50 25.34 -26.67
C ALA C 48 -20.65 26.68 -27.39
N ASP C 49 -19.59 27.17 -28.06
CA ASP C 49 -19.64 28.48 -28.77
C ASP C 49 -19.75 28.29 -30.29
N LEU C 50 -20.05 27.09 -30.78
CA LEU C 50 -20.16 26.90 -32.26
C LEU C 50 -21.30 27.78 -32.80
N GLU C 51 -21.11 28.36 -33.98
CA GLU C 51 -22.15 29.22 -34.61
C GLU C 51 -23.17 28.34 -35.31
N THR C 52 -24.45 28.64 -35.11
CA THR C 52 -25.56 27.89 -35.75
C THR C 52 -26.32 28.83 -36.68
N GLU C 53 -27.15 28.26 -37.56
CA GLU C 53 -27.97 29.06 -38.51
C GLU C 53 -29.35 28.40 -38.59
N LYS C 54 -30.40 29.21 -38.55
CA LYS C 54 -31.79 28.68 -38.60
C LYS C 54 -32.07 28.17 -40.02
N VAL C 55 -32.67 27.00 -40.13
CA VAL C 55 -33.01 26.36 -41.45
C VAL C 55 -34.37 25.66 -41.32
N THR C 56 -35.17 25.70 -42.39
CA THR C 56 -36.51 25.05 -42.40
C THR C 56 -36.41 23.66 -43.02
N ILE C 57 -36.92 22.64 -42.32
CA ILE C 57 -36.90 21.22 -42.81
C ILE C 57 -38.32 20.67 -42.65
N GLU C 58 -38.63 19.56 -43.31
CA GLU C 58 -39.99 18.96 -43.21
C GLU C 58 -40.05 18.05 -41.98
N GLY C 59 -40.77 18.49 -40.94
CA GLY C 59 -40.93 17.70 -39.71
C GLY C 59 -41.99 16.63 -39.89
N TRP C 60 -42.29 15.87 -38.85
CA TRP C 60 -43.29 14.78 -38.95
C TRP C 60 -44.70 15.38 -39.03
N ASN C 61 -44.89 16.60 -38.51
CA ASN C 61 -46.22 17.28 -38.51
C ASN C 61 -46.15 18.57 -39.32
N GLY C 62 -45.40 18.57 -40.43
CA GLY C 62 -45.30 19.77 -41.28
C GLY C 62 -43.96 20.48 -41.11
N PRO C 63 -43.74 21.61 -41.82
CA PRO C 63 -42.49 22.37 -41.74
C PRO C 63 -42.14 22.85 -40.32
N VAL C 64 -40.85 22.90 -40.01
CA VAL C 64 -40.35 23.35 -38.67
C VAL C 64 -38.96 23.96 -38.86
N GLU C 65 -38.66 25.03 -38.11
CA GLU C 65 -37.34 25.71 -38.21
C GLU C 65 -36.39 25.10 -37.17
N VAL C 66 -35.35 24.41 -37.65
CA VAL C 66 -34.33 23.77 -36.75
C VAL C 66 -33.02 24.55 -36.91
N GLU C 67 -32.06 24.31 -36.00
CA GLU C 67 -30.74 24.99 -36.06
C GLU C 67 -29.70 23.98 -36.51
N GLN C 68 -28.71 24.42 -37.28
CA GLN C 68 -27.63 23.50 -37.74
C GLN C 68 -26.30 24.25 -37.61
N ILE C 69 -25.22 23.52 -37.39
CA ILE C 69 -23.86 24.13 -37.24
C ILE C 69 -23.45 24.73 -38.59
N LYS C 70 -23.04 26.00 -38.58
CA LYS C 70 -22.64 26.74 -39.81
C LYS C 70 -21.18 26.42 -40.17
N GLY C 71 -20.85 26.54 -41.47
CA GLY C 71 -19.49 26.29 -42.00
C GLY C 71 -19.27 24.84 -42.40
N LYS C 72 -18.11 24.54 -42.99
CA LYS C 72 -17.76 23.16 -43.41
C LYS C 72 -17.42 22.31 -42.18
N LYS C 73 -17.41 20.98 -42.37
CA LYS C 73 -17.15 19.98 -41.30
C LYS C 73 -15.83 20.28 -40.56
N ILE C 74 -15.87 20.12 -39.25
CA ILE C 74 -14.71 20.33 -38.31
C ILE C 74 -13.65 19.26 -38.59
N THR C 75 -12.38 19.58 -38.37
CA THR C 75 -11.29 18.59 -38.57
C THR C 75 -10.68 18.24 -37.22
N VAL C 76 -10.75 16.97 -36.83
CA VAL C 76 -10.15 16.52 -35.54
C VAL C 76 -8.67 16.27 -35.82
N VAL C 77 -7.77 16.77 -34.95
CA VAL C 77 -6.31 16.59 -35.19
C VAL C 77 -5.69 15.84 -34.03
N PRO C 78 -5.66 14.49 -34.07
CA PRO C 78 -5.05 13.71 -33.00
C PRO C 78 -3.53 13.65 -33.22
N ILE C 79 -2.76 13.89 -32.16
CA ILE C 79 -1.26 13.83 -32.22
C ILE C 79 -0.86 12.40 -31.84
N LEU C 80 -0.40 11.60 -32.81
CA LEU C 80 0.01 10.19 -32.52
C LEU C 80 1.12 10.20 -31.48
N ARG C 81 1.15 9.19 -30.61
CA ARG C 81 0.19 8.10 -30.59
C ARG C 81 -0.95 8.36 -29.60
N ALA C 82 -0.61 8.87 -28.42
CA ALA C 82 -1.55 9.19 -27.32
C ALA C 82 -2.86 9.81 -27.82
N GLY C 83 -2.79 10.74 -28.78
CA GLY C 83 -3.96 11.43 -29.35
C GLY C 83 -5.09 10.50 -29.76
N LEU C 84 -4.78 9.33 -30.33
CA LEU C 84 -5.84 8.38 -30.77
C LEU C 84 -6.67 7.91 -29.57
N GLY C 85 -6.09 7.90 -28.38
CA GLY C 85 -6.80 7.45 -27.16
C GLY C 85 -7.95 8.37 -26.78
N MET C 86 -8.00 9.58 -27.35
CA MET C 86 -9.08 10.58 -27.06
C MET C 86 -9.96 10.81 -28.28
N MET C 87 -9.43 10.54 -29.47
CA MET C 87 -10.16 10.77 -30.76
C MET C 87 -11.55 10.13 -30.78
N GLU C 88 -11.71 8.92 -30.23
CA GLU C 88 -13.03 8.24 -30.27
C GLU C 88 -14.09 9.08 -29.53
N GLY C 89 -13.71 9.73 -28.43
CA GLY C 89 -14.64 10.56 -27.64
C GLY C 89 -15.04 11.81 -28.40
N VAL C 90 -14.13 12.34 -29.22
CA VAL C 90 -14.41 13.57 -30.02
C VAL C 90 -15.38 13.21 -31.14
N LEU C 91 -15.12 12.11 -31.85
CA LEU C 91 -15.96 11.66 -32.99
C LEU C 91 -17.39 11.31 -32.51
N GLU C 92 -17.53 10.95 -31.24
CA GLU C 92 -18.87 10.60 -30.68
C GLU C 92 -19.86 11.75 -30.90
N HIS C 93 -19.39 13.01 -30.79
CA HIS C 93 -20.25 14.21 -30.94
C HIS C 93 -20.15 14.79 -32.35
N VAL C 94 -19.02 14.59 -33.04
CA VAL C 94 -18.81 15.10 -34.43
C VAL C 94 -18.31 13.95 -35.30
N PRO C 95 -19.14 12.91 -35.52
CA PRO C 95 -18.74 11.75 -36.31
C PRO C 95 -18.43 12.02 -37.79
N SER C 96 -18.93 13.13 -38.34
CA SER C 96 -18.69 13.48 -39.77
C SER C 96 -17.39 14.27 -39.90
N ALA C 97 -16.73 14.57 -38.78
CA ALA C 97 -15.48 15.36 -38.77
C ALA C 97 -14.35 14.65 -39.54
N ARG C 98 -13.64 15.40 -40.40
CA ARG C 98 -12.48 14.86 -41.16
C ARG C 98 -11.34 14.71 -40.16
N ILE C 99 -10.57 13.62 -40.26
CA ILE C 99 -9.47 13.37 -39.30
C ILE C 99 -8.11 13.73 -39.92
N SER C 100 -7.44 14.73 -39.35
CA SER C 100 -6.10 15.19 -39.82
C SER C 100 -5.05 14.59 -38.88
N VAL C 101 -4.52 13.42 -39.22
CA VAL C 101 -3.50 12.73 -38.36
C VAL C 101 -2.17 13.49 -38.43
N VAL C 102 -1.55 13.69 -37.26
CA VAL C 102 -0.23 14.37 -37.12
C VAL C 102 0.60 13.53 -36.15
N GLY C 103 1.70 12.94 -36.61
CA GLY C 103 2.55 12.07 -35.78
C GLY C 103 3.78 12.80 -35.26
N ILE C 104 3.96 12.79 -33.93
CA ILE C 104 5.13 13.45 -33.27
C ILE C 104 5.51 12.64 -32.02
N TYR C 105 6.81 12.40 -31.84
CA TYR C 105 7.31 11.70 -30.62
C TYR C 105 8.27 12.70 -29.97
N ARG C 106 8.28 12.77 -28.64
CA ARG C 106 9.16 13.77 -27.99
C ARG C 106 10.57 13.19 -27.80
N ASN C 107 11.58 14.04 -28.05
CA ASN C 107 13.01 13.66 -27.86
C ASN C 107 13.23 13.83 -26.35
N GLU C 108 13.09 12.73 -25.59
CA GLU C 108 13.24 12.76 -24.11
C GLU C 108 14.62 13.29 -23.68
N GLU C 109 15.56 13.40 -24.62
CA GLU C 109 16.92 13.91 -24.29
C GLU C 109 16.91 15.45 -24.31
N THR C 110 16.24 16.05 -25.31
CA THR C 110 16.19 17.53 -25.48
C THR C 110 14.81 18.09 -25.14
N LEU C 111 13.78 17.24 -25.15
CA LEU C 111 12.36 17.61 -24.88
C LEU C 111 11.78 18.35 -26.09
N GLU C 112 12.49 18.30 -27.23
CA GLU C 112 12.01 18.96 -28.48
C GLU C 112 11.19 17.95 -29.28
N PRO C 113 10.12 18.39 -29.98
CA PRO C 113 9.27 17.49 -30.75
C PRO C 113 9.94 17.02 -32.05
N VAL C 114 9.65 15.78 -32.47
CA VAL C 114 10.23 15.21 -33.72
C VAL C 114 9.08 14.77 -34.62
N PRO C 115 8.56 15.65 -35.52
CA PRO C 115 7.47 15.29 -36.41
C PRO C 115 7.91 14.26 -37.46
N TYR C 116 7.16 13.16 -37.58
CA TYR C 116 7.49 12.08 -38.54
C TYR C 116 6.32 11.79 -39.50
N PHE C 117 5.13 12.36 -39.24
CA PHE C 117 3.99 12.07 -40.16
C PHE C 117 2.92 13.16 -40.07
N GLN C 118 2.33 13.54 -41.21
CA GLN C 118 1.23 14.52 -41.23
C GLN C 118 0.38 14.26 -42.48
N LYS C 119 -0.94 14.33 -42.34
CA LYS C 119 -1.90 14.10 -43.45
C LYS C 119 -3.11 14.99 -43.14
N LEU C 120 -2.98 16.28 -43.42
CA LEU C 120 -4.06 17.28 -43.14
C LEU C 120 -5.17 17.21 -44.17
N VAL C 121 -6.39 17.53 -43.74
CA VAL C 121 -7.60 17.54 -44.62
C VAL C 121 -7.45 18.73 -45.57
N SER C 122 -8.18 18.70 -46.70
CA SER C 122 -8.12 19.81 -47.70
C SER C 122 -9.04 20.96 -47.26
N ASN C 123 -8.78 22.16 -47.77
CA ASN C 123 -9.59 23.36 -47.44
C ASN C 123 -9.60 23.55 -45.92
N ILE C 124 -8.47 23.32 -45.26
CA ILE C 124 -8.39 23.45 -43.78
C ILE C 124 -8.48 24.94 -43.40
N ASP C 125 -8.33 25.83 -44.38
CA ASP C 125 -8.41 27.29 -44.13
C ASP C 125 -9.88 27.70 -43.92
N GLU C 126 -10.81 26.79 -44.24
CA GLU C 126 -12.27 27.04 -44.09
C GLU C 126 -12.83 26.11 -43.00
N ARG C 127 -11.97 25.60 -42.12
CA ARG C 127 -12.44 24.66 -41.06
C ARG C 127 -11.86 25.02 -39.70
N MET C 128 -12.51 24.52 -38.64
CA MET C 128 -12.06 24.69 -37.25
C MET C 128 -11.31 23.40 -36.91
N ALA C 129 -10.18 23.49 -36.20
CA ALA C 129 -9.44 22.26 -35.88
C ALA C 129 -9.47 21.98 -34.38
N LEU C 130 -9.84 20.75 -34.00
CA LEU C 130 -9.86 20.31 -32.59
C LEU C 130 -8.62 19.43 -32.42
N VAL C 131 -7.54 20.00 -31.88
CA VAL C 131 -6.29 19.22 -31.68
C VAL C 131 -6.40 18.47 -30.35
N VAL C 132 -6.26 17.14 -30.38
CA VAL C 132 -6.37 16.32 -29.14
C VAL C 132 -5.03 15.66 -28.83
N ASP C 133 -4.59 15.78 -27.57
CA ASP C 133 -3.33 15.18 -27.06
C ASP C 133 -3.47 15.14 -25.54
N PRO C 134 -3.37 13.97 -24.90
CA PRO C 134 -3.55 13.88 -23.44
C PRO C 134 -2.70 14.79 -22.54
N MET C 135 -1.47 15.11 -22.91
CA MET C 135 -0.64 15.94 -22.00
C MET C 135 -0.01 17.16 -22.69
N LEU C 136 0.04 18.28 -21.95
CA LEU C 136 0.65 19.55 -22.41
C LEU C 136 1.76 19.89 -21.42
N ALA C 137 2.91 19.23 -21.55
CA ALA C 137 4.08 19.43 -20.65
C ALA C 137 5.01 20.63 -20.85
N THR C 138 5.81 20.62 -21.92
CA THR C 138 6.59 21.81 -22.38
C THR C 138 5.78 22.58 -23.42
N GLY C 139 4.86 21.89 -24.11
CA GLY C 139 4.01 22.50 -25.15
C GLY C 139 4.66 22.40 -26.53
N GLY C 140 5.85 21.81 -26.60
CA GLY C 140 6.59 21.66 -27.88
C GLY C 140 5.79 20.94 -28.95
N SER C 141 5.20 19.79 -28.61
CA SER C 141 4.40 18.99 -29.58
C SER C 141 3.19 19.80 -30.07
N MET C 142 2.49 20.47 -29.16
CA MET C 142 1.29 21.26 -29.55
C MET C 142 1.70 22.46 -30.40
N ILE C 143 2.72 23.22 -29.96
CA ILE C 143 3.20 24.41 -30.73
C ILE C 143 3.61 23.98 -32.14
N ALA C 144 4.33 22.86 -32.26
CA ALA C 144 4.78 22.35 -33.57
C ALA C 144 3.56 21.95 -34.42
N THR C 145 2.58 21.29 -33.80
CA THR C 145 1.34 20.85 -34.51
C THR C 145 0.58 22.09 -35.02
N ILE C 146 0.44 23.11 -34.18
CA ILE C 146 -0.28 24.37 -34.54
C ILE C 146 0.47 25.08 -35.68
N ASP C 147 1.81 25.02 -35.69
CA ASP C 147 2.61 25.66 -36.79
C ASP C 147 2.19 25.01 -38.12
N LEU C 148 2.07 23.68 -38.15
CA LEU C 148 1.67 22.94 -39.38
C LEU C 148 0.28 23.42 -39.83
N LEU C 149 -0.66 23.52 -38.88
CA LEU C 149 -2.05 23.96 -39.18
C LEU C 149 -2.05 25.39 -39.75
N LYS C 150 -1.34 26.32 -39.11
CA LYS C 150 -1.30 27.72 -39.62
C LYS C 150 -0.63 27.77 -41.00
N ASN C 151 0.41 26.97 -41.21
N ASN C 151 0.41 26.98 -41.22
CA ASN C 151 1.14 26.90 -42.51
CA ASN C 151 1.12 26.94 -42.53
C ASN C 151 0.17 26.43 -43.60
C ASN C 151 0.15 26.44 -43.61
N ALA C 152 -0.77 25.54 -43.23
CA ALA C 152 -1.78 25.00 -44.17
C ALA C 152 -2.89 26.03 -44.38
N GLY C 153 -2.96 27.06 -43.53
CA GLY C 153 -3.96 28.14 -43.64
C GLY C 153 -5.10 28.07 -42.63
N CYS C 154 -5.00 27.23 -41.59
CA CYS C 154 -6.10 27.13 -40.58
C CYS C 154 -6.04 28.37 -39.68
N THR C 155 -7.21 28.97 -39.41
CA THR C 155 -7.33 30.20 -38.58
C THR C 155 -8.00 29.95 -37.23
N SER C 156 -8.95 29.02 -37.17
CA SER C 156 -9.69 28.70 -35.92
C SER C 156 -9.17 27.38 -35.34
N ILE C 157 -8.52 27.43 -34.17
CA ILE C 157 -7.97 26.19 -33.54
C ILE C 157 -8.32 26.13 -32.05
N LYS C 158 -8.80 24.96 -31.62
CA LYS C 158 -9.15 24.67 -30.20
C LYS C 158 -8.25 23.51 -29.76
N VAL C 159 -7.66 23.60 -28.57
CA VAL C 159 -6.76 22.53 -28.05
C VAL C 159 -7.45 21.79 -26.91
N LEU C 160 -7.49 20.46 -26.98
CA LEU C 160 -8.15 19.63 -25.92
C LEU C 160 -7.09 18.72 -25.29
N VAL C 161 -6.79 18.93 -24.01
CA VAL C 161 -5.78 18.10 -23.28
C VAL C 161 -6.38 17.69 -21.93
N LEU C 162 -5.90 16.59 -21.34
CA LEU C 162 -6.39 16.09 -20.04
C LEU C 162 -5.66 16.85 -18.91
N VAL C 163 -4.33 16.85 -18.94
CA VAL C 163 -3.51 17.55 -17.91
C VAL C 163 -2.58 18.55 -18.62
N ALA C 164 -2.39 19.72 -18.02
CA ALA C 164 -1.51 20.77 -18.61
C ALA C 164 -0.65 21.39 -17.51
N ALA C 165 0.64 21.55 -17.77
CA ALA C 165 1.59 22.16 -16.82
C ALA C 165 1.69 23.64 -17.13
N PRO C 166 1.82 24.52 -16.11
CA PRO C 166 1.94 25.97 -16.34
C PRO C 166 2.99 26.33 -17.41
N GLU C 167 4.13 25.63 -17.41
CA GLU C 167 5.22 25.89 -18.41
C GLU C 167 4.65 25.75 -19.82
N GLY C 168 3.94 24.65 -20.09
CA GLY C 168 3.34 24.41 -21.42
C GLY C 168 2.28 25.44 -21.76
N ILE C 169 1.49 25.85 -20.77
CA ILE C 169 0.41 26.88 -20.99
C ILE C 169 1.06 28.20 -21.37
N ALA C 170 2.14 28.59 -20.66
CA ALA C 170 2.85 29.86 -20.94
C ALA C 170 3.54 29.78 -22.30
N ALA C 171 4.12 28.62 -22.63
CA ALA C 171 4.82 28.42 -23.92
C ALA C 171 3.82 28.49 -25.08
N LEU C 172 2.63 27.91 -24.87
CA LEU C 172 1.57 27.87 -25.91
C LEU C 172 0.96 29.26 -26.11
N GLU C 173 0.78 30.02 -25.03
CA GLU C 173 0.18 31.38 -25.11
C GLU C 173 1.13 32.34 -25.83
N LYS C 174 2.43 32.22 -25.60
CA LYS C 174 3.45 33.10 -26.22
C LYS C 174 3.58 32.80 -27.72
N ALA C 175 3.54 31.52 -28.10
CA ALA C 175 3.68 31.09 -29.51
C ALA C 175 2.39 31.27 -30.31
N HIS C 176 1.23 30.91 -29.74
CA HIS C 176 -0.08 31.02 -30.46
C HIS C 176 -1.18 31.46 -29.51
N PRO C 177 -1.30 32.76 -29.19
CA PRO C 177 -2.34 33.24 -28.28
C PRO C 177 -3.78 33.20 -28.82
N ASP C 178 -3.96 33.03 -30.13
CA ASP C 178 -5.34 33.01 -30.74
C ASP C 178 -6.01 31.64 -30.58
N VAL C 179 -5.32 30.65 -30.00
CA VAL C 179 -5.97 29.31 -29.83
C VAL C 179 -6.72 29.33 -28.49
N GLU C 180 -7.66 28.39 -28.31
CA GLU C 180 -8.43 28.28 -27.03
C GLU C 180 -8.02 26.95 -26.39
N LEU C 181 -7.52 26.99 -25.16
CA LEU C 181 -7.07 25.75 -24.47
C LEU C 181 -8.15 25.22 -23.52
N TYR C 182 -8.56 23.97 -23.73
CA TYR C 182 -9.56 23.29 -22.87
C TYR C 182 -8.83 22.11 -22.21
N THR C 183 -8.64 22.18 -20.89
CA THR C 183 -7.94 21.08 -20.16
C THR C 183 -8.80 20.60 -18.99
N ALA C 184 -8.63 19.33 -18.61
CA ALA C 184 -9.39 18.77 -17.47
C ALA C 184 -8.64 19.11 -16.18
N SER C 185 -7.44 19.69 -16.30
CA SER C 185 -6.66 20.05 -15.09
C SER C 185 -5.39 20.84 -15.42
N VAL C 186 -5.04 21.75 -14.50
CA VAL C 186 -3.81 22.58 -14.55
C VAL C 186 -2.99 22.06 -13.37
N ASP C 187 -1.91 21.31 -13.64
CA ASP C 187 -1.09 20.70 -12.56
C ASP C 187 -0.03 21.70 -12.05
N LYS C 188 0.74 21.28 -11.04
CA LYS C 188 1.80 22.10 -10.39
C LYS C 188 2.89 22.52 -11.38
N GLY C 189 3.51 21.56 -12.07
CA GLY C 189 4.57 21.91 -13.03
C GLY C 189 5.24 20.69 -13.65
N LEU C 190 6.48 20.84 -14.10
CA LEU C 190 7.27 19.75 -14.74
C LEU C 190 8.39 19.28 -13.79
N ASN C 191 8.75 18.00 -13.86
CA ASN C 191 9.85 17.48 -13.00
C ASN C 191 11.17 17.72 -13.75
N GLU C 192 12.26 17.10 -13.29
CA GLU C 192 13.60 17.28 -13.91
C GLU C 192 13.65 16.66 -15.32
N HIS C 193 12.80 15.67 -15.60
CA HIS C 193 12.82 14.99 -16.93
C HIS C 193 11.73 15.54 -17.87
N GLY C 194 11.13 16.69 -17.53
CA GLY C 194 10.09 17.31 -18.38
C GLY C 194 8.73 16.64 -18.29
N TYR C 195 8.50 15.78 -17.29
CA TYR C 195 7.18 15.10 -17.15
C TYR C 195 6.30 15.92 -16.19
N ILE C 196 4.99 15.95 -16.46
CA ILE C 196 4.01 16.71 -15.64
C ILE C 196 3.79 16.04 -14.28
N ILE C 197 3.70 16.84 -13.22
CA ILE C 197 3.46 16.36 -11.83
C ILE C 197 2.28 17.15 -11.29
N PRO C 198 1.24 16.52 -10.68
CA PRO C 198 1.19 15.06 -10.51
C PRO C 198 1.08 14.28 -11.83
N GLY C 199 0.54 14.91 -12.88
CA GLY C 199 0.39 14.33 -14.24
C GLY C 199 -0.28 12.96 -14.27
N LEU C 200 -0.09 12.26 -15.39
CA LEU C 200 -0.64 10.90 -15.66
C LEU C 200 0.49 9.95 -16.03
N GLY C 201 1.75 10.36 -15.82
CA GLY C 201 2.90 9.50 -16.16
C GLY C 201 3.13 9.48 -17.66
N ASP C 202 3.43 8.31 -18.22
CA ASP C 202 3.66 8.21 -19.68
C ASP C 202 2.33 7.78 -20.33
N ALA C 203 1.49 8.75 -20.66
CA ALA C 203 0.14 8.53 -21.26
C ALA C 203 0.26 7.72 -22.56
N GLY C 204 1.26 7.98 -23.39
CA GLY C 204 1.42 7.23 -24.65
C GLY C 204 1.57 5.73 -24.43
N ASP C 205 2.49 5.34 -23.54
CA ASP C 205 2.73 3.91 -23.23
C ASP C 205 1.54 3.30 -22.47
N LYS C 206 0.90 4.06 -21.58
CA LYS C 206 -0.27 3.52 -20.82
C LYS C 206 -1.40 3.17 -21.79
N ILE C 207 -1.76 4.10 -22.68
CA ILE C 207 -2.86 3.93 -23.67
C ILE C 207 -2.57 2.77 -24.64
N PHE C 208 -1.34 2.66 -25.16
CA PHE C 208 -0.99 1.59 -26.13
C PHE C 208 -0.43 0.34 -25.44
N GLY C 209 -0.02 0.43 -24.17
CA GLY C 209 0.51 -0.74 -23.45
C GLY C 209 1.91 -1.12 -23.90
N THR C 210 2.71 -0.14 -24.34
CA THR C 210 4.09 -0.40 -24.81
C THR C 210 5.10 -0.01 -23.73
N LYS C 211 6.38 -0.39 -23.93
CA LYS C 211 7.49 -0.10 -22.98
C LYS C 211 7.15 -0.65 -21.58
N ASN D 2 -41.97 27.77 -4.30
CA ASN D 2 -40.92 28.19 -5.28
C ASN D 2 -41.26 27.63 -6.67
N ALA D 3 -40.92 28.39 -7.72
CA ALA D 3 -41.19 27.95 -9.12
C ALA D 3 -40.29 26.75 -9.45
N MET D 4 -40.81 25.80 -10.26
CA MET D 4 -40.01 24.60 -10.63
C MET D 4 -38.82 25.06 -11.48
N LYS D 5 -37.63 24.58 -11.13
CA LYS D 5 -36.37 24.91 -11.85
C LYS D 5 -36.41 24.23 -13.23
N ILE D 6 -36.35 25.02 -14.30
CA ILE D 6 -36.36 24.48 -15.70
C ILE D 6 -35.04 24.83 -16.37
N VAL D 7 -34.46 23.87 -17.10
CA VAL D 7 -33.17 24.09 -17.80
C VAL D 7 -33.34 23.63 -19.25
N GLU D 8 -33.45 24.57 -20.19
CA GLU D 8 -33.57 24.23 -21.62
C GLU D 8 -32.15 24.21 -22.18
N VAL D 9 -31.60 23.02 -22.42
CA VAL D 9 -30.21 22.88 -22.94
C VAL D 9 -30.16 23.48 -24.36
N LYS D 10 -29.52 24.65 -24.50
CA LYS D 10 -29.40 25.34 -25.81
C LYS D 10 -28.00 25.19 -26.40
N HIS D 11 -27.29 24.10 -26.04
CA HIS D 11 -25.93 23.87 -26.57
C HIS D 11 -26.04 23.57 -28.08
N PRO D 12 -25.21 24.21 -28.94
CA PRO D 12 -25.27 24.00 -30.39
C PRO D 12 -25.39 22.53 -30.86
N LEU D 13 -24.68 21.60 -30.22
CA LEU D 13 -24.75 20.15 -30.62
C LEU D 13 -26.12 19.59 -30.26
N VAL D 14 -26.63 19.94 -29.08
CA VAL D 14 -27.97 19.45 -28.63
C VAL D 14 -29.04 19.94 -29.60
N LYS D 15 -29.03 21.25 -29.92
CA LYS D 15 -30.04 21.79 -30.85
C LYS D 15 -29.83 21.22 -32.26
N HIS D 16 -28.57 20.98 -32.66
CA HIS D 16 -28.30 20.41 -34.01
C HIS D 16 -28.85 18.99 -34.09
N LYS D 17 -28.54 18.15 -33.10
CA LYS D 17 -28.98 16.74 -33.06
C LYS D 17 -30.50 16.67 -32.89
N LEU D 18 -31.09 17.56 -32.08
CA LEU D 18 -32.56 17.55 -31.90
C LEU D 18 -33.21 17.85 -33.26
N GLY D 19 -32.62 18.77 -34.02
CA GLY D 19 -33.13 19.15 -35.35
C GLY D 19 -33.09 17.98 -36.32
N LEU D 20 -32.06 17.13 -36.22
CA LEU D 20 -31.91 15.95 -37.11
C LEU D 20 -33.02 14.94 -36.81
N MET D 21 -33.40 14.80 -35.53
CA MET D 21 -34.45 13.84 -35.09
C MET D 21 -35.84 14.28 -35.59
N ARG D 22 -36.00 15.56 -35.90
CA ARG D 22 -37.33 16.08 -36.36
C ARG D 22 -37.58 15.66 -37.82
N GLU D 23 -36.54 15.33 -38.59
CA GLU D 23 -36.73 14.89 -40.01
C GLU D 23 -37.79 13.78 -40.06
N HIS D 24 -38.72 13.88 -41.00
CA HIS D 24 -39.81 12.86 -41.12
C HIS D 24 -39.25 11.56 -41.72
N ASP D 25 -38.23 11.65 -42.59
CA ASP D 25 -37.63 10.45 -43.24
C ASP D 25 -36.46 9.89 -42.41
N ILE D 26 -36.30 10.29 -41.15
CA ILE D 26 -35.16 9.77 -40.33
C ILE D 26 -35.37 8.27 -40.10
N SER D 27 -34.28 7.50 -40.09
CA SER D 27 -34.34 6.03 -39.89
C SER D 27 -34.40 5.70 -38.39
N THR D 28 -34.93 4.53 -38.04
CA THR D 28 -34.99 4.11 -36.62
C THR D 28 -33.57 4.13 -36.05
N LYS D 29 -32.61 3.61 -36.82
CA LYS D 29 -31.18 3.55 -36.39
C LYS D 29 -30.69 4.96 -36.02
N ARG D 30 -30.74 5.91 -36.96
CA ARG D 30 -30.29 7.30 -36.69
C ARG D 30 -31.03 7.89 -35.48
N PHE D 31 -32.37 7.82 -35.49
CA PHE D 31 -33.21 8.40 -34.40
C PHE D 31 -32.83 7.78 -33.05
N ARG D 32 -32.65 6.46 -32.99
CA ARG D 32 -32.28 5.74 -31.75
C ARG D 32 -30.91 6.20 -31.24
N GLU D 33 -29.96 6.41 -32.16
CA GLU D 33 -28.58 6.84 -31.83
C GLU D 33 -28.58 8.29 -31.33
N LEU D 34 -29.39 9.17 -31.94
CA LEU D 34 -29.45 10.59 -31.51
C LEU D 34 -30.14 10.68 -30.14
N ALA D 35 -31.13 9.81 -29.91
CA ALA D 35 -31.88 9.80 -28.62
C ALA D 35 -30.89 9.57 -27.47
N SER D 36 -30.00 8.57 -27.60
CA SER D 36 -28.99 8.28 -26.55
C SER D 36 -27.98 9.43 -26.50
N GLU D 37 -27.48 9.84 -27.67
CA GLU D 37 -26.49 10.95 -27.76
C GLU D 37 -27.02 12.17 -27.01
N VAL D 38 -28.20 12.67 -27.38
CA VAL D 38 -28.78 13.86 -26.66
C VAL D 38 -29.00 13.48 -25.19
N GLY D 39 -29.43 12.25 -24.93
CA GLY D 39 -29.66 11.77 -23.55
C GLY D 39 -28.41 11.89 -22.71
N SER D 40 -27.25 11.51 -23.25
CA SER D 40 -25.96 11.58 -22.51
C SER D 40 -25.60 13.05 -22.22
N LEU D 41 -25.84 13.95 -23.18
CA LEU D 41 -25.53 15.39 -22.99
C LEU D 41 -26.43 15.98 -21.90
N LEU D 42 -27.72 15.61 -21.86
CA LEU D 42 -28.62 16.13 -20.81
C LEU D 42 -28.13 15.61 -19.46
N THR D 43 -27.69 14.35 -19.42
CA THR D 43 -27.18 13.71 -18.18
C THR D 43 -25.98 14.52 -17.65
N TYR D 44 -25.10 14.93 -18.57
CA TYR D 44 -23.90 15.72 -18.19
C TYR D 44 -24.35 17.08 -17.67
N GLU D 45 -25.37 17.65 -18.31
CA GLU D 45 -25.90 18.98 -17.93
C GLU D 45 -26.57 18.89 -16.55
N ALA D 46 -27.23 17.75 -16.27
CA ALA D 46 -27.96 17.55 -14.99
C ALA D 46 -27.06 17.03 -13.86
N THR D 47 -25.79 16.73 -14.11
CA THR D 47 -24.88 16.23 -13.04
C THR D 47 -23.78 17.26 -12.74
N ALA D 48 -23.95 18.50 -13.18
CA ALA D 48 -22.95 19.56 -12.94
C ALA D 48 -22.89 19.95 -11.46
N ASP D 49 -23.95 19.68 -10.68
CA ASP D 49 -23.99 20.07 -9.24
C ASP D 49 -23.65 18.90 -8.30
N LEU D 50 -23.33 17.70 -8.81
CA LEU D 50 -23.00 16.55 -7.92
C LEU D 50 -21.90 16.97 -6.94
N GLU D 51 -22.10 16.70 -5.64
CA GLU D 51 -21.08 17.06 -4.62
C GLU D 51 -19.91 16.09 -4.68
N THR D 52 -18.70 16.59 -4.41
CA THR D 52 -17.48 15.75 -4.45
C THR D 52 -16.76 15.82 -3.10
N GLU D 53 -15.89 14.84 -2.83
CA GLU D 53 -15.09 14.77 -1.58
C GLU D 53 -13.66 14.42 -1.99
N LYS D 54 -12.67 14.99 -1.29
CA LYS D 54 -11.24 14.73 -1.63
C LYS D 54 -10.83 13.39 -1.02
N VAL D 55 -9.97 12.65 -1.73
CA VAL D 55 -9.44 11.32 -1.33
C VAL D 55 -7.98 11.25 -1.76
N THR D 56 -7.13 10.56 -0.98
CA THR D 56 -5.69 10.44 -1.33
C THR D 56 -5.43 9.08 -1.98
N ILE D 57 -4.90 9.10 -3.21
CA ILE D 57 -4.55 7.85 -3.96
C ILE D 57 -3.07 7.92 -4.29
N GLU D 58 -2.50 6.83 -4.81
CA GLU D 58 -1.07 6.84 -5.19
C GLU D 58 -0.99 7.17 -6.68
N GLY D 59 -0.44 8.35 -7.01
CA GLY D 59 -0.27 8.78 -8.42
C GLY D 59 0.97 8.13 -9.00
N TRP D 60 1.35 8.46 -10.24
CA TRP D 60 2.56 7.82 -10.81
C TRP D 60 3.81 8.35 -10.09
N ASN D 61 3.77 9.62 -9.66
CA ASN D 61 4.94 10.26 -8.99
C ASN D 61 4.64 10.49 -7.50
N GLY D 62 3.99 9.54 -6.84
CA GLY D 62 3.71 9.69 -5.39
C GLY D 62 2.23 9.96 -5.10
N PRO D 63 1.85 10.07 -3.81
CA PRO D 63 0.46 10.32 -3.43
C PRO D 63 -0.07 11.65 -3.99
N VAL D 64 -1.32 11.63 -4.45
CA VAL D 64 -1.99 12.82 -5.03
C VAL D 64 -3.43 12.84 -4.48
N GLU D 65 -3.94 14.02 -4.17
CA GLU D 65 -5.32 14.16 -3.62
C GLU D 65 -6.28 14.35 -4.80
N VAL D 66 -7.18 13.40 -5.03
CA VAL D 66 -8.18 13.47 -6.15
C VAL D 66 -9.58 13.68 -5.55
N GLU D 67 -10.59 13.83 -6.41
CA GLU D 67 -11.98 14.03 -5.95
C GLU D 67 -12.88 12.95 -6.52
N GLN D 68 -13.82 12.44 -5.72
CA GLN D 68 -14.77 11.40 -6.20
C GLN D 68 -16.19 11.89 -5.88
N ILE D 69 -17.19 11.25 -6.49
CA ILE D 69 -18.61 11.65 -6.26
C ILE D 69 -19.03 11.17 -4.87
N LYS D 70 -19.49 12.10 -4.01
CA LYS D 70 -19.91 11.76 -2.63
C LYS D 70 -21.31 11.12 -2.65
N GLY D 71 -21.66 10.43 -1.55
CA GLY D 71 -22.97 9.78 -1.40
C GLY D 71 -23.08 8.48 -2.19
N LYS D 72 -24.25 7.85 -2.13
CA LYS D 72 -24.51 6.57 -2.86
C LYS D 72 -24.73 6.86 -4.34
N LYS D 73 -24.57 5.82 -5.16
CA LYS D 73 -24.73 5.89 -6.65
C LYS D 73 -26.15 6.35 -6.98
N ILE D 74 -26.27 7.19 -8.01
CA ILE D 74 -27.60 7.74 -8.45
C ILE D 74 -28.38 6.61 -9.13
N THR D 75 -29.70 6.77 -9.23
CA THR D 75 -30.56 5.75 -9.89
C THR D 75 -31.24 6.36 -11.11
N VAL D 76 -31.16 5.66 -12.25
CA VAL D 76 -31.79 6.10 -13.53
C VAL D 76 -33.18 5.44 -13.54
N VAL D 77 -34.25 6.24 -13.66
CA VAL D 77 -35.62 5.67 -13.65
C VAL D 77 -36.25 5.78 -15.04
N PRO D 78 -36.04 4.78 -15.93
CA PRO D 78 -36.64 4.81 -17.27
C PRO D 78 -38.11 4.36 -17.24
N ILE D 79 -39.00 5.17 -17.81
CA ILE D 79 -40.46 4.84 -17.86
C ILE D 79 -40.70 3.92 -19.06
N LEU D 80 -41.36 2.78 -18.84
CA LEU D 80 -41.65 1.85 -19.96
C LEU D 80 -42.66 2.50 -20.89
N ARG D 81 -42.48 2.38 -22.21
CA ARG D 81 -41.37 1.68 -22.85
C ARG D 81 -40.29 2.58 -23.45
N ALA D 82 -40.71 3.69 -24.07
CA ALA D 82 -39.87 4.76 -24.66
C ALA D 82 -38.68 5.14 -23.76
N GLY D 83 -38.89 5.20 -22.43
CA GLY D 83 -37.80 5.57 -21.50
C GLY D 83 -36.57 4.70 -21.67
N LEU D 84 -36.75 3.43 -22.04
CA LEU D 84 -35.60 2.49 -22.23
C LEU D 84 -34.72 2.96 -23.40
N GLY D 85 -35.28 3.79 -24.29
CA GLY D 85 -34.56 4.30 -25.49
C GLY D 85 -33.54 5.39 -25.16
N MET D 86 -33.46 5.81 -23.89
CA MET D 86 -32.49 6.86 -23.48
C MET D 86 -31.62 6.33 -22.34
N MET D 87 -31.91 5.13 -21.85
CA MET D 87 -31.18 4.49 -20.72
C MET D 87 -29.68 4.35 -21.03
N GLU D 88 -29.30 3.76 -22.17
CA GLU D 88 -27.85 3.61 -22.48
C GLU D 88 -27.17 4.98 -22.59
N GLY D 89 -27.92 6.01 -23.00
CA GLY D 89 -27.35 7.36 -23.14
C GLY D 89 -26.97 7.95 -21.79
N VAL D 90 -27.83 7.76 -20.79
CA VAL D 90 -27.61 8.28 -19.41
C VAL D 90 -26.51 7.47 -18.71
N LEU D 91 -26.43 6.17 -19.01
CA LEU D 91 -25.41 5.27 -18.37
C LEU D 91 -24.02 5.54 -18.93
N GLU D 92 -23.93 6.16 -20.11
CA GLU D 92 -22.60 6.41 -20.72
C GLU D 92 -21.65 7.15 -19.75
N HIS D 93 -22.09 8.26 -19.17
CA HIS D 93 -21.19 9.04 -18.26
C HIS D 93 -21.40 8.64 -16.79
N VAL D 94 -22.39 7.78 -16.52
CA VAL D 94 -22.67 7.30 -15.13
C VAL D 94 -22.96 5.81 -15.25
N PRO D 95 -21.97 5.00 -15.69
CA PRO D 95 -22.16 3.56 -15.88
C PRO D 95 -22.37 2.74 -14.61
N SER D 96 -22.24 3.35 -13.43
CA SER D 96 -22.44 2.63 -12.15
C SER D 96 -23.87 2.86 -11.64
N ALA D 97 -24.60 3.76 -12.29
CA ALA D 97 -26.00 4.13 -11.93
C ALA D 97 -26.89 2.89 -11.79
N ARG D 98 -27.72 2.88 -10.74
CA ARG D 98 -28.68 1.77 -10.49
C ARG D 98 -29.89 2.03 -11.39
N ILE D 99 -30.42 0.99 -12.03
CA ILE D 99 -31.57 1.18 -12.97
C ILE D 99 -32.88 0.74 -12.30
N SER D 100 -33.78 1.70 -12.08
CA SER D 100 -35.10 1.46 -11.45
C SER D 100 -36.18 1.53 -12.54
N VAL D 101 -36.58 0.38 -13.09
CA VAL D 101 -37.62 0.33 -14.16
C VAL D 101 -39.00 0.54 -13.54
N VAL D 102 -39.82 1.39 -14.16
CA VAL D 102 -41.19 1.70 -13.67
C VAL D 102 -42.18 1.62 -14.84
N GLY D 103 -43.34 1.01 -14.61
CA GLY D 103 -44.40 0.87 -15.62
C GLY D 103 -45.70 1.48 -15.10
N ILE D 104 -46.10 2.63 -15.65
CA ILE D 104 -47.34 3.35 -15.21
C ILE D 104 -48.54 3.18 -16.14
N TYR D 105 -49.72 3.07 -15.54
CA TYR D 105 -51.01 2.77 -16.24
C TYR D 105 -52.10 3.71 -15.73
N ARG D 106 -52.11 4.00 -14.42
CA ARG D 106 -53.11 4.89 -13.76
C ARG D 106 -54.51 4.61 -14.32
N GLU D 112 -55.45 7.31 -7.62
CA GLU D 112 -53.98 7.31 -7.43
C GLU D 112 -53.31 6.69 -8.65
N PRO D 113 -51.99 6.89 -8.85
CA PRO D 113 -51.27 6.30 -9.98
C PRO D 113 -50.99 4.82 -9.71
N VAL D 114 -51.44 3.91 -10.58
CA VAL D 114 -51.21 2.45 -10.34
C VAL D 114 -50.11 1.95 -11.27
N PRO D 115 -48.88 1.69 -10.74
CA PRO D 115 -47.80 1.16 -11.57
C PRO D 115 -48.07 -0.34 -11.77
N TYR D 116 -47.99 -0.83 -13.01
CA TYR D 116 -48.23 -2.27 -13.28
C TYR D 116 -46.92 -3.05 -13.03
N PHE D 117 -45.78 -2.36 -13.07
CA PHE D 117 -44.45 -3.00 -12.85
C PHE D 117 -43.47 -2.00 -12.21
N GLN D 118 -42.76 -2.43 -11.17
CA GLN D 118 -41.75 -1.57 -10.50
C GLN D 118 -40.66 -2.44 -9.87
N LYS D 119 -39.42 -1.97 -9.97
CA LYS D 119 -38.19 -2.60 -9.44
C LYS D 119 -37.29 -1.44 -9.00
N LEU D 120 -37.66 -0.76 -7.91
CA LEU D 120 -36.86 0.39 -7.42
C LEU D 120 -35.62 -0.10 -6.67
N VAL D 121 -34.54 0.68 -6.74
CA VAL D 121 -33.28 0.32 -6.05
C VAL D 121 -33.52 0.51 -4.55
N SER D 122 -32.75 -0.19 -3.73
CA SER D 122 -32.89 -0.08 -2.25
C SER D 122 -32.29 1.25 -1.78
N ASN D 123 -32.69 1.72 -0.59
CA ASN D 123 -32.16 2.98 -0.01
C ASN D 123 -32.33 4.15 -0.99
N ILE D 124 -33.44 4.17 -1.76
CA ILE D 124 -33.66 5.25 -2.75
C ILE D 124 -33.84 6.60 -2.03
N ASP D 125 -34.06 6.59 -0.71
CA ASP D 125 -34.24 7.85 0.06
C ASP D 125 -32.86 8.50 0.29
N GLU D 126 -31.77 7.82 -0.11
CA GLU D 126 -30.39 8.33 0.05
C GLU D 126 -29.74 8.43 -1.34
N ARG D 127 -30.56 8.59 -2.40
CA ARG D 127 -30.03 8.67 -3.78
C ARG D 127 -30.75 9.70 -4.63
N MET D 128 -30.06 10.20 -5.66
CA MET D 128 -30.67 11.15 -6.62
C MET D 128 -31.31 10.29 -7.71
N ALA D 129 -32.45 10.71 -8.25
CA ALA D 129 -33.11 9.90 -9.30
C ALA D 129 -33.22 10.69 -10.60
N LEU D 130 -32.67 10.13 -11.69
CA LEU D 130 -32.76 10.75 -13.03
C LEU D 130 -33.88 10.05 -13.78
N VAL D 131 -35.11 10.59 -13.69
CA VAL D 131 -36.26 9.97 -14.40
C VAL D 131 -36.13 10.34 -15.88
N VAL D 132 -36.02 9.33 -16.77
CA VAL D 132 -35.85 9.62 -18.22
C VAL D 132 -37.06 9.13 -19.02
N ASP D 133 -37.41 9.91 -20.04
CA ASP D 133 -38.56 9.61 -20.95
C ASP D 133 -38.39 10.56 -22.13
N PRO D 134 -38.48 10.11 -23.40
CA PRO D 134 -38.28 11.00 -24.54
C PRO D 134 -39.18 12.24 -24.63
N MET D 135 -40.44 12.14 -24.20
CA MET D 135 -41.35 13.32 -24.32
C MET D 135 -42.16 13.56 -23.05
N LEU D 136 -42.56 14.83 -22.86
CA LEU D 136 -43.38 15.31 -21.71
C LEU D 136 -44.56 16.08 -22.31
N ALA D 137 -45.58 15.34 -22.80
CA ALA D 137 -46.77 15.94 -23.43
C ALA D 137 -47.77 16.54 -22.43
N THR D 138 -48.45 15.71 -21.64
CA THR D 138 -49.38 16.18 -20.58
C THR D 138 -48.73 16.07 -19.20
N GLY D 139 -47.67 15.26 -19.08
CA GLY D 139 -46.95 15.06 -17.82
C GLY D 139 -47.62 14.01 -16.94
N GLY D 140 -48.62 13.30 -17.48
CA GLY D 140 -49.35 12.27 -16.72
C GLY D 140 -48.45 11.14 -16.23
N SER D 141 -47.71 10.51 -17.16
CA SER D 141 -46.79 9.39 -16.80
C SER D 141 -45.68 9.87 -15.87
N MET D 142 -45.06 11.00 -16.19
CA MET D 142 -43.95 11.55 -15.37
C MET D 142 -44.43 11.82 -13.94
N ILE D 143 -45.58 12.50 -13.79
CA ILE D 143 -46.13 12.81 -12.43
C ILE D 143 -46.42 11.50 -11.68
N ALA D 144 -47.01 10.51 -12.35
CA ALA D 144 -47.33 9.20 -11.75
C ALA D 144 -46.04 8.51 -11.27
N THR D 145 -44.98 8.57 -12.08
CA THR D 145 -43.68 7.94 -11.73
C THR D 145 -43.07 8.65 -10.52
N ILE D 146 -43.05 9.99 -10.53
CA ILE D 146 -42.48 10.79 -9.41
C ILE D 146 -43.26 10.49 -8.13
N ASP D 147 -44.59 10.30 -8.21
CA ASP D 147 -45.41 9.99 -7.02
C ASP D 147 -44.88 8.70 -6.40
N LEU D 148 -44.63 7.68 -7.23
CA LEU D 148 -44.12 6.35 -6.77
C LEU D 148 -42.73 6.52 -6.14
N LEU D 149 -41.88 7.34 -6.76
CA LEU D 149 -40.50 7.59 -6.23
C LEU D 149 -40.57 8.35 -4.90
N LYS D 150 -41.39 9.40 -4.84
CA LYS D 150 -41.52 10.22 -3.61
C LYS D 150 -42.04 9.34 -2.47
N ASN D 151 -43.04 8.49 -2.73
CA ASN D 151 -43.62 7.58 -1.70
C ASN D 151 -42.55 6.57 -1.24
N ALA D 152 -41.59 6.25 -2.10
CA ALA D 152 -40.52 5.28 -1.74
C ALA D 152 -39.48 5.96 -0.83
N GLY D 153 -39.54 7.29 -0.69
CA GLY D 153 -38.61 8.04 0.18
C GLY D 153 -37.65 8.95 -0.56
N CYS D 154 -37.55 8.87 -1.89
CA CYS D 154 -36.62 9.74 -2.66
C CYS D 154 -37.02 11.20 -2.51
N THR D 155 -36.05 12.09 -2.24
CA THR D 155 -36.32 13.55 -2.04
C THR D 155 -35.47 14.39 -3.01
N SER D 156 -34.69 13.74 -3.87
CA SER D 156 -33.83 14.45 -4.87
C SER D 156 -34.15 13.85 -6.25
N ILE D 157 -35.00 14.54 -7.02
CA ILE D 157 -35.42 14.01 -8.35
C ILE D 157 -35.14 15.03 -9.47
N LYS D 158 -34.70 14.51 -10.62
CA LYS D 158 -34.41 15.30 -11.83
C LYS D 158 -35.08 14.59 -13.02
N VAL D 159 -35.72 15.34 -13.90
CA VAL D 159 -36.43 14.77 -15.08
C VAL D 159 -35.64 15.10 -16.34
N LEU D 160 -35.37 14.11 -17.19
CA LEU D 160 -34.63 14.31 -18.46
C LEU D 160 -35.57 13.92 -19.61
N VAL D 161 -35.85 14.86 -20.52
CA VAL D 161 -36.73 14.61 -21.69
C VAL D 161 -36.14 15.33 -22.89
N LEU D 162 -36.40 14.82 -24.09
CA LEU D 162 -35.90 15.45 -25.33
C LEU D 162 -36.74 16.70 -25.62
N VAL D 163 -38.07 16.53 -25.66
CA VAL D 163 -39.01 17.67 -25.94
C VAL D 163 -40.07 17.70 -24.84
N ALA D 164 -40.67 18.88 -24.61
CA ALA D 164 -41.72 19.03 -23.59
C ALA D 164 -42.69 20.12 -24.03
N ALA D 165 -43.99 19.89 -23.84
CA ALA D 165 -45.04 20.88 -24.20
C ALA D 165 -45.31 21.74 -22.98
N PRO D 166 -45.73 23.01 -23.14
CA PRO D 166 -46.01 23.88 -22.00
C PRO D 166 -47.04 23.26 -21.03
N GLU D 167 -48.01 22.50 -21.55
CA GLU D 167 -49.05 21.87 -20.69
C GLU D 167 -48.39 20.89 -19.72
N GLY D 168 -47.44 20.09 -20.20
CA GLY D 168 -46.72 19.11 -19.37
C GLY D 168 -45.88 19.79 -18.29
N ILE D 169 -45.16 20.85 -18.67
CA ILE D 169 -44.31 21.63 -17.72
C ILE D 169 -45.18 22.19 -16.60
N ALA D 170 -46.33 22.78 -16.96
CA ALA D 170 -47.26 23.38 -15.99
C ALA D 170 -47.80 22.30 -15.04
N ALA D 171 -48.22 21.15 -15.59
CA ALA D 171 -48.76 20.05 -14.76
C ALA D 171 -47.68 19.57 -13.78
N LEU D 172 -46.49 19.27 -14.31
CA LEU D 172 -45.35 18.79 -13.48
C LEU D 172 -45.01 19.82 -12.40
N GLU D 173 -44.95 21.10 -12.78
CA GLU D 173 -44.60 22.19 -11.83
C GLU D 173 -45.62 22.27 -10.68
N LYS D 174 -46.91 22.10 -10.97
CA LYS D 174 -47.96 22.17 -9.94
C LYS D 174 -47.90 20.96 -9.01
N ALA D 175 -47.77 19.76 -9.57
CA ALA D 175 -47.73 18.50 -8.77
C ALA D 175 -46.41 18.33 -8.03
N HIS D 176 -45.27 18.67 -8.66
CA HIS D 176 -43.95 18.49 -7.99
C HIS D 176 -43.01 19.66 -8.28
N PRO D 177 -43.17 20.81 -7.59
CA PRO D 177 -42.30 21.96 -7.82
C PRO D 177 -40.84 21.80 -7.33
N ASP D 178 -40.53 20.73 -6.60
CA ASP D 178 -39.14 20.53 -6.10
C ASP D 178 -38.30 19.73 -7.10
N VAL D 179 -38.90 19.13 -8.13
CA VAL D 179 -38.07 18.37 -9.12
C VAL D 179 -37.42 19.41 -10.03
N GLU D 180 -36.36 19.01 -10.75
CA GLU D 180 -35.68 19.94 -11.68
C GLU D 180 -35.80 19.32 -13.08
N LEU D 181 -36.35 20.08 -14.03
CA LEU D 181 -36.54 19.57 -15.42
C LEU D 181 -35.41 20.00 -16.34
N TYR D 182 -34.94 19.06 -17.16
CA TYR D 182 -33.88 19.27 -18.19
C TYR D 182 -34.49 18.81 -19.51
N THR D 183 -34.54 19.69 -20.51
CA THR D 183 -35.12 19.32 -21.82
C THR D 183 -34.28 19.90 -22.96
N ALA D 184 -34.25 19.23 -24.11
CA ALA D 184 -33.49 19.72 -25.28
C ALA D 184 -34.34 20.79 -25.98
N SER D 185 -35.62 20.89 -25.60
CA SER D 185 -36.52 21.89 -26.24
C SER D 185 -37.86 22.02 -25.51
N VAL D 186 -38.46 23.20 -25.64
CA VAL D 186 -39.80 23.56 -25.08
C VAL D 186 -40.63 23.91 -26.31
N ASP D 187 -41.40 22.95 -26.83
CA ASP D 187 -42.23 23.17 -28.04
C ASP D 187 -43.44 24.07 -27.74
N LYS D 188 -44.22 24.39 -28.77
CA LYS D 188 -45.40 25.29 -28.70
C LYS D 188 -46.56 24.68 -27.91
N GLY D 189 -46.96 23.43 -28.20
CA GLY D 189 -48.09 22.85 -27.44
C GLY D 189 -48.43 21.43 -27.86
N LEU D 190 -49.72 21.09 -27.78
CA LEU D 190 -50.24 19.74 -28.14
C LEU D 190 -51.26 19.85 -29.27
N ASN D 191 -51.48 18.76 -30.01
CA ASN D 191 -52.47 18.73 -31.11
C ASN D 191 -53.73 18.05 -30.56
N GLU D 192 -54.73 17.84 -31.43
CA GLU D 192 -56.02 17.20 -31.03
C GLU D 192 -55.82 15.77 -30.51
N HIS D 193 -54.66 15.14 -30.77
CA HIS D 193 -54.43 13.73 -30.32
C HIS D 193 -53.47 13.65 -29.14
N GLY D 194 -53.03 14.78 -28.58
CA GLY D 194 -52.12 14.77 -27.41
C GLY D 194 -50.65 14.77 -27.79
N TYR D 195 -50.33 14.65 -29.09
CA TYR D 195 -48.91 14.67 -29.53
C TYR D 195 -48.34 16.08 -29.40
N ILE D 196 -47.05 16.18 -29.07
CA ILE D 196 -46.36 17.49 -28.92
C ILE D 196 -46.11 18.02 -30.34
N ILE D 197 -46.23 19.34 -30.53
CA ILE D 197 -46.02 20.01 -31.85
C ILE D 197 -45.10 21.21 -31.64
N PRO D 198 -44.06 21.41 -32.50
CA PRO D 198 -43.76 20.53 -33.63
C PRO D 198 -43.51 19.08 -33.21
N GLY D 199 -42.92 18.88 -32.02
CA GLY D 199 -42.63 17.55 -31.43
C GLY D 199 -41.74 16.66 -32.29
N LEU D 200 -41.75 15.37 -31.96
CA LEU D 200 -40.95 14.31 -32.65
C LEU D 200 -41.87 13.20 -33.14
N GLY D 201 -43.18 13.33 -32.94
CA GLY D 201 -44.12 12.28 -33.36
C GLY D 201 -44.16 11.17 -32.33
N ASP D 202 -44.31 9.92 -32.78
CA ASP D 202 -44.35 8.78 -31.83
C ASP D 202 -42.90 8.33 -31.57
N ALA D 203 -42.22 9.03 -30.66
CA ALA D 203 -40.81 8.75 -30.30
C ALA D 203 -40.60 7.26 -29.98
N GLY D 204 -41.49 6.68 -29.18
CA GLY D 204 -41.39 5.25 -28.81
C GLY D 204 -41.27 4.35 -30.02
N ASP D 205 -42.18 4.50 -30.98
CA ASP D 205 -42.19 3.67 -32.23
C ASP D 205 -40.94 3.94 -33.07
N LYS D 206 -40.52 5.21 -33.19
CA LYS D 206 -39.31 5.58 -34.00
C LYS D 206 -38.03 4.97 -33.39
N ILE D 207 -37.92 4.95 -32.05
CA ILE D 207 -36.70 4.40 -31.37
C ILE D 207 -36.62 2.88 -31.51
N PHE D 208 -37.75 2.16 -31.45
CA PHE D 208 -37.72 0.68 -31.50
C PHE D 208 -38.03 0.15 -32.92
N GLY D 209 -38.82 0.86 -33.71
CA GLY D 209 -39.13 0.40 -35.08
C GLY D 209 -40.51 -0.25 -35.19
N THR D 210 -41.39 -0.04 -34.19
CA THR D 210 -42.76 -0.60 -34.23
C THR D 210 -43.65 0.35 -35.04
N LYS D 211 -44.86 -0.07 -35.41
CA LYS D 211 -45.78 0.78 -36.21
C LYS D 211 -47.18 0.76 -35.60
N ASN E 2 21.52 -13.17 -32.73
CA ASN E 2 21.33 -12.30 -31.51
C ASN E 2 22.46 -12.58 -30.51
N ALA E 3 23.12 -11.52 -30.04
CA ALA E 3 24.24 -11.64 -29.07
C ALA E 3 23.71 -12.19 -27.73
N MET E 4 24.57 -12.88 -26.98
CA MET E 4 24.21 -13.46 -25.67
C MET E 4 24.09 -12.34 -24.62
N LYS E 5 23.03 -12.35 -23.82
CA LYS E 5 22.84 -11.32 -22.78
C LYS E 5 23.82 -11.58 -21.63
N ILE E 6 24.60 -10.57 -21.26
CA ILE E 6 25.61 -10.66 -20.15
C ILE E 6 25.24 -9.62 -19.10
N VAL E 7 25.03 -10.04 -17.85
CA VAL E 7 24.66 -9.09 -16.76
C VAL E 7 25.77 -9.15 -15.70
N GLU E 8 26.58 -8.09 -15.62
CA GLU E 8 27.64 -8.02 -14.60
C GLU E 8 27.00 -7.28 -13.41
N VAL E 9 26.74 -7.99 -12.31
CA VAL E 9 26.10 -7.36 -11.12
C VAL E 9 27.10 -6.40 -10.46
N LYS E 10 26.86 -5.09 -10.60
CA LYS E 10 27.74 -4.03 -10.03
C LYS E 10 27.10 -3.42 -8.77
N HIS E 11 26.27 -4.19 -8.06
CA HIS E 11 25.63 -3.69 -6.82
C HIS E 11 26.74 -3.51 -5.78
N PRO E 12 26.78 -2.41 -5.01
CA PRO E 12 27.83 -2.20 -4.01
C PRO E 12 28.01 -3.36 -3.02
N LEU E 13 26.93 -4.03 -2.62
CA LEU E 13 27.09 -5.17 -1.66
C LEU E 13 27.73 -6.36 -2.38
N VAL E 14 27.40 -6.55 -3.67
CA VAL E 14 27.99 -7.69 -4.43
C VAL E 14 29.49 -7.43 -4.67
N LYS E 15 29.85 -6.22 -5.12
CA LYS E 15 31.29 -5.94 -5.38
C LYS E 15 32.04 -5.83 -4.05
N HIS E 16 31.34 -5.57 -2.94
CA HIS E 16 32.01 -5.50 -1.62
C HIS E 16 32.32 -6.91 -1.13
N LYS E 17 31.31 -7.79 -1.12
CA LYS E 17 31.45 -9.19 -0.67
C LYS E 17 32.43 -9.94 -1.59
N LEU E 18 32.34 -9.72 -2.91
CA LEU E 18 33.27 -10.40 -3.85
C LEU E 18 34.70 -9.92 -3.53
N GLY E 19 34.85 -8.64 -3.17
CA GLY E 19 36.18 -8.08 -2.83
C GLY E 19 36.78 -8.81 -1.65
N LEU E 20 35.98 -9.07 -0.62
CA LEU E 20 36.44 -9.79 0.61
C LEU E 20 36.89 -11.22 0.24
N MET E 21 36.21 -11.84 -0.73
CA MET E 21 36.52 -13.24 -1.16
C MET E 21 37.88 -13.30 -1.89
N ARG E 22 38.35 -12.17 -2.45
CA ARG E 22 39.65 -12.18 -3.19
C ARG E 22 40.83 -12.15 -2.21
N GLU E 23 40.60 -11.77 -0.95
CA GLU E 23 41.69 -11.69 0.08
C GLU E 23 42.33 -13.09 0.15
N HIS E 24 43.66 -13.18 0.03
CA HIS E 24 44.41 -14.46 -0.02
C HIS E 24 44.34 -15.30 1.27
N ASP E 25 44.27 -14.69 2.46
CA ASP E 25 44.25 -15.55 3.69
C ASP E 25 42.86 -15.56 4.34
N ILE E 26 41.80 -15.59 3.52
CA ILE E 26 40.41 -15.63 4.05
C ILE E 26 40.13 -17.07 4.49
N SER E 27 39.36 -17.24 5.59
CA SER E 27 39.04 -18.59 6.12
C SER E 27 38.02 -19.30 5.21
N THR E 28 38.02 -20.62 5.23
CA THR E 28 37.07 -21.43 4.43
C THR E 28 35.65 -21.02 4.80
N LYS E 29 35.38 -20.98 6.11
CA LYS E 29 34.07 -20.60 6.70
C LYS E 29 33.55 -19.27 6.15
N ARG E 30 34.40 -18.24 6.16
CA ARG E 30 34.05 -16.86 5.75
C ARG E 30 33.93 -16.80 4.21
N PHE E 31 34.69 -17.62 3.48
CA PHE E 31 34.63 -17.65 2.00
C PHE E 31 33.38 -18.43 1.57
N ARG E 32 33.02 -19.44 2.37
CA ARG E 32 31.85 -20.33 2.15
C ARG E 32 30.55 -19.53 2.28
N GLU E 33 30.43 -18.69 3.33
CA GLU E 33 29.18 -17.89 3.53
C GLU E 33 29.04 -16.85 2.43
N LEU E 34 30.10 -16.07 2.15
CA LEU E 34 30.07 -15.03 1.09
C LEU E 34 29.72 -15.66 -0.25
N ALA E 35 30.25 -16.86 -0.54
CA ALA E 35 29.94 -17.55 -1.81
C ALA E 35 28.43 -17.70 -1.96
N SER E 36 27.77 -18.16 -0.89
CA SER E 36 26.29 -18.35 -0.90
C SER E 36 25.58 -16.99 -0.86
N GLU E 37 26.09 -16.06 -0.05
CA GLU E 37 25.47 -14.72 0.08
C GLU E 37 25.45 -14.09 -1.32
N VAL E 38 26.60 -14.06 -2.01
CA VAL E 38 26.69 -13.47 -3.39
C VAL E 38 25.86 -14.32 -4.35
N GLY E 39 25.76 -15.63 -4.10
CA GLY E 39 24.95 -16.51 -4.98
C GLY E 39 23.48 -16.16 -4.91
N SER E 40 22.99 -15.82 -3.71
CA SER E 40 21.55 -15.46 -3.52
C SER E 40 21.27 -14.12 -4.24
N LEU E 41 22.23 -13.20 -4.18
CA LEU E 41 22.06 -11.87 -4.85
C LEU E 41 22.06 -12.06 -6.37
N LEU E 42 22.82 -13.02 -6.88
CA LEU E 42 22.83 -13.27 -8.35
C LEU E 42 21.50 -13.92 -8.73
N THR E 43 20.94 -14.73 -7.83
CA THR E 43 19.65 -15.41 -8.08
C THR E 43 18.56 -14.35 -8.22
N TYR E 44 18.54 -13.37 -7.31
CA TYR E 44 17.54 -12.26 -7.32
C TYR E 44 17.64 -11.53 -8.67
N GLU E 45 18.88 -11.22 -9.10
CA GLU E 45 19.14 -10.53 -10.39
C GLU E 45 18.67 -11.38 -11.58
N ALA E 46 18.90 -12.69 -11.52
CA ALA E 46 18.53 -13.62 -12.63
C ALA E 46 17.04 -14.02 -12.59
N THR E 47 16.29 -13.61 -11.56
CA THR E 47 14.85 -13.99 -11.49
C THR E 47 13.97 -12.74 -11.61
N ALA E 48 14.53 -11.63 -12.07
CA ALA E 48 13.76 -10.37 -12.21
C ALA E 48 12.80 -10.44 -13.41
N ASP E 49 13.03 -11.37 -14.34
CA ASP E 49 12.17 -11.48 -15.56
C ASP E 49 11.15 -12.61 -15.42
N LEU E 50 11.07 -13.30 -14.28
CA LEU E 50 10.07 -14.40 -14.14
C LEU E 50 8.67 -13.85 -14.43
N GLU E 51 7.91 -14.54 -15.29
CA GLU E 51 6.53 -14.09 -15.65
C GLU E 51 5.60 -14.40 -14.48
N THR E 52 4.58 -13.57 -14.29
CA THR E 52 3.59 -13.75 -13.18
C THR E 52 2.17 -13.69 -13.75
N GLU E 53 1.19 -14.13 -12.95
CA GLU E 53 -0.25 -14.12 -13.33
C GLU E 53 -1.05 -13.68 -12.10
N LYS E 54 -2.03 -12.80 -12.31
CA LYS E 54 -2.88 -12.28 -11.21
C LYS E 54 -3.90 -13.36 -10.81
N VAL E 55 -4.03 -13.62 -9.51
CA VAL E 55 -4.97 -14.65 -8.98
C VAL E 55 -5.68 -14.07 -7.75
N THR E 56 -7.00 -14.33 -7.63
CA THR E 56 -7.78 -13.82 -6.48
C THR E 56 -7.78 -14.88 -5.36
N ILE E 57 -7.21 -14.54 -4.20
CA ILE E 57 -7.14 -15.48 -3.04
C ILE E 57 -7.92 -14.83 -1.87
N GLU E 58 -8.21 -15.59 -0.81
CA GLU E 58 -8.94 -15.03 0.35
C GLU E 58 -7.94 -14.31 1.26
N GLY E 59 -7.99 -12.98 1.29
CA GLY E 59 -7.08 -12.16 2.10
C GLY E 59 -7.59 -11.94 3.51
N TRP E 60 -6.91 -11.06 4.25
CA TRP E 60 -7.28 -10.73 5.66
C TRP E 60 -8.59 -9.94 5.70
N ASN E 61 -8.77 -9.01 4.74
CA ASN E 61 -9.99 -8.18 4.69
C ASN E 61 -10.87 -8.64 3.51
N GLY E 62 -10.98 -9.95 3.32
CA GLY E 62 -11.79 -10.52 2.23
C GLY E 62 -10.95 -10.79 0.98
N PRO E 63 -11.59 -11.15 -0.16
CA PRO E 63 -10.87 -11.43 -1.41
C PRO E 63 -9.90 -10.33 -1.81
N VAL E 64 -8.71 -10.72 -2.28
CA VAL E 64 -7.63 -9.80 -2.73
C VAL E 64 -6.94 -10.39 -3.95
N GLU E 65 -6.56 -9.54 -4.90
CA GLU E 65 -5.88 -9.97 -6.14
C GLU E 65 -4.35 -9.91 -5.93
N VAL E 66 -3.69 -11.06 -5.94
CA VAL E 66 -2.21 -11.16 -5.75
C VAL E 66 -1.58 -11.63 -7.05
N GLU E 67 -0.25 -11.84 -7.05
CA GLU E 67 0.45 -12.32 -8.26
C GLU E 67 1.25 -13.57 -7.89
N GLN E 68 1.19 -14.60 -8.76
CA GLN E 68 1.91 -15.87 -8.55
C GLN E 68 2.84 -16.12 -9.75
N ILE E 69 3.97 -16.76 -9.51
CA ILE E 69 4.94 -17.09 -10.59
C ILE E 69 4.36 -18.27 -11.38
N LYS E 70 3.97 -18.06 -12.64
CA LYS E 70 3.38 -19.17 -13.42
C LYS E 70 4.50 -20.09 -13.90
N GLY E 71 4.14 -21.28 -14.39
CA GLY E 71 5.12 -22.26 -14.88
C GLY E 71 5.51 -23.24 -13.79
N LYS E 72 6.19 -24.33 -14.16
CA LYS E 72 6.62 -25.35 -13.17
C LYS E 72 7.83 -24.80 -12.38
N LYS E 73 8.15 -25.43 -11.25
CA LYS E 73 9.26 -25.00 -10.38
C LYS E 73 10.59 -24.99 -11.14
N ILE E 74 11.45 -24.02 -10.81
CA ILE E 74 12.80 -23.83 -11.41
C ILE E 74 13.70 -25.00 -11.00
N THR E 75 14.75 -25.25 -11.76
CA THR E 75 15.71 -26.34 -11.39
C THR E 75 17.11 -25.70 -11.29
N VAL E 76 17.75 -25.83 -10.13
CA VAL E 76 19.12 -25.30 -9.94
C VAL E 76 20.07 -26.43 -10.33
N VAL E 77 21.03 -26.16 -11.22
CA VAL E 77 21.97 -27.21 -11.70
C VAL E 77 23.38 -26.92 -11.18
N PRO E 78 23.75 -27.42 -9.98
CA PRO E 78 25.09 -27.20 -9.45
C PRO E 78 26.05 -28.18 -10.14
N ILE E 79 27.22 -27.70 -10.56
CA ILE E 79 28.23 -28.56 -11.26
C ILE E 79 29.20 -29.11 -10.21
N LEU E 80 29.29 -30.44 -10.09
CA LEU E 80 30.23 -31.04 -9.11
C LEU E 80 31.65 -30.54 -9.43
N ARG E 81 32.41 -30.15 -8.40
CA ARG E 81 32.01 -30.17 -7.01
C ARG E 81 31.69 -28.75 -6.52
N ALA E 82 32.55 -27.79 -6.92
CA ALA E 82 32.46 -26.35 -6.58
C ALA E 82 31.02 -25.81 -6.65
N GLY E 83 30.23 -26.26 -7.62
CA GLY E 83 28.83 -25.79 -7.78
C GLY E 83 27.98 -26.03 -6.54
N LEU E 84 28.25 -27.10 -5.79
CA LEU E 84 27.46 -27.40 -4.57
C LEU E 84 27.63 -26.28 -3.53
N GLY E 85 28.76 -25.56 -3.59
CA GLY E 85 29.05 -24.46 -2.65
C GLY E 85 28.17 -23.23 -2.84
N MET E 86 27.45 -23.15 -3.97
CA MET E 86 26.56 -21.99 -4.23
C MET E 86 25.10 -22.44 -4.31
N MET E 87 24.86 -23.73 -4.07
CA MET E 87 23.50 -24.32 -4.14
C MET E 87 22.59 -23.70 -3.05
N GLU E 88 23.05 -23.68 -1.80
CA GLU E 88 22.24 -23.13 -0.67
C GLU E 88 21.90 -21.66 -0.90
N GLY E 89 22.80 -20.88 -1.50
CA GLY E 89 22.54 -19.45 -1.77
C GLY E 89 21.40 -19.26 -2.77
N VAL E 90 21.33 -20.12 -3.79
CA VAL E 90 20.28 -20.05 -4.83
C VAL E 90 18.93 -20.53 -4.26
N LEU E 91 18.96 -21.54 -3.39
CA LEU E 91 17.71 -22.09 -2.80
C LEU E 91 17.11 -21.11 -1.77
N GLU E 92 17.92 -20.15 -1.30
CA GLU E 92 17.45 -19.18 -0.28
C GLU E 92 16.18 -18.46 -0.74
N HIS E 93 16.10 -18.02 -1.99
CA HIS E 93 14.89 -17.27 -2.46
C HIS E 93 13.95 -18.17 -3.28
N VAL E 94 14.42 -19.35 -3.68
CA VAL E 94 13.59 -20.33 -4.44
C VAL E 94 13.77 -21.70 -3.77
N PRO E 95 13.38 -21.82 -2.49
CA PRO E 95 13.55 -23.07 -1.73
C PRO E 95 12.78 -24.28 -2.27
N SER E 96 11.83 -24.07 -3.19
CA SER E 96 11.06 -25.21 -3.76
C SER E 96 11.73 -25.67 -5.05
N ALA E 97 12.83 -25.01 -5.44
CA ALA E 97 13.55 -25.36 -6.68
C ALA E 97 14.01 -26.83 -6.66
N ARG E 98 13.86 -27.50 -7.80
CA ARG E 98 14.28 -28.91 -7.98
C ARG E 98 15.80 -28.90 -8.20
N ILE E 99 16.54 -29.80 -7.56
CA ILE E 99 18.03 -29.80 -7.69
C ILE E 99 18.48 -30.89 -8.68
N SER E 100 19.12 -30.47 -9.79
CA SER E 100 19.63 -31.37 -10.85
C SER E 100 21.17 -31.38 -10.82
N VAL E 101 21.76 -32.28 -10.04
CA VAL E 101 23.25 -32.37 -9.92
C VAL E 101 23.83 -32.96 -11.21
N VAL E 102 24.96 -32.40 -11.66
CA VAL E 102 25.64 -32.87 -12.90
C VAL E 102 27.16 -32.86 -12.70
N GLY E 103 27.82 -33.94 -13.10
CA GLY E 103 29.29 -34.10 -13.02
C GLY E 103 29.87 -34.25 -14.41
N ILE E 104 30.81 -33.41 -14.80
CA ILE E 104 31.42 -33.47 -16.16
C ILE E 104 32.87 -33.97 -16.10
N TYR E 105 33.23 -34.85 -17.04
CA TYR E 105 34.60 -35.41 -17.17
C TYR E 105 35.18 -34.95 -18.52
N ARG E 106 36.31 -34.24 -18.49
CA ARG E 106 36.95 -33.74 -19.73
C ARG E 106 38.09 -34.68 -20.10
N ASN E 107 38.09 -35.22 -21.34
CA ASN E 107 39.12 -36.16 -21.81
C ASN E 107 39.84 -35.59 -23.04
N GLU E 108 41.18 -35.77 -23.10
CA GLU E 108 42.01 -35.29 -24.24
C GLU E 108 41.60 -36.04 -25.52
N GLU E 109 41.09 -37.28 -25.37
CA GLU E 109 40.67 -38.13 -26.52
C GLU E 109 39.26 -37.82 -27.04
N THR E 110 38.23 -38.19 -26.27
CA THR E 110 36.79 -37.93 -26.58
C THR E 110 36.59 -36.52 -27.14
N LEU E 111 35.78 -36.39 -28.19
CA LEU E 111 35.47 -35.08 -28.83
C LEU E 111 34.80 -34.11 -27.86
N GLU E 112 33.55 -34.41 -27.47
CA GLU E 112 32.80 -33.58 -26.49
C GLU E 112 32.93 -34.20 -25.09
N PRO E 113 33.26 -33.41 -24.04
CA PRO E 113 33.36 -33.96 -22.68
C PRO E 113 32.06 -34.72 -22.35
N VAL E 114 32.17 -35.84 -21.63
CA VAL E 114 30.99 -36.68 -21.28
C VAL E 114 30.70 -36.57 -19.78
N PRO E 115 29.41 -36.61 -19.36
CA PRO E 115 29.06 -36.54 -17.95
C PRO E 115 29.28 -37.89 -17.24
N TYR E 116 29.89 -37.87 -16.05
CA TYR E 116 30.13 -39.11 -15.28
C TYR E 116 28.99 -39.33 -14.27
N PHE E 117 28.19 -38.27 -14.05
CA PHE E 117 27.04 -38.34 -13.10
C PHE E 117 25.99 -37.31 -13.52
N GLN E 118 24.71 -37.70 -13.48
CA GLN E 118 23.60 -36.76 -13.84
C GLN E 118 22.28 -37.28 -13.25
N LYS E 119 21.58 -36.40 -12.54
CA LYS E 119 20.25 -36.67 -11.91
C LYS E 119 19.36 -35.47 -12.25
N LEU E 120 18.95 -35.36 -13.51
CA LEU E 120 18.08 -34.24 -13.94
C LEU E 120 16.66 -34.45 -13.43
N VAL E 121 15.97 -33.34 -13.15
CA VAL E 121 14.56 -33.39 -12.66
C VAL E 121 13.67 -33.79 -13.84
N SER E 122 12.45 -34.27 -13.56
CA SER E 122 11.49 -34.68 -14.61
C SER E 122 10.84 -33.46 -15.26
N ASN E 123 10.45 -33.57 -16.53
CA ASN E 123 9.78 -32.47 -17.29
C ASN E 123 10.68 -31.23 -17.31
N ILE E 124 11.98 -31.40 -17.58
CA ILE E 124 12.93 -30.24 -17.61
C ILE E 124 12.64 -29.36 -18.82
N ASP E 125 11.92 -29.88 -19.82
CA ASP E 125 11.59 -29.09 -21.03
C ASP E 125 10.50 -28.06 -20.69
N GLU E 126 9.99 -28.10 -19.46
CA GLU E 126 8.94 -27.17 -18.98
C GLU E 126 9.46 -26.40 -17.76
N ARG E 127 10.78 -26.30 -17.61
CA ARG E 127 11.38 -25.60 -16.44
C ARG E 127 12.57 -24.72 -16.86
N MET E 128 12.83 -23.67 -16.09
CA MET E 128 13.99 -22.78 -16.33
C MET E 128 15.16 -23.42 -15.56
N ALA E 129 16.36 -23.39 -16.12
CA ALA E 129 17.52 -23.99 -15.42
C ALA E 129 18.51 -22.90 -14.99
N LEU E 130 18.86 -22.89 -13.70
CA LEU E 130 19.87 -21.95 -13.15
C LEU E 130 21.15 -22.75 -12.94
N VAL E 131 22.05 -22.74 -13.93
CA VAL E 131 23.33 -23.52 -13.81
C VAL E 131 24.26 -22.70 -12.89
N VAL E 132 24.75 -23.34 -11.84
CA VAL E 132 25.61 -22.62 -10.85
C VAL E 132 27.01 -23.26 -10.77
N ASP E 133 28.03 -22.40 -10.71
CA ASP E 133 29.45 -22.85 -10.63
C ASP E 133 30.25 -21.61 -10.23
N PRO E 134 31.13 -21.65 -9.20
CA PRO E 134 31.88 -20.47 -8.80
C PRO E 134 32.64 -19.70 -9.89
N MET E 135 33.21 -20.40 -10.88
CA MET E 135 34.01 -19.67 -11.91
C MET E 135 33.75 -20.18 -13.34
N LEU E 136 33.94 -19.28 -14.31
CA LEU E 136 33.79 -19.53 -15.76
C LEU E 136 35.13 -19.14 -16.41
N ALA E 137 36.09 -20.05 -16.44
CA ALA E 137 37.43 -19.76 -17.03
C ALA E 137 37.52 -19.92 -18.54
N THR E 138 37.47 -21.17 -19.02
CA THR E 138 37.43 -21.49 -20.49
C THR E 138 35.98 -21.73 -20.92
N GLY E 139 35.12 -22.15 -19.98
CA GLY E 139 33.69 -22.41 -20.27
C GLY E 139 33.44 -23.86 -20.66
N GLY E 140 34.47 -24.69 -20.74
CA GLY E 140 34.34 -26.11 -21.12
C GLY E 140 33.29 -26.85 -20.30
N SER E 141 33.40 -26.80 -18.97
CA SER E 141 32.42 -27.49 -18.07
C SER E 141 31.01 -26.92 -18.26
N MET E 142 30.89 -25.60 -18.22
CA MET E 142 29.56 -24.93 -18.37
C MET E 142 28.93 -25.30 -19.72
N ILE E 143 29.70 -25.18 -20.81
CA ILE E 143 29.20 -25.51 -22.18
C ILE E 143 28.77 -26.99 -22.24
N ALA E 144 29.49 -27.87 -21.54
CA ALA E 144 29.16 -29.32 -21.55
C ALA E 144 27.87 -29.55 -20.76
N THR E 145 27.73 -28.86 -19.62
CA THR E 145 26.51 -28.99 -18.77
C THR E 145 25.29 -28.52 -19.56
N ILE E 146 25.44 -27.39 -20.28
CA ILE E 146 24.32 -26.83 -21.10
C ILE E 146 23.99 -27.81 -22.24
N ASP E 147 25.00 -28.50 -22.80
CA ASP E 147 24.75 -29.48 -23.89
C ASP E 147 23.81 -30.58 -23.36
N LEU E 148 24.11 -31.07 -22.16
CA LEU E 148 23.28 -32.14 -21.53
C LEU E 148 21.86 -31.63 -21.29
N LEU E 149 21.71 -30.43 -20.73
CA LEU E 149 20.37 -29.84 -20.44
C LEU E 149 19.56 -29.73 -21.73
N LYS E 150 20.16 -29.24 -22.82
CA LYS E 150 19.40 -29.10 -24.10
C LYS E 150 19.01 -30.48 -24.64
N ASN E 151 19.92 -31.47 -24.59
CA ASN E 151 19.60 -32.83 -25.08
C ASN E 151 18.43 -33.38 -24.27
N ALA E 152 18.27 -32.92 -23.02
CA ALA E 152 17.17 -33.38 -22.13
C ALA E 152 15.88 -32.62 -22.49
N GLY E 153 15.99 -31.56 -23.30
CA GLY E 153 14.83 -30.76 -23.74
C GLY E 153 14.68 -29.40 -23.06
N CYS E 154 15.63 -28.98 -22.23
CA CYS E 154 15.51 -27.66 -21.56
C CYS E 154 15.70 -26.53 -22.59
N THR E 155 14.86 -25.50 -22.57
CA THR E 155 14.90 -24.36 -23.54
C THR E 155 15.22 -23.03 -22.85
N SER E 156 14.95 -22.92 -21.54
CA SER E 156 15.21 -21.67 -20.79
C SER E 156 16.37 -21.92 -19.83
N ILE E 157 17.55 -21.37 -20.13
CA ILE E 157 18.74 -21.62 -19.28
C ILE E 157 19.44 -20.30 -18.92
N LYS E 158 19.79 -20.15 -17.65
CA LYS E 158 20.51 -18.95 -17.12
C LYS E 158 21.77 -19.48 -16.43
N VAL E 159 22.86 -18.70 -16.44
CA VAL E 159 24.14 -19.16 -15.81
C VAL E 159 24.52 -18.17 -14.69
N LEU E 160 24.82 -18.70 -13.50
CA LEU E 160 25.23 -17.87 -12.34
C LEU E 160 26.65 -18.25 -11.91
N VAL E 161 27.60 -17.31 -12.00
CA VAL E 161 29.02 -17.59 -11.60
C VAL E 161 29.54 -16.37 -10.84
N LEU E 162 30.47 -16.58 -9.91
CA LEU E 162 31.05 -15.45 -9.13
C LEU E 162 31.94 -14.61 -10.06
N VAL E 163 32.92 -15.25 -10.71
CA VAL E 163 33.84 -14.53 -11.63
C VAL E 163 33.86 -15.25 -12.98
N ALA E 164 34.04 -14.49 -14.07
CA ALA E 164 34.09 -15.04 -15.43
C ALA E 164 35.20 -14.34 -16.23
N ALA E 165 35.90 -15.10 -17.07
CA ALA E 165 36.99 -14.53 -17.91
C ALA E 165 36.44 -14.28 -19.32
N PRO E 166 36.92 -13.25 -20.04
CA PRO E 166 36.44 -12.98 -21.40
C PRO E 166 36.46 -14.23 -22.30
N GLU E 167 37.50 -15.06 -22.18
CA GLU E 167 37.61 -16.30 -23.01
C GLU E 167 36.36 -17.17 -22.78
N GLY E 168 36.03 -17.44 -21.51
CA GLY E 168 34.86 -18.26 -21.15
C GLY E 168 33.56 -17.64 -21.64
N ILE E 169 33.41 -16.33 -21.48
CA ILE E 169 32.20 -15.60 -21.95
C ILE E 169 32.08 -15.75 -23.47
N ALA E 170 33.21 -15.59 -24.18
CA ALA E 170 33.25 -15.71 -25.66
C ALA E 170 32.95 -17.15 -26.09
N ALA E 171 33.50 -18.13 -25.39
CA ALA E 171 33.28 -19.56 -25.74
C ALA E 171 31.80 -19.91 -25.51
N LEU E 172 31.24 -19.45 -24.40
CA LEU E 172 29.83 -19.71 -24.02
C LEU E 172 28.86 -19.03 -25.01
N GLU E 173 29.21 -17.83 -25.48
CA GLU E 173 28.33 -17.06 -26.42
C GLU E 173 28.23 -17.75 -27.79
N LYS E 174 29.33 -18.24 -28.35
CA LYS E 174 29.22 -18.88 -29.69
C LYS E 174 28.69 -20.32 -29.54
N ALA E 175 28.87 -20.94 -28.37
CA ALA E 175 28.38 -22.33 -28.16
C ALA E 175 26.86 -22.31 -27.87
N HIS E 176 26.41 -21.42 -26.97
CA HIS E 176 24.98 -21.30 -26.60
C HIS E 176 24.58 -19.84 -26.44
N PRO E 177 24.28 -19.12 -27.54
CA PRO E 177 23.91 -17.70 -27.45
C PRO E 177 22.55 -17.37 -26.81
N ASP E 178 21.66 -18.35 -26.67
CA ASP E 178 20.31 -18.09 -26.09
C ASP E 178 20.34 -18.09 -24.55
N VAL E 179 21.41 -18.60 -23.92
CA VAL E 179 21.45 -18.61 -22.43
C VAL E 179 21.82 -17.20 -21.95
N GLU E 180 21.46 -16.85 -20.70
CA GLU E 180 21.81 -15.51 -20.15
C GLU E 180 22.86 -15.73 -19.05
N LEU E 181 23.94 -14.96 -19.09
CA LEU E 181 25.02 -15.09 -18.08
C LEU E 181 24.92 -13.99 -17.02
N TYR E 182 24.99 -14.38 -15.75
CA TYR E 182 24.97 -13.46 -14.59
C TYR E 182 26.26 -13.69 -13.82
N THR E 183 27.08 -12.65 -13.65
CA THR E 183 28.37 -12.80 -12.92
C THR E 183 28.60 -11.60 -12.01
N ALA E 184 29.26 -11.83 -10.87
CA ALA E 184 29.58 -10.74 -9.93
C ALA E 184 30.76 -9.94 -10.49
N SER E 185 31.48 -10.49 -11.46
CA SER E 185 32.64 -9.77 -12.05
C SER E 185 33.15 -10.41 -13.34
N VAL E 186 33.60 -9.56 -14.26
CA VAL E 186 34.22 -9.97 -15.56
C VAL E 186 35.70 -9.60 -15.39
N ASP E 187 36.52 -10.57 -14.96
CA ASP E 187 37.97 -10.32 -14.72
C ASP E 187 38.70 -10.01 -16.03
N LYS E 188 40.00 -9.69 -15.92
CA LYS E 188 40.86 -9.32 -17.08
C LYS E 188 41.06 -10.50 -18.03
N GLY E 189 41.34 -11.70 -17.53
CA GLY E 189 41.54 -12.85 -18.43
C GLY E 189 42.01 -14.12 -17.75
N LEU E 190 42.78 -14.94 -18.46
CA LEU E 190 43.33 -16.22 -17.94
C LEU E 190 44.85 -16.16 -17.90
N ASN E 191 45.48 -16.98 -17.05
CA ASN E 191 46.96 -17.04 -16.99
C ASN E 191 47.38 -18.27 -17.79
N GLU E 192 48.68 -18.54 -17.87
CA GLU E 192 49.24 -19.69 -18.62
C GLU E 192 48.63 -21.04 -18.18
N HIS E 193 48.01 -21.11 -17.00
CA HIS E 193 47.45 -22.42 -16.55
C HIS E 193 45.92 -22.44 -16.62
N GLY E 194 45.31 -21.50 -17.34
CA GLY E 194 43.84 -21.46 -17.49
C GLY E 194 43.11 -20.96 -16.26
N TYR E 195 43.82 -20.40 -15.27
CA TYR E 195 43.15 -19.87 -14.05
C TYR E 195 42.78 -18.40 -14.28
N ILE E 196 41.59 -18.00 -13.83
CA ILE E 196 41.09 -16.60 -13.99
C ILE E 196 41.96 -15.66 -13.14
N ILE E 197 42.32 -14.51 -13.71
CA ILE E 197 43.13 -13.46 -13.04
C ILE E 197 42.40 -12.13 -13.16
N PRO E 198 42.26 -11.32 -12.07
CA PRO E 198 42.77 -11.66 -10.74
C PRO E 198 42.15 -12.93 -10.13
N GLY E 199 40.92 -13.26 -10.53
CA GLY E 199 40.18 -14.46 -10.07
C GLY E 199 40.06 -14.58 -8.55
N LEU E 200 39.74 -15.80 -8.10
CA LEU E 200 39.55 -16.16 -6.67
C LEU E 200 40.49 -17.31 -6.29
N GLY E 201 41.25 -17.85 -7.25
CA GLY E 201 42.15 -18.97 -6.98
C GLY E 201 41.38 -20.27 -7.08
N ASP E 202 41.74 -21.28 -6.28
CA ASP E 202 40.99 -22.57 -6.33
C ASP E 202 39.75 -22.42 -5.45
N ALA E 203 38.69 -21.84 -6.02
CA ALA E 203 37.40 -21.60 -5.31
C ALA E 203 36.92 -22.87 -4.61
N GLY E 204 36.78 -23.97 -5.36
CA GLY E 204 36.31 -25.25 -4.79
C GLY E 204 36.96 -25.59 -3.46
N ASP E 205 38.29 -25.60 -3.40
CA ASP E 205 39.04 -25.93 -2.16
C ASP E 205 38.80 -24.89 -1.06
N LYS E 206 38.68 -23.59 -1.41
CA LYS E 206 38.46 -22.57 -0.34
C LYS E 206 37.01 -22.63 0.17
N ILE E 207 36.12 -23.33 -0.50
CA ILE E 207 34.70 -23.45 -0.04
C ILE E 207 34.58 -24.65 0.92
N PHE E 208 35.12 -25.80 0.52
CA PHE E 208 35.06 -27.04 1.34
C PHE E 208 36.26 -27.16 2.29
N GLY E 209 37.31 -26.33 2.10
CA GLY E 209 38.49 -26.36 2.98
C GLY E 209 39.42 -27.53 2.66
N THR E 210 39.64 -27.81 1.37
CA THR E 210 40.52 -28.92 0.93
C THR E 210 41.81 -28.31 0.34
N LYS E 211 42.59 -29.12 -0.40
CA LYS E 211 43.87 -28.63 -1.01
C LYS E 211 44.15 -29.39 -2.31
N ALA F 3 10.57 16.58 -3.15
CA ALA F 3 9.62 15.43 -3.27
C ALA F 3 10.30 14.16 -2.75
N MET F 4 9.65 13.45 -1.84
CA MET F 4 10.22 12.20 -1.26
C MET F 4 10.35 11.12 -2.33
N LYS F 5 11.50 10.44 -2.37
CA LYS F 5 11.75 9.35 -3.34
C LYS F 5 10.94 8.12 -2.87
N ILE F 6 10.11 7.58 -3.76
CA ILE F 6 9.26 6.39 -3.46
C ILE F 6 9.60 5.29 -4.45
N VAL F 7 10.03 4.13 -3.95
CA VAL F 7 10.38 2.98 -4.84
C VAL F 7 9.49 1.79 -4.48
N GLU F 8 8.57 1.43 -5.38
CA GLU F 8 7.69 0.25 -5.15
C GLU F 8 8.38 -0.92 -5.83
N VAL F 9 8.95 -1.85 -5.05
CA VAL F 9 9.67 -3.03 -5.59
C VAL F 9 8.65 -3.92 -6.32
N LYS F 10 8.82 -4.09 -7.63
CA LYS F 10 7.91 -4.90 -8.48
C LYS F 10 8.59 -6.21 -8.90
N HIS F 11 9.65 -6.61 -8.21
CA HIS F 11 10.36 -7.87 -8.56
C HIS F 11 9.40 -9.04 -8.39
N PRO F 12 9.31 -9.97 -9.38
CA PRO F 12 8.40 -11.10 -9.29
C PRO F 12 8.44 -11.86 -7.94
N LEU F 13 9.64 -12.13 -7.40
CA LEU F 13 9.76 -12.85 -6.10
C LEU F 13 9.19 -12.02 -4.96
N VAL F 14 9.35 -10.68 -5.01
CA VAL F 14 8.81 -9.81 -3.92
C VAL F 14 7.27 -9.84 -3.99
N LYS F 15 6.71 -9.72 -5.19
N LYS F 15 6.71 -9.73 -5.19
CA LYS F 15 5.22 -9.72 -5.36
CA LYS F 15 5.24 -9.73 -5.39
C LYS F 15 4.65 -11.10 -5.01
C LYS F 15 4.66 -11.09 -5.01
N HIS F 16 5.38 -12.17 -5.35
CA HIS F 16 4.92 -13.55 -5.06
C HIS F 16 4.91 -13.80 -3.54
N LYS F 17 6.04 -13.56 -2.87
CA LYS F 17 6.18 -13.76 -1.40
C LYS F 17 5.18 -12.88 -0.65
N LEU F 18 4.96 -11.64 -1.10
CA LEU F 18 3.98 -10.75 -0.43
C LEU F 18 2.58 -11.35 -0.60
N GLY F 19 2.28 -11.87 -1.80
CA GLY F 19 0.98 -12.50 -2.09
C GLY F 19 0.69 -13.64 -1.13
N LEU F 20 1.70 -14.45 -0.82
CA LEU F 20 1.55 -15.59 0.11
C LEU F 20 1.22 -15.06 1.51
N MET F 21 1.85 -13.95 1.92
CA MET F 21 1.62 -13.36 3.27
C MET F 21 0.19 -12.85 3.39
N ARG F 22 -0.51 -12.61 2.27
CA ARG F 22 -1.92 -12.09 2.33
C ARG F 22 -2.91 -13.23 2.60
N GLU F 23 -2.52 -14.50 2.41
CA GLU F 23 -3.45 -15.65 2.67
C GLU F 23 -3.90 -15.57 4.15
N HIS F 24 -5.21 -15.60 4.42
CA HIS F 24 -5.68 -15.47 5.83
C HIS F 24 -5.41 -16.75 6.62
N ASP F 25 -5.31 -17.90 5.95
CA ASP F 25 -5.04 -19.20 6.64
C ASP F 25 -3.53 -19.46 6.75
N ILE F 26 -2.71 -18.41 6.63
CA ILE F 26 -1.22 -18.59 6.75
C ILE F 26 -0.87 -18.72 8.23
N SER F 27 0.15 -19.53 8.54
CA SER F 27 0.60 -19.74 9.94
C SER F 27 1.57 -18.63 10.35
N THR F 28 1.84 -18.52 11.66
CA THR F 28 2.79 -17.51 12.20
C THR F 28 4.20 -17.84 11.69
N LYS F 29 4.52 -19.13 11.66
CA LYS F 29 5.85 -19.64 11.21
C LYS F 29 6.18 -19.10 9.82
N ARG F 30 5.35 -19.43 8.81
CA ARG F 30 5.61 -18.97 7.41
C ARG F 30 5.40 -17.45 7.25
N PHE F 31 4.53 -16.82 8.05
CA PHE F 31 4.31 -15.35 7.89
C PHE F 31 5.59 -14.62 8.33
N ARG F 32 6.15 -15.05 9.46
CA ARG F 32 7.41 -14.47 10.02
C ARG F 32 8.55 -14.64 9.01
N GLU F 33 8.76 -15.88 8.54
CA GLU F 33 9.83 -16.20 7.57
C GLU F 33 9.71 -15.31 6.32
N LEU F 34 8.51 -15.24 5.72
CA LEU F 34 8.33 -14.40 4.50
C LEU F 34 8.61 -12.93 4.84
N ALA F 35 8.22 -12.47 6.03
CA ALA F 35 8.48 -11.07 6.43
C ALA F 35 9.99 -10.81 6.38
N SER F 36 10.78 -11.83 6.74
CA SER F 36 12.26 -11.72 6.73
C SER F 36 12.75 -11.79 5.28
N GLU F 37 12.16 -12.67 4.47
CA GLU F 37 12.48 -12.80 3.02
C GLU F 37 12.36 -11.45 2.32
N VAL F 38 11.15 -10.89 2.33
CA VAL F 38 10.90 -9.58 1.66
C VAL F 38 11.86 -8.54 2.28
N GLY F 39 12.08 -8.59 3.59
CA GLY F 39 13.01 -7.64 4.23
C GLY F 39 14.38 -7.73 3.59
N SER F 40 14.83 -8.97 3.37
CA SER F 40 16.15 -9.26 2.74
C SER F 40 16.21 -8.62 1.35
N LEU F 41 15.16 -8.81 0.54
CA LEU F 41 15.11 -8.25 -0.83
C LEU F 41 14.96 -6.73 -0.79
N LEU F 42 14.15 -6.19 0.12
CA LEU F 42 14.00 -4.70 0.21
C LEU F 42 15.35 -4.08 0.58
N THR F 43 16.13 -4.76 1.44
CA THR F 43 17.46 -4.27 1.87
C THR F 43 18.38 -4.16 0.65
N TYR F 44 18.32 -5.15 -0.26
CA TYR F 44 19.15 -5.16 -1.49
C TYR F 44 18.75 -3.98 -2.38
N GLU F 45 17.44 -3.80 -2.61
CA GLU F 45 16.92 -2.68 -3.44
C GLU F 45 17.31 -1.33 -2.83
N ALA F 46 17.20 -1.20 -1.50
CA ALA F 46 17.50 0.06 -0.79
C ALA F 46 19.01 0.35 -0.66
N THR F 47 19.88 -0.65 -0.83
CA THR F 47 21.35 -0.41 -0.70
C THR F 47 22.05 -0.38 -2.08
N ALA F 48 21.29 -0.17 -3.16
CA ALA F 48 21.88 -0.14 -4.52
C ALA F 48 22.70 1.14 -4.73
N ASP F 49 22.43 2.21 -3.97
CA ASP F 49 23.15 3.49 -4.16
C ASP F 49 24.25 3.71 -3.09
N LEU F 50 24.53 2.73 -2.23
CA LEU F 50 25.59 2.93 -1.19
C LEU F 50 26.90 3.38 -1.86
N GLU F 51 27.60 4.33 -1.23
CA GLU F 51 28.88 4.83 -1.80
C GLU F 51 29.97 3.79 -1.53
N THR F 52 30.93 3.68 -2.46
CA THR F 52 32.05 2.72 -2.32
C THR F 52 33.37 3.50 -2.47
N GLU F 53 34.49 2.87 -2.11
CA GLU F 53 35.82 3.51 -2.22
C GLU F 53 36.84 2.44 -2.64
N LYS F 54 37.78 2.82 -3.51
CA LYS F 54 38.82 1.89 -4.00
C LYS F 54 39.79 1.55 -2.86
N VAL F 55 40.15 0.27 -2.74
CA VAL F 55 41.10 -0.21 -1.70
C VAL F 55 41.96 -1.31 -2.33
N THR F 56 43.25 -1.33 -2.03
CA THR F 56 44.15 -2.38 -2.59
C THR F 56 44.35 -3.48 -1.56
N ILE F 57 44.17 -4.74 -1.97
CA ILE F 57 44.36 -5.92 -1.07
C ILE F 57 45.19 -6.96 -1.81
N GLU F 58 45.77 -7.92 -1.08
CA GLU F 58 46.61 -8.97 -1.70
C GLU F 58 45.71 -10.15 -2.10
N GLY F 59 45.60 -10.42 -3.41
CA GLY F 59 44.78 -11.52 -3.95
C GLY F 59 45.57 -12.81 -3.98
N TRP F 60 45.02 -13.87 -4.59
CA TRP F 60 45.74 -15.17 -4.63
C TRP F 60 46.85 -15.10 -5.69
N ASN F 61 46.63 -14.29 -6.74
CA ASN F 61 47.60 -14.16 -7.87
C ASN F 61 48.43 -12.87 -7.70
N GLY F 62 48.11 -12.06 -6.71
CA GLY F 62 48.87 -10.80 -6.50
C GLY F 62 47.95 -9.65 -6.09
N PRO F 63 48.48 -8.41 -6.02
CA PRO F 63 47.68 -7.26 -5.63
C PRO F 63 46.48 -7.02 -6.56
N VAL F 64 45.35 -6.61 -5.97
CA VAL F 64 44.11 -6.34 -6.75
C VAL F 64 43.35 -5.21 -6.05
N GLU F 65 42.79 -4.29 -6.84
CA GLU F 65 42.01 -3.16 -6.27
C GLU F 65 40.56 -3.66 -6.12
N VAL F 66 39.97 -3.50 -4.94
CA VAL F 66 38.58 -3.94 -4.68
C VAL F 66 37.78 -2.72 -4.17
N GLU F 67 36.50 -2.91 -3.88
CA GLU F 67 35.66 -1.78 -3.37
C GLU F 67 35.03 -2.18 -2.05
N GLN F 68 35.03 -1.24 -1.09
CA GLN F 68 34.43 -1.43 0.25
C GLN F 68 33.29 -0.42 0.43
N ILE F 69 32.37 -0.69 1.36
CA ILE F 69 31.28 0.27 1.64
C ILE F 69 31.93 1.41 2.42
N LYS F 70 31.92 2.61 1.85
CA LYS F 70 32.54 3.82 2.47
C LYS F 70 31.76 4.27 3.71
N GLY F 71 32.44 4.93 4.65
CA GLY F 71 31.83 5.47 5.88
C GLY F 71 31.69 4.47 7.03
N LYS F 72 31.13 4.95 8.14
CA LYS F 72 30.87 4.17 9.39
C LYS F 72 29.86 3.06 9.08
N LYS F 73 29.66 2.12 10.01
CA LYS F 73 28.70 1.00 9.78
C LYS F 73 27.26 1.52 9.80
N ILE F 74 26.41 0.93 8.96
CA ILE F 74 24.96 1.27 8.84
C ILE F 74 24.27 0.89 10.17
N THR F 75 23.12 1.52 10.44
CA THR F 75 22.35 1.19 11.68
C THR F 75 20.95 0.74 11.26
N VAL F 76 20.59 -0.50 11.59
CA VAL F 76 19.22 -1.00 11.24
C VAL F 76 18.31 -0.56 12.38
N VAL F 77 17.22 0.13 12.06
CA VAL F 77 16.29 0.66 13.10
C VAL F 77 14.95 -0.08 13.03
N PRO F 78 14.77 -1.18 13.78
CA PRO F 78 13.51 -1.91 13.77
C PRO F 78 12.51 -1.29 14.75
N ILE F 79 11.29 -1.04 14.29
CA ILE F 79 10.23 -0.48 15.18
C ILE F 79 9.58 -1.68 15.88
N LEU F 80 9.80 -1.84 17.17
CA LEU F 80 9.21 -3.01 17.87
C LEU F 80 7.69 -2.90 17.91
N ARG F 81 7.00 -4.02 17.81
CA ARG F 81 7.60 -5.36 17.81
C ARG F 81 7.77 -5.84 16.38
N ALA F 82 6.81 -5.53 15.51
CA ALA F 82 6.76 -5.99 14.10
C ALA F 82 8.09 -5.90 13.34
N GLY F 83 8.86 -4.84 13.52
CA GLY F 83 10.15 -4.66 12.81
C GLY F 83 11.11 -5.81 13.01
N LEU F 84 11.15 -6.41 14.20
CA LEU F 84 12.08 -7.53 14.49
C LEU F 84 11.89 -8.66 13.49
N GLY F 85 10.69 -8.83 12.96
CA GLY F 85 10.43 -9.90 11.96
C GLY F 85 11.03 -9.60 10.59
N MET F 86 11.68 -8.43 10.43
CA MET F 86 12.27 -8.06 9.11
C MET F 86 13.78 -7.78 9.23
N MET F 87 14.30 -7.38 10.39
CA MET F 87 15.75 -7.06 10.44
C MET F 87 16.61 -8.32 10.26
N GLU F 88 16.06 -9.51 10.52
CA GLU F 88 16.87 -10.75 10.33
C GLU F 88 17.27 -10.85 8.85
N GLY F 89 16.40 -10.37 7.95
CA GLY F 89 16.68 -10.38 6.50
C GLY F 89 17.66 -9.27 6.15
N VAL F 90 17.61 -8.16 6.90
CA VAL F 90 18.52 -6.99 6.69
C VAL F 90 19.93 -7.39 7.13
N LEU F 91 20.04 -8.09 8.26
CA LEU F 91 21.35 -8.52 8.83
C LEU F 91 22.06 -9.54 7.92
N GLU F 92 21.36 -10.21 7.01
CA GLU F 92 22.06 -11.17 6.11
C GLU F 92 23.05 -10.41 5.23
N HIS F 93 22.64 -9.26 4.71
CA HIS F 93 23.47 -8.42 3.80
C HIS F 93 24.41 -7.51 4.58
N VAL F 94 23.98 -7.03 5.76
CA VAL F 94 24.80 -6.13 6.62
C VAL F 94 24.84 -6.72 8.04
N PRO F 95 25.53 -7.85 8.24
CA PRO F 95 25.59 -8.50 9.55
C PRO F 95 26.35 -7.74 10.64
N SER F 96 27.15 -6.73 10.27
CA SER F 96 27.91 -5.94 11.27
C SER F 96 27.15 -4.65 11.57
N ALA F 97 25.94 -4.50 11.03
CA ALA F 97 25.11 -3.28 11.25
C ALA F 97 24.79 -3.10 12.73
N ARG F 98 24.84 -1.85 13.20
CA ARG F 98 24.51 -1.50 14.61
C ARG F 98 22.98 -1.50 14.71
N ILE F 99 22.42 -2.15 15.74
CA ILE F 99 20.93 -2.23 15.87
C ILE F 99 20.43 -1.15 16.85
N SER F 100 19.62 -0.21 16.34
CA SER F 100 19.03 0.89 17.15
C SER F 100 17.53 0.61 17.30
N VAL F 101 17.12 -0.07 18.37
CA VAL F 101 15.69 -0.41 18.56
C VAL F 101 14.88 0.84 18.92
N VAL F 102 13.62 0.86 18.49
CA VAL F 102 12.65 1.96 18.77
C VAL F 102 11.30 1.28 19.05
N GLY F 103 10.87 1.33 20.31
CA GLY F 103 9.61 0.69 20.72
C GLY F 103 8.41 1.62 20.62
N ILE F 104 7.39 1.20 19.87
CA ILE F 104 6.14 1.99 19.69
C ILE F 104 4.95 1.03 19.58
N TYR F 105 3.87 1.33 20.30
CA TYR F 105 2.63 0.51 20.21
C TYR F 105 1.56 1.50 19.76
N ARG F 106 0.81 1.17 18.71
CA ARG F 106 -0.24 2.12 18.26
C ARG F 106 -1.52 1.87 19.03
N ASN F 107 -2.09 2.92 19.63
CA ASN F 107 -3.36 2.83 20.39
C ASN F 107 -4.45 2.56 19.35
N GLU F 108 -5.05 1.37 19.35
CA GLU F 108 -6.08 1.02 18.34
C GLU F 108 -7.36 1.86 18.53
N GLU F 109 -7.43 2.67 19.57
CA GLU F 109 -8.62 3.52 19.81
C GLU F 109 -8.44 4.85 19.08
N THR F 110 -7.31 5.53 19.31
CA THR F 110 -7.01 6.87 18.71
C THR F 110 -5.94 6.80 17.60
N LEU F 111 -5.35 5.63 17.35
CA LEU F 111 -4.29 5.46 16.30
C LEU F 111 -3.05 6.29 16.67
N GLU F 112 -2.93 6.68 17.94
CA GLU F 112 -1.77 7.48 18.41
C GLU F 112 -0.54 6.60 18.52
N PRO F 113 0.64 7.04 18.01
CA PRO F 113 1.87 6.25 18.09
C PRO F 113 2.47 6.48 19.48
N VAL F 114 2.29 5.52 20.40
CA VAL F 114 2.80 5.68 21.80
C VAL F 114 4.17 5.04 21.94
N PRO F 115 5.23 5.84 22.23
CA PRO F 115 6.58 5.31 22.41
C PRO F 115 6.75 4.73 23.82
N TYR F 116 7.63 3.75 23.99
CA TYR F 116 7.86 3.15 25.33
C TYR F 116 9.36 3.00 25.60
N PHE F 117 10.17 2.87 24.56
CA PHE F 117 11.63 2.70 24.76
C PHE F 117 12.39 2.90 23.45
N GLN F 118 13.66 3.29 23.57
CA GLN F 118 14.57 3.51 22.43
C GLN F 118 16.01 3.36 22.93
N LYS F 119 16.93 3.07 22.01
CA LYS F 119 18.37 2.91 22.33
C LYS F 119 19.11 3.06 21.01
N LEU F 120 19.35 4.31 20.62
CA LEU F 120 20.04 4.60 19.34
C LEU F 120 21.56 4.43 19.53
N VAL F 121 22.24 4.05 18.45
CA VAL F 121 23.72 3.85 18.47
C VAL F 121 24.37 5.24 18.51
N SER F 122 25.66 5.30 18.86
CA SER F 122 26.42 6.59 18.94
C SER F 122 26.85 7.02 17.54
N ASN F 123 27.30 8.28 17.42
CA ASN F 123 27.78 8.86 16.13
C ASN F 123 26.77 8.55 15.02
N ILE F 124 25.48 8.56 15.35
CA ILE F 124 24.43 8.27 14.33
C ILE F 124 24.42 9.39 13.28
N ASP F 125 25.08 10.51 13.57
CA ASP F 125 25.15 11.66 12.62
C ASP F 125 26.17 11.35 11.52
N GLU F 126 26.83 10.18 11.58
CA GLU F 126 27.82 9.74 10.58
C GLU F 126 27.39 8.38 10.02
N ARG F 127 26.12 8.01 10.20
CA ARG F 127 25.64 6.70 9.73
C ARG F 127 24.33 6.80 8.95
N MET F 128 24.09 5.80 8.10
CA MET F 128 22.84 5.71 7.32
C MET F 128 21.92 4.83 8.17
N ALA F 129 20.63 5.17 8.26
CA ALA F 129 19.71 4.35 9.08
C ALA F 129 18.70 3.63 8.18
N LEU F 130 18.58 2.32 8.36
CA LEU F 130 17.60 1.48 7.62
C LEU F 130 16.46 1.21 8.59
N VAL F 131 15.40 2.02 8.51
CA VAL F 131 14.23 1.84 9.42
C VAL F 131 13.35 0.74 8.84
N VAL F 132 13.07 -0.31 9.62
CA VAL F 132 12.24 -1.45 9.13
C VAL F 132 10.97 -1.57 10.00
N ASP F 133 9.82 -1.65 9.33
CA ASP F 133 8.50 -1.81 9.97
C ASP F 133 7.57 -2.37 8.90
N PRO F 134 6.90 -3.52 9.12
CA PRO F 134 6.04 -4.10 8.10
C PRO F 134 4.90 -3.22 7.54
N MET F 135 4.34 -2.30 8.33
CA MET F 135 3.21 -1.51 7.79
C MET F 135 3.37 0.01 8.02
N LEU F 136 2.96 0.78 7.00
CA LEU F 136 2.97 2.26 6.99
C LEU F 136 1.51 2.66 6.75
N ALA F 137 0.71 2.68 7.82
CA ALA F 137 -0.74 3.00 7.73
C ALA F 137 -1.15 4.48 7.77
N THR F 138 -1.07 5.12 8.94
CA THR F 138 -1.27 6.59 9.08
C THR F 138 0.09 7.26 8.89
N GLY F 139 1.18 6.54 9.18
CA GLY F 139 2.55 7.06 9.06
C GLY F 139 3.02 7.68 10.37
N GLY F 140 2.15 7.76 11.37
CA GLY F 140 2.48 8.35 12.68
C GLY F 140 3.66 7.65 13.35
N SER F 141 3.63 6.32 13.38
CA SER F 141 4.73 5.53 14.01
C SER F 141 6.06 5.82 13.33
N MET F 142 6.07 5.82 11.99
CA MET F 142 7.32 6.06 11.20
C MET F 142 7.78 7.52 11.39
N ILE F 143 6.86 8.48 11.39
CA ILE F 143 7.25 9.91 11.58
C ILE F 143 7.87 10.09 12.97
N ALA F 144 7.28 9.45 13.99
CA ALA F 144 7.79 9.54 15.38
C ALA F 144 9.22 8.98 15.46
N THR F 145 9.45 7.84 14.79
CA THR F 145 10.77 7.17 14.78
C THR F 145 11.80 8.08 14.10
N ILE F 146 11.46 8.64 12.94
CA ILE F 146 12.39 9.53 12.17
C ILE F 146 12.69 10.79 13.01
N ASP F 147 11.71 11.29 13.77
CA ASP F 147 11.91 12.48 14.64
C ASP F 147 13.05 12.19 15.63
N LEU F 148 13.05 11.02 16.26
CA LEU F 148 14.09 10.61 17.24
C LEU F 148 15.46 10.53 16.55
N LEU F 149 15.51 9.98 15.33
CA LEU F 149 16.77 9.84 14.56
C LEU F 149 17.34 11.23 14.22
N LYS F 150 16.50 12.16 13.73
CA LYS F 150 17.02 13.51 13.39
C LYS F 150 17.52 14.23 14.65
N ASN F 151 16.70 14.26 15.71
N ASN F 151 16.69 14.28 15.70
CA ASN F 151 17.06 14.91 17.00
CA ASN F 151 17.10 14.94 16.98
C ASN F 151 18.40 14.35 17.46
C ASN F 151 18.44 14.37 17.43
N ALA F 152 18.68 13.09 17.16
CA ALA F 152 19.95 12.41 17.54
C ALA F 152 21.08 12.87 16.60
N GLY F 153 20.74 13.38 15.42
CA GLY F 153 21.75 13.88 14.46
C GLY F 153 21.83 13.14 13.12
N CYS F 154 21.02 12.08 12.92
CA CYS F 154 21.07 11.32 11.64
C CYS F 154 20.46 12.13 10.50
N THR F 155 21.13 12.17 9.33
CA THR F 155 20.66 12.94 8.15
C THR F 155 20.52 12.02 6.92
N SER F 156 20.83 10.73 7.07
CA SER F 156 20.71 9.75 5.97
C SER F 156 19.79 8.62 6.43
N ILE F 157 18.52 8.67 5.99
CA ILE F 157 17.52 7.65 6.43
C ILE F 157 16.79 7.03 5.24
N LYS F 158 16.63 5.71 5.29
CA LYS F 158 15.92 4.89 4.27
C LYS F 158 14.82 4.11 5.02
N VAL F 159 13.61 4.08 4.47
CA VAL F 159 12.48 3.38 5.15
C VAL F 159 12.08 2.13 4.34
N LEU F 160 12.06 0.97 4.98
CA LEU F 160 11.67 -0.32 4.36
C LEU F 160 10.37 -0.79 5.01
N VAL F 161 9.34 -1.02 4.20
CA VAL F 161 8.02 -1.52 4.70
C VAL F 161 7.48 -2.54 3.70
N LEU F 162 6.63 -3.46 4.16
CA LEU F 162 6.04 -4.49 3.27
C LEU F 162 4.85 -3.87 2.52
N VAL F 163 3.96 -3.17 3.24
CA VAL F 163 2.76 -2.52 2.62
C VAL F 163 2.65 -1.08 3.13
N ALA F 164 2.13 -0.19 2.28
CA ALA F 164 1.97 1.24 2.65
C ALA F 164 0.68 1.79 2.06
N ALA F 165 -0.04 2.59 2.86
CA ALA F 165 -1.30 3.22 2.41
C ALA F 165 -0.95 4.61 1.87
N PRO F 166 -1.61 5.09 0.79
CA PRO F 166 -1.30 6.41 0.24
C PRO F 166 -1.32 7.50 1.31
N GLU F 167 -2.27 7.41 2.26
CA GLU F 167 -2.40 8.41 3.37
C GLU F 167 -1.09 8.47 4.16
N GLY F 168 -0.52 7.30 4.48
CA GLY F 168 0.73 7.19 5.26
C GLY F 168 1.91 7.77 4.51
N ILE F 169 1.99 7.52 3.20
CA ILE F 169 3.10 8.05 2.36
C ILE F 169 2.98 9.57 2.32
N ALA F 170 1.75 10.07 2.20
CA ALA F 170 1.50 11.53 2.16
C ALA F 170 1.95 12.19 3.48
N ALA F 171 1.64 11.55 4.61
CA ALA F 171 2.02 12.10 5.94
C ALA F 171 3.55 12.08 6.09
N LEU F 172 4.18 10.95 5.74
CA LEU F 172 5.66 10.81 5.83
C LEU F 172 6.37 11.83 4.94
N GLU F 173 5.87 11.99 3.71
CA GLU F 173 6.45 12.93 2.69
C GLU F 173 6.36 14.38 3.18
N LYS F 174 5.30 14.73 3.90
CA LYS F 174 5.10 16.12 4.39
C LYS F 174 6.04 16.40 5.58
N ALA F 175 6.21 15.44 6.48
CA ALA F 175 7.08 15.61 7.67
C ALA F 175 8.56 15.38 7.34
N HIS F 176 8.89 14.37 6.52
CA HIS F 176 10.32 14.10 6.20
C HIS F 176 10.51 13.78 4.71
N PRO F 177 10.51 14.80 3.83
CA PRO F 177 10.69 14.55 2.39
C PRO F 177 12.10 14.12 1.96
N ASP F 178 13.10 14.21 2.86
CA ASP F 178 14.49 13.82 2.51
C ASP F 178 14.75 12.33 2.80
N VAL F 179 13.76 11.60 3.31
CA VAL F 179 13.97 10.15 3.55
C VAL F 179 13.60 9.41 2.26
N GLU F 180 14.02 8.16 2.09
CA GLU F 180 13.67 7.39 0.87
C GLU F 180 12.77 6.23 1.29
N LEU F 181 11.59 6.10 0.66
CA LEU F 181 10.66 5.02 1.00
C LEU F 181 10.79 3.85 0.01
N TYR F 182 11.05 2.65 0.55
CA TYR F 182 11.15 1.40 -0.26
C TYR F 182 10.05 0.47 0.26
N THR F 183 9.03 0.21 -0.56
CA THR F 183 7.91 -0.66 -0.11
C THR F 183 7.69 -1.82 -1.08
N ALA F 184 7.20 -2.96 -0.57
CA ALA F 184 6.90 -4.14 -1.41
C ALA F 184 5.55 -3.92 -2.11
N SER F 185 4.74 -3.00 -1.59
CA SER F 185 3.42 -2.70 -2.20
C SER F 185 2.80 -1.42 -1.63
N VAL F 186 2.04 -0.72 -2.48
CA VAL F 186 1.30 0.52 -2.10
C VAL F 186 -0.17 0.12 -2.21
N ASP F 187 -0.81 -0.21 -1.09
CA ASP F 187 -2.24 -0.64 -1.10
C ASP F 187 -3.17 0.54 -1.42
N LYS F 188 -4.48 0.30 -1.36
CA LYS F 188 -5.51 1.31 -1.72
C LYS F 188 -5.76 2.35 -0.62
N GLY F 189 -5.82 1.97 0.66
CA GLY F 189 -6.06 2.99 1.69
C GLY F 189 -6.20 2.41 3.08
N LEU F 190 -6.89 3.14 3.97
CA LEU F 190 -7.11 2.72 5.38
C LEU F 190 -8.60 2.52 5.64
N ASN F 191 -8.95 1.56 6.50
CA ASN F 191 -10.39 1.32 6.83
C ASN F 191 -10.73 2.29 7.97
N GLU F 192 -11.90 2.15 8.60
CA GLU F 192 -12.31 3.08 9.69
C GLU F 192 -11.55 2.72 10.97
N HIS F 193 -10.84 1.59 11.00
CA HIS F 193 -10.07 1.16 12.20
C HIS F 193 -8.56 1.45 12.03
N GLY F 194 -8.18 2.19 10.98
CA GLY F 194 -6.76 2.55 10.75
C GLY F 194 -5.93 1.44 10.14
N TYR F 195 -6.55 0.32 9.72
CA TYR F 195 -5.78 -0.79 9.09
C TYR F 195 -5.71 -0.60 7.58
N ILE F 196 -4.59 -1.01 6.98
CA ILE F 196 -4.37 -0.91 5.51
C ILE F 196 -5.23 -1.97 4.80
N ILE F 197 -5.79 -1.62 3.64
CA ILE F 197 -6.63 -2.55 2.83
C ILE F 197 -6.09 -2.52 1.40
N PRO F 198 -5.85 -3.68 0.75
CA PRO F 198 -6.07 -5.02 1.33
C PRO F 198 -5.27 -5.27 2.63
N GLY F 199 -4.01 -4.81 2.67
CA GLY F 199 -3.14 -4.94 3.85
C GLY F 199 -2.75 -6.37 4.19
N LEU F 200 -2.26 -6.54 5.43
CA LEU F 200 -1.80 -7.84 6.00
C LEU F 200 -2.43 -8.05 7.38
N GLY F 201 -3.45 -7.26 7.73
CA GLY F 201 -4.10 -7.39 9.05
C GLY F 201 -3.17 -6.91 10.15
N ASP F 202 -3.20 -7.55 11.32
CA ASP F 202 -2.32 -7.14 12.43
C ASP F 202 -0.99 -7.91 12.29
N ALA F 203 -0.10 -7.40 11.42
CA ALA F 203 1.22 -8.00 11.12
C ALA F 203 2.00 -8.30 12.39
N GLY F 204 1.96 -7.39 13.38
CA GLY F 204 2.69 -7.59 14.65
C GLY F 204 2.29 -8.86 15.37
N ASP F 205 0.98 -9.05 15.62
CA ASP F 205 0.50 -10.27 16.33
C ASP F 205 0.63 -11.51 15.43
N LYS F 206 0.55 -11.33 14.12
CA LYS F 206 0.67 -12.46 13.16
C LYS F 206 2.12 -12.96 13.15
N ILE F 207 3.08 -12.06 13.27
CA ILE F 207 4.54 -12.37 13.29
C ILE F 207 4.94 -13.07 14.59
N PHE F 208 4.52 -12.53 15.74
CA PHE F 208 4.86 -13.09 17.07
C PHE F 208 3.86 -14.18 17.50
N GLY F 209 2.76 -14.35 16.77
CA GLY F 209 1.75 -15.37 17.10
C GLY F 209 0.95 -15.00 18.34
N THR F 210 0.72 -13.70 18.56
CA THR F 210 -0.03 -13.22 19.75
C THR F 210 -1.40 -12.66 19.32
N LYS F 211 -2.20 -13.44 18.59
CA LYS F 211 -3.54 -12.95 18.16
C LYS F 211 -4.57 -13.37 19.22
N ALA G 3 13.62 -26.52 46.83
CA ALA G 3 14.82 -25.93 46.16
C ALA G 3 14.57 -25.77 44.66
N MET G 4 15.19 -24.75 44.05
CA MET G 4 15.03 -24.49 42.59
C MET G 4 15.94 -25.47 41.83
N LYS G 5 15.37 -26.23 40.90
CA LYS G 5 16.18 -27.22 40.12
C LYS G 5 17.09 -26.43 39.16
N ILE G 6 18.41 -26.61 39.29
CA ILE G 6 19.42 -25.91 38.44
C ILE G 6 20.10 -26.94 37.54
N VAL G 7 20.29 -26.60 36.26
CA VAL G 7 20.95 -27.51 35.28
C VAL G 7 22.07 -26.73 34.58
N GLU G 8 23.33 -26.94 35.00
CA GLU G 8 24.47 -26.25 34.36
C GLU G 8 24.93 -27.10 33.18
N VAL G 9 24.60 -26.67 31.95
CA VAL G 9 24.96 -27.41 30.71
C VAL G 9 26.49 -27.43 30.58
N LYS G 10 27.10 -28.61 30.65
CA LYS G 10 28.58 -28.75 30.56
C LYS G 10 28.98 -29.42 29.24
N HIS G 11 28.13 -29.33 28.21
CA HIS G 11 28.44 -29.94 26.90
C HIS G 11 29.67 -29.24 26.31
N PRO G 12 30.67 -29.99 25.76
CA PRO G 12 31.88 -29.37 25.21
C PRO G 12 31.65 -28.18 24.25
N LEU G 13 30.67 -28.26 23.35
CA LEU G 13 30.41 -27.13 22.41
C LEU G 13 29.95 -25.90 23.19
N VAL G 14 29.06 -26.10 24.17
CA VAL G 14 28.51 -24.98 25.00
C VAL G 14 29.65 -24.26 25.72
N LYS G 15 30.47 -24.98 26.47
CA LYS G 15 31.59 -24.34 27.23
C LYS G 15 32.66 -23.82 26.26
N HIS G 16 32.73 -24.37 25.04
CA HIS G 16 33.74 -23.88 24.06
C HIS G 16 33.30 -22.51 23.51
N LYS G 17 32.07 -22.45 22.99
CA LYS G 17 31.51 -21.21 22.40
C LYS G 17 31.40 -20.13 23.49
N LEU G 18 31.03 -20.51 24.72
CA LEU G 18 30.93 -19.53 25.83
C LEU G 18 32.31 -18.92 26.07
N GLY G 19 33.37 -19.73 25.97
CA GLY G 19 34.76 -19.25 26.15
C GLY G 19 35.13 -18.22 25.11
N LEU G 20 34.70 -18.43 23.85
CA LEU G 20 35.00 -17.48 22.73
C LEU G 20 34.29 -16.14 22.99
N MET G 21 33.11 -16.16 23.62
CA MET G 21 32.35 -14.91 23.91
C MET G 21 33.02 -14.10 25.04
N ARG G 22 33.91 -14.71 25.82
CA ARG G 22 34.57 -13.97 26.93
C ARG G 22 35.73 -13.12 26.38
N GLU G 23 36.19 -13.39 25.15
CA GLU G 23 37.29 -12.59 24.52
C GLU G 23 36.86 -11.13 24.50
N HIS G 24 37.74 -10.21 24.91
CA HIS G 24 37.40 -8.76 24.97
C HIS G 24 37.36 -8.13 23.57
N ASP G 25 38.18 -8.62 22.63
CA ASP G 25 38.21 -8.04 21.24
C ASP G 25 37.19 -8.73 20.32
N ILE G 26 36.33 -9.60 20.86
CA ILE G 26 35.32 -10.29 19.98
C ILE G 26 34.46 -9.21 19.31
N SER G 27 34.00 -9.48 18.09
CA SER G 27 33.15 -8.50 17.34
C SER G 27 31.67 -8.72 17.67
N THR G 28 30.86 -7.69 17.42
CA THR G 28 29.39 -7.75 17.66
C THR G 28 28.81 -8.89 16.82
N LYS G 29 29.24 -8.96 15.55
CA LYS G 29 28.82 -9.99 14.57
C LYS G 29 29.07 -11.39 15.16
N ARG G 30 30.31 -11.64 15.58
CA ARG G 30 30.77 -12.93 16.17
C ARG G 30 30.05 -13.20 17.50
N PHE G 31 29.98 -12.20 18.38
CA PHE G 31 29.32 -12.35 19.71
C PHE G 31 27.82 -12.67 19.54
N ARG G 32 27.18 -12.01 18.57
CA ARG G 32 25.73 -12.19 18.27
C ARG G 32 25.46 -13.63 17.81
N GLU G 33 26.31 -14.16 16.93
CA GLU G 33 26.15 -15.55 16.39
C GLU G 33 26.33 -16.58 17.51
N LEU G 34 27.37 -16.44 18.34
CA LEU G 34 27.62 -17.40 19.44
C LEU G 34 26.44 -17.37 20.43
N ALA G 35 25.96 -16.18 20.81
CA ALA G 35 24.82 -16.07 21.75
C ALA G 35 23.64 -16.90 21.23
N SER G 36 23.32 -16.75 19.93
CA SER G 36 22.20 -17.49 19.30
C SER G 36 22.54 -18.99 19.26
N GLU G 37 23.79 -19.33 18.93
CA GLU G 37 24.20 -20.76 18.86
C GLU G 37 24.10 -21.41 20.25
N VAL G 38 24.64 -20.75 21.28
CA VAL G 38 24.55 -21.32 22.66
C VAL G 38 23.07 -21.42 23.05
N GLY G 39 22.27 -20.40 22.69
CA GLY G 39 20.83 -20.41 22.99
C GLY G 39 20.15 -21.62 22.37
N SER G 40 20.65 -22.04 21.21
CA SER G 40 20.10 -23.21 20.47
C SER G 40 20.37 -24.50 21.26
N LEU G 41 21.58 -24.61 21.83
CA LEU G 41 22.00 -25.80 22.61
C LEU G 41 21.23 -25.87 23.94
N LEU G 42 21.10 -24.75 24.67
CA LEU G 42 20.35 -24.76 25.96
C LEU G 42 18.88 -25.13 25.71
N THR G 43 18.36 -24.81 24.52
CA THR G 43 16.95 -25.12 24.18
C THR G 43 16.78 -26.65 24.11
N TYR G 44 17.79 -27.34 23.58
CA TYR G 44 17.75 -28.82 23.44
C TYR G 44 17.69 -29.46 24.83
N GLU G 45 18.44 -28.90 25.78
CA GLU G 45 18.48 -29.41 27.19
C GLU G 45 17.16 -29.11 27.90
N ALA G 46 16.60 -27.92 27.65
CA ALA G 46 15.33 -27.49 28.30
C ALA G 46 14.12 -28.22 27.70
N THR G 47 14.24 -28.75 26.48
CA THR G 47 13.12 -29.47 25.81
C THR G 47 13.33 -30.99 25.87
N ALA G 48 14.29 -31.46 26.68
CA ALA G 48 14.57 -32.91 26.79
C ALA G 48 13.47 -33.64 27.56
N ASP G 49 12.64 -32.93 28.34
CA ASP G 49 11.57 -33.59 29.15
C ASP G 49 10.16 -33.38 28.55
N LEU G 50 10.04 -32.85 27.33
CA LEU G 50 8.69 -32.63 26.74
C LEU G 50 7.95 -33.97 26.65
N GLU G 51 6.65 -33.97 26.95
CA GLU G 51 5.81 -35.20 26.90
C GLU G 51 5.41 -35.47 25.45
N THR G 52 5.33 -36.74 25.07
CA THR G 52 4.95 -37.16 23.70
C THR G 52 3.73 -38.10 23.76
N GLU G 53 3.21 -38.50 22.61
CA GLU G 53 2.04 -39.41 22.52
C GLU G 53 2.06 -40.11 21.16
N LYS G 54 1.78 -41.42 21.15
CA LYS G 54 1.78 -42.21 19.89
C LYS G 54 0.56 -41.83 19.03
N VAL G 55 0.78 -41.65 17.74
CA VAL G 55 -0.29 -41.28 16.75
C VAL G 55 0.00 -42.01 15.43
N THR G 56 -1.03 -42.54 14.78
CA THR G 56 -0.85 -43.26 13.50
C THR G 56 -1.11 -42.30 12.33
N ILE G 57 -0.13 -42.16 11.44
CA ILE G 57 -0.24 -41.28 10.23
C ILE G 57 0.06 -42.14 9.01
N GLU G 58 -0.31 -41.68 7.81
CA GLU G 58 -0.04 -42.45 6.57
C GLU G 58 1.41 -42.19 6.15
N GLY G 59 2.28 -43.18 6.30
CA GLY G 59 3.71 -43.06 5.94
C GLY G 59 3.97 -43.44 4.49
N TRP G 60 5.24 -43.37 4.06
CA TRP G 60 5.65 -43.72 2.68
C TRP G 60 5.37 -45.20 2.39
N ASN G 61 5.61 -46.07 3.38
CA ASN G 61 5.37 -47.53 3.22
C ASN G 61 3.91 -47.83 3.58
N GLY G 62 3.29 -46.98 4.41
CA GLY G 62 1.89 -47.16 4.82
C GLY G 62 1.65 -46.68 6.25
N PRO G 63 0.57 -47.13 6.92
CA PRO G 63 0.28 -46.72 8.29
C PRO G 63 1.47 -46.95 9.23
N VAL G 64 2.02 -45.85 9.78
CA VAL G 64 3.18 -45.91 10.72
C VAL G 64 2.81 -45.15 12.00
N GLU G 65 3.29 -45.64 13.14
CA GLU G 65 3.01 -45.04 14.47
C GLU G 65 4.15 -44.07 14.82
N VAL G 66 3.87 -42.76 14.76
CA VAL G 66 4.90 -41.71 15.07
C VAL G 66 4.53 -41.03 16.40
N GLU G 67 5.47 -40.27 16.98
CA GLU G 67 5.24 -39.55 18.26
C GLU G 67 5.14 -38.04 18.03
N GLN G 68 4.11 -37.41 18.59
CA GLN G 68 3.94 -35.93 18.48
C GLN G 68 3.97 -35.37 19.92
N ILE G 69 4.24 -34.07 20.05
CA ILE G 69 4.31 -33.43 21.40
C ILE G 69 2.92 -33.01 21.86
N LYS G 70 2.58 -33.30 23.13
CA LYS G 70 1.26 -32.96 23.73
C LYS G 70 1.18 -31.47 24.09
N GLY G 71 -0.01 -31.02 24.52
CA GLY G 71 -0.28 -29.63 24.94
C GLY G 71 -0.22 -28.62 23.81
N LYS G 72 -0.49 -27.35 24.15
CA LYS G 72 -0.45 -26.23 23.16
C LYS G 72 1.01 -25.82 22.91
N LYS G 73 1.22 -24.98 21.90
CA LYS G 73 2.58 -24.51 21.51
C LYS G 73 3.30 -23.80 22.67
N ILE G 74 4.61 -24.01 22.75
CA ILE G 74 5.52 -23.40 23.76
C ILE G 74 5.58 -21.90 23.50
N THR G 75 5.89 -21.10 24.53
CA THR G 75 6.00 -19.62 24.33
C THR G 75 7.42 -19.19 24.69
N VAL G 76 8.11 -18.53 23.76
CA VAL G 76 9.50 -18.03 24.02
C VAL G 76 9.34 -16.62 24.62
N VAL G 77 9.97 -16.36 25.76
CA VAL G 77 9.85 -15.02 26.41
C VAL G 77 11.21 -14.33 26.46
N PRO G 78 11.60 -13.57 25.42
CA PRO G 78 12.88 -12.87 25.41
C PRO G 78 12.82 -11.55 26.19
N ILE G 79 13.77 -11.34 27.11
CA ILE G 79 13.81 -10.07 27.90
C ILE G 79 14.58 -9.04 27.05
N LEU G 80 13.89 -8.07 26.47
CA LEU G 80 14.57 -7.03 25.65
C LEU G 80 15.47 -6.21 26.53
N ARG G 81 16.62 -5.79 26.00
CA ARG G 81 16.99 -5.97 24.58
C ARG G 81 17.79 -7.25 24.38
N ALA G 82 18.78 -7.48 25.25
CA ALA G 82 19.76 -8.59 25.20
C ALA G 82 19.17 -9.96 24.84
N GLY G 83 18.00 -10.34 25.34
CA GLY G 83 17.39 -11.65 25.04
C GLY G 83 17.18 -11.96 23.57
N LEU G 84 17.01 -10.96 22.71
CA LEU G 84 16.82 -11.22 21.26
C LEU G 84 18.04 -11.93 20.68
N GLY G 85 19.22 -11.76 21.28
CA GLY G 85 20.43 -12.41 20.73
C GLY G 85 20.39 -13.92 20.84
N MET G 86 19.47 -14.46 21.66
CA MET G 86 19.34 -15.93 21.88
C MET G 86 18.05 -16.44 21.21
N MET G 87 17.18 -15.53 20.78
CA MET G 87 15.88 -15.85 20.10
C MET G 87 16.03 -16.77 18.90
N GLU G 88 16.71 -16.31 17.85
CA GLU G 88 16.87 -17.11 16.60
C GLU G 88 17.37 -18.53 16.95
N GLY G 89 18.16 -18.66 18.01
CA GLY G 89 18.68 -19.98 18.43
C GLY G 89 17.57 -20.89 18.93
N VAL G 90 16.67 -20.34 19.75
CA VAL G 90 15.51 -21.10 20.33
C VAL G 90 14.56 -21.53 19.22
N LEU G 91 14.10 -20.57 18.41
CA LEU G 91 13.13 -20.79 17.29
C LEU G 91 13.63 -21.85 16.28
N GLU G 92 14.93 -22.17 16.24
CA GLU G 92 15.39 -23.20 15.27
C GLU G 92 14.74 -24.55 15.60
N HIS G 93 14.72 -24.92 16.89
CA HIS G 93 14.15 -26.22 17.33
C HIS G 93 12.63 -26.11 17.60
N VAL G 94 12.13 -24.90 17.85
CA VAL G 94 10.68 -24.67 18.13
C VAL G 94 10.23 -23.46 17.31
N PRO G 95 10.25 -23.54 15.96
CA PRO G 95 9.86 -22.42 15.09
C PRO G 95 8.39 -21.96 15.20
N SER G 96 7.46 -22.85 15.56
CA SER G 96 6.03 -22.46 15.69
C SER G 96 5.75 -21.86 17.08
N ALA G 97 6.77 -21.74 17.93
CA ALA G 97 6.60 -21.20 19.30
C ALA G 97 6.12 -19.74 19.27
N ARG G 98 5.10 -19.44 20.08
CA ARG G 98 4.57 -18.06 20.19
C ARG G 98 5.59 -17.20 20.92
N ILE G 99 5.84 -15.99 20.42
CA ILE G 99 6.86 -15.07 21.03
C ILE G 99 6.14 -14.03 21.91
N SER G 100 6.44 -14.06 23.22
CA SER G 100 5.88 -13.12 24.23
C SER G 100 7.00 -12.19 24.68
N VAL G 101 7.11 -11.01 24.06
CA VAL G 101 8.21 -10.06 24.40
C VAL G 101 7.94 -9.39 25.76
N VAL G 102 9.02 -9.03 26.44
CA VAL G 102 9.00 -8.36 27.78
C VAL G 102 10.19 -7.40 27.81
N GLY G 103 9.93 -6.09 27.94
CA GLY G 103 10.99 -5.07 27.95
C GLY G 103 11.39 -4.68 29.36
N ILE G 104 12.68 -4.70 29.66
CA ILE G 104 13.19 -4.33 31.01
C ILE G 104 14.58 -3.70 30.89
N TYR G 105 14.79 -2.53 31.50
CA TYR G 105 16.12 -1.89 31.51
C TYR G 105 16.48 -1.74 32.99
N ARG G 106 17.72 -2.08 33.36
CA ARG G 106 18.12 -2.00 34.79
C ARG G 106 18.67 -0.61 35.10
N ASN G 107 18.25 -0.03 36.22
CA ASN G 107 18.73 1.30 36.67
C ASN G 107 20.17 1.10 37.17
N GLU G 108 21.16 1.64 36.45
CA GLU G 108 22.59 1.46 36.82
C GLU G 108 22.86 1.90 38.27
N GLU G 109 22.22 2.96 38.75
CA GLU G 109 22.46 3.44 40.15
C GLU G 109 21.88 2.46 41.18
N THR G 110 20.56 2.22 41.13
CA THR G 110 19.88 1.32 42.11
C THR G 110 19.95 -0.16 41.69
N LEU G 111 20.35 -0.46 40.45
CA LEU G 111 20.41 -1.87 39.96
C LEU G 111 19.02 -2.51 40.10
N GLU G 112 17.97 -1.72 39.91
CA GLU G 112 16.55 -2.16 40.01
C GLU G 112 15.96 -2.31 38.62
N PRO G 113 15.11 -3.33 38.37
CA PRO G 113 14.50 -3.52 37.05
C PRO G 113 13.36 -2.54 36.79
N VAL G 114 13.25 -2.05 35.55
CA VAL G 114 12.17 -1.08 35.17
C VAL G 114 11.44 -1.63 33.95
N PRO G 115 10.36 -2.43 34.13
CA PRO G 115 9.60 -2.95 33.00
C PRO G 115 9.03 -1.79 32.17
N TYR G 116 9.24 -1.82 30.85
CA TYR G 116 8.74 -0.73 29.96
C TYR G 116 7.78 -1.27 28.90
N PHE G 117 7.65 -2.60 28.77
CA PHE G 117 6.72 -3.16 27.76
C PHE G 117 6.54 -4.67 27.97
N GLN G 118 5.41 -5.19 27.50
CA GLN G 118 5.10 -6.65 27.56
C GLN G 118 3.92 -6.91 26.63
N LYS G 119 3.91 -8.06 25.97
CA LYS G 119 2.79 -8.43 25.07
C LYS G 119 2.77 -9.97 25.12
N LEU G 120 2.24 -10.50 26.21
CA LEU G 120 2.19 -11.96 26.45
C LEU G 120 1.11 -12.61 25.57
N VAL G 121 1.37 -13.85 25.14
CA VAL G 121 0.43 -14.63 24.30
C VAL G 121 -0.74 -15.08 25.18
N SER G 122 -1.94 -15.20 24.62
CA SER G 122 -3.14 -15.62 25.38
C SER G 122 -3.08 -17.13 25.70
N ASN G 123 -3.93 -17.61 26.61
CA ASN G 123 -3.99 -19.04 27.02
C ASN G 123 -2.63 -19.48 27.56
N ILE G 124 -1.84 -18.53 28.07
CA ILE G 124 -0.47 -18.82 28.61
C ILE G 124 -0.58 -19.72 29.85
N ASP G 125 -1.78 -19.90 30.39
CA ASP G 125 -1.96 -20.77 31.60
C ASP G 125 -1.91 -22.25 31.16
N GLU G 126 -1.99 -22.49 29.84
CA GLU G 126 -1.96 -23.87 29.26
C GLU G 126 -0.66 -24.07 28.48
N ARG G 127 0.33 -23.18 28.67
CA ARG G 127 1.61 -23.29 27.92
C ARG G 127 2.83 -23.27 28.84
N MET G 128 3.97 -23.74 28.31
CA MET G 128 5.27 -23.73 29.02
C MET G 128 6.01 -22.47 28.54
N ALA G 129 6.78 -21.80 29.41
CA ALA G 129 7.47 -20.57 28.96
C ALA G 129 9.00 -20.75 29.02
N LEU G 130 9.68 -20.37 27.93
CA LEU G 130 11.16 -20.42 27.85
C LEU G 130 11.65 -18.97 27.91
N VAL G 131 11.91 -18.47 29.12
CA VAL G 131 12.39 -17.07 29.28
C VAL G 131 13.88 -17.03 28.93
N VAL G 132 14.26 -16.28 27.90
CA VAL G 132 15.69 -16.18 27.46
C VAL G 132 16.25 -14.80 27.78
N ASP G 133 17.46 -14.77 28.35
CA ASP G 133 18.17 -13.52 28.73
C ASP G 133 19.62 -13.93 28.96
N PRO G 134 20.62 -13.35 28.25
CA PRO G 134 22.02 -13.74 28.42
C PRO G 134 22.65 -13.69 29.83
N MET G 135 22.19 -12.78 30.71
CA MET G 135 22.83 -12.70 32.05
C MET G 135 21.81 -12.66 33.20
N LEU G 136 22.13 -13.39 34.27
CA LEU G 136 21.32 -13.47 35.51
C LEU G 136 22.22 -12.91 36.62
N ALA G 137 22.33 -11.58 36.70
CA ALA G 137 23.20 -10.90 37.69
C ALA G 137 22.77 -10.69 39.15
N THR G 138 21.79 -9.82 39.41
CA THR G 138 21.11 -9.72 40.73
C THR G 138 19.82 -10.54 40.72
N GLY G 139 19.31 -10.89 39.53
CA GLY G 139 18.06 -11.66 39.38
C GLY G 139 16.84 -10.77 39.26
N GLY G 140 16.98 -9.47 39.54
CA GLY G 140 15.87 -8.50 39.48
C GLY G 140 15.06 -8.58 38.19
N SER G 141 15.72 -8.41 37.04
CA SER G 141 15.04 -8.46 35.71
C SER G 141 14.29 -9.77 35.50
N MET G 142 14.92 -10.91 35.86
CA MET G 142 14.28 -12.23 35.67
C MET G 142 13.08 -12.38 36.61
N ILE G 143 13.21 -11.93 37.86
CA ILE G 143 12.09 -12.02 38.85
C ILE G 143 10.92 -11.17 38.38
N ALA G 144 11.21 -9.99 37.80
CA ALA G 144 10.14 -9.09 37.30
C ALA G 144 9.39 -9.76 36.14
N THR G 145 10.13 -10.38 35.22
CA THR G 145 9.55 -11.08 34.05
C THR G 145 8.63 -12.22 34.49
N ILE G 146 9.10 -13.03 35.46
CA ILE G 146 8.30 -14.19 35.97
C ILE G 146 7.02 -13.66 36.65
N ASP G 147 7.10 -12.54 37.38
CA ASP G 147 5.89 -11.96 38.03
C ASP G 147 4.83 -11.70 36.96
N LEU G 148 5.23 -11.13 35.81
CA LEU G 148 4.31 -10.82 34.69
C LEU G 148 3.68 -12.12 34.17
N LEU G 149 4.49 -13.15 33.97
CA LEU G 149 4.01 -14.48 33.47
C LEU G 149 3.03 -15.10 34.48
N LYS G 150 3.37 -15.07 35.78
CA LYS G 150 2.46 -15.65 36.82
C LYS G 150 1.17 -14.83 36.91
N ASN G 151 1.27 -13.50 36.83
CA ASN G 151 0.09 -12.60 36.89
C ASN G 151 -0.81 -12.94 35.70
N ALA G 152 -0.22 -13.31 34.57
CA ALA G 152 -0.97 -13.67 33.34
C ALA G 152 -1.57 -15.08 33.50
N GLY G 153 -1.05 -15.86 34.45
CA GLY G 153 -1.55 -17.22 34.74
C GLY G 153 -0.63 -18.35 34.29
N CYS G 154 0.63 -18.08 33.92
CA CYS G 154 1.53 -19.18 33.47
C CYS G 154 1.96 -20.02 34.68
N THR G 155 2.01 -21.35 34.53
CA THR G 155 2.37 -22.29 35.63
C THR G 155 3.68 -23.04 35.34
N SER G 156 3.99 -23.30 34.07
CA SER G 156 5.22 -24.03 33.68
C SER G 156 6.24 -23.05 33.11
N ILE G 157 7.32 -22.76 33.87
CA ILE G 157 8.36 -21.78 33.43
C ILE G 157 9.77 -22.39 33.50
N LYS G 158 10.57 -22.13 32.47
CA LYS G 158 11.98 -22.57 32.35
C LYS G 158 12.80 -21.33 32.00
N VAL G 159 13.90 -21.08 32.71
CA VAL G 159 14.76 -19.89 32.45
C VAL G 159 16.05 -20.37 31.76
N LEU G 160 16.44 -19.68 30.68
CA LEU G 160 17.68 -20.02 29.91
C LEU G 160 18.61 -18.80 29.94
N VAL G 161 19.82 -18.95 30.48
CA VAL G 161 20.81 -17.84 30.56
C VAL G 161 22.19 -18.38 30.17
N LEU G 162 23.09 -17.49 29.73
CA LEU G 162 24.46 -17.90 29.33
C LEU G 162 25.32 -17.94 30.60
N VAL G 163 25.35 -16.83 31.36
CA VAL G 163 26.14 -16.74 32.63
C VAL G 163 25.20 -16.30 33.75
N ALA G 164 25.35 -16.93 34.93
CA ALA G 164 24.52 -16.60 36.12
C ALA G 164 25.41 -16.45 37.34
N ALA G 165 25.18 -15.41 38.14
CA ALA G 165 25.96 -15.16 39.38
C ALA G 165 25.23 -15.78 40.56
N PRO G 166 25.94 -16.37 41.55
CA PRO G 166 25.28 -16.97 42.71
C PRO G 166 24.23 -16.05 43.35
N GLU G 167 24.55 -14.75 43.46
CA GLU G 167 23.62 -13.75 44.05
C GLU G 167 22.28 -13.80 43.31
N GLY G 168 22.32 -13.80 41.97
CA GLY G 168 21.10 -13.86 41.14
C GLY G 168 20.39 -15.19 41.26
N ILE G 169 21.15 -16.29 41.30
CA ILE G 169 20.58 -17.66 41.43
C ILE G 169 19.81 -17.75 42.75
N ALA G 170 20.38 -17.18 43.82
CA ALA G 170 19.74 -17.21 45.17
C ALA G 170 18.49 -16.33 45.18
N ALA G 171 18.60 -15.11 44.64
CA ALA G 171 17.46 -14.15 44.59
C ALA G 171 16.28 -14.76 43.84
N LEU G 172 16.57 -15.40 42.70
CA LEU G 172 15.53 -16.05 41.84
C LEU G 172 14.88 -17.22 42.59
N GLU G 173 15.69 -18.01 43.29
CA GLU G 173 15.21 -19.21 44.04
C GLU G 173 14.19 -18.84 45.13
N LYS G 174 14.51 -17.88 46.00
CA LYS G 174 13.53 -17.53 47.08
C LYS G 174 12.32 -16.80 46.47
N ALA G 175 12.52 -16.11 45.34
CA ALA G 175 11.41 -15.38 44.68
C ALA G 175 10.49 -16.37 43.95
N HIS G 176 11.07 -17.30 43.16
CA HIS G 176 10.26 -18.29 42.39
C HIS G 176 10.93 -19.65 42.39
N PRO G 177 10.71 -20.50 43.43
CA PRO G 177 11.33 -21.83 43.48
C PRO G 177 10.79 -22.89 42.51
N ASP G 178 9.55 -22.73 42.01
CA ASP G 178 8.95 -23.72 41.06
C ASP G 178 9.53 -23.50 39.65
N VAL G 179 10.43 -22.53 39.51
CA VAL G 179 11.08 -22.25 38.20
C VAL G 179 12.29 -23.18 38.05
N GLU G 180 12.70 -23.47 36.81
CA GLU G 180 13.88 -24.34 36.54
C GLU G 180 14.88 -23.52 35.72
N LEU G 181 16.10 -23.38 36.24
CA LEU G 181 17.15 -22.57 35.56
C LEU G 181 18.13 -23.45 34.79
N TYR G 182 18.39 -23.07 33.53
CA TYR G 182 19.34 -23.75 32.62
C TYR G 182 20.42 -22.72 32.26
N THR G 183 21.57 -22.78 32.92
CA THR G 183 22.67 -21.84 32.64
C THR G 183 23.83 -22.58 31.97
N ALA G 184 24.66 -21.85 31.22
CA ALA G 184 25.83 -22.43 30.54
C ALA G 184 27.04 -22.28 31.47
N SER G 185 26.89 -21.45 32.51
CA SER G 185 28.00 -21.22 33.47
C SER G 185 27.50 -20.52 34.74
N VAL G 186 28.11 -20.87 35.87
CA VAL G 186 27.82 -20.28 37.21
C VAL G 186 29.11 -19.55 37.60
N ASP G 187 29.19 -18.25 37.31
CA ASP G 187 30.42 -17.45 37.60
C ASP G 187 30.64 -17.33 39.11
N LYS G 188 31.64 -16.53 39.50
CA LYS G 188 32.02 -16.34 40.93
C LYS G 188 31.08 -15.37 41.64
N GLY G 189 30.75 -14.22 41.02
CA GLY G 189 29.83 -13.28 41.70
C GLY G 189 29.63 -11.99 40.92
N LEU G 190 29.19 -10.95 41.64
CA LEU G 190 28.91 -9.61 41.05
C LEU G 190 29.97 -8.60 41.53
N ASN G 191 30.33 -7.63 40.69
CA ASN G 191 31.32 -6.59 41.07
C ASN G 191 30.51 -5.48 41.76
N GLU G 192 31.04 -4.26 41.85
CA GLU G 192 30.38 -3.18 42.61
C GLU G 192 29.32 -2.51 41.74
N HIS G 193 29.44 -2.62 40.42
CA HIS G 193 28.46 -2.00 39.47
C HIS G 193 27.34 -2.99 39.11
N GLY G 194 27.28 -4.14 39.79
CA GLY G 194 26.23 -5.15 39.56
C GLY G 194 26.50 -6.05 38.35
N TYR G 195 27.69 -5.96 37.74
CA TYR G 195 28.02 -6.82 36.56
C TYR G 195 28.63 -8.15 37.02
N ILE G 196 28.27 -9.23 36.33
CA ILE G 196 28.78 -10.61 36.65
C ILE G 196 30.26 -10.69 36.29
N ILE G 197 31.05 -11.37 37.14
CA ILE G 197 32.52 -11.54 36.91
C ILE G 197 32.86 -13.02 37.06
N PRO G 198 33.65 -13.61 36.12
CA PRO G 198 34.16 -12.91 34.94
C PRO G 198 33.09 -12.33 34.01
N GLY G 199 31.92 -12.98 33.95
CA GLY G 199 30.77 -12.55 33.13
C GLY G 199 31.10 -12.36 31.65
N LEU G 200 30.29 -11.54 30.97
CA LEU G 200 30.42 -11.20 29.53
C LEU G 200 30.35 -9.67 29.34
N GLY G 201 30.55 -8.91 30.42
CA GLY G 201 30.48 -7.44 30.35
C GLY G 201 29.08 -6.98 29.97
N ASP G 202 28.98 -5.86 29.24
CA ASP G 202 27.65 -5.35 28.82
C ASP G 202 27.19 -6.17 27.61
N ALA G 203 26.59 -7.33 27.86
CA ALA G 203 26.10 -8.27 26.81
C ALA G 203 25.09 -7.56 25.90
N GLY G 204 24.16 -6.80 26.49
CA GLY G 204 23.13 -6.08 25.72
C GLY G 204 23.72 -5.20 24.64
N ASP G 205 24.59 -4.25 25.01
CA ASP G 205 25.22 -3.32 24.04
C ASP G 205 26.19 -4.07 23.12
N LYS G 206 26.68 -5.24 23.54
CA LYS G 206 27.63 -5.99 22.68
C LYS G 206 26.88 -6.68 21.55
N ILE G 207 25.65 -7.14 21.81
CA ILE G 207 24.80 -7.84 20.80
C ILE G 207 24.24 -6.82 19.78
N PHE G 208 23.81 -5.65 20.26
CA PHE G 208 23.22 -4.59 19.39
C PHE G 208 24.29 -3.61 18.87
N GLY G 209 25.52 -3.68 19.37
CA GLY G 209 26.59 -2.76 18.92
C GLY G 209 26.33 -1.33 19.34
N THR G 210 25.83 -1.13 20.57
CA THR G 210 25.53 0.22 21.10
C THR G 210 26.46 0.51 22.29
N LYS G 211 27.75 0.23 22.12
CA LYS G 211 28.78 0.44 23.18
C LYS G 211 28.90 1.94 23.48
N ALA H 3 32.63 -54.48 20.25
CA ALA H 3 31.17 -54.12 20.15
C ALA H 3 31.04 -52.65 19.71
N MET H 4 30.30 -52.41 18.62
CA MET H 4 30.09 -51.02 18.10
C MET H 4 29.08 -50.30 19.00
N LYS H 5 29.46 -49.12 19.50
CA LYS H 5 28.53 -48.33 20.37
C LYS H 5 27.48 -47.65 19.50
N ILE H 6 26.21 -47.96 19.74
CA ILE H 6 25.06 -47.39 18.97
C ILE H 6 24.33 -46.43 19.91
N VAL H 7 23.86 -45.30 19.38
CA VAL H 7 23.12 -44.29 20.21
C VAL H 7 21.86 -43.88 19.46
N GLU H 8 20.71 -44.40 19.89
CA GLU H 8 19.41 -44.03 19.26
C GLU H 8 18.89 -42.82 20.03
N VAL H 9 19.07 -41.62 19.48
CA VAL H 9 18.63 -40.35 20.12
C VAL H 9 17.11 -40.40 20.32
N LYS H 10 16.66 -40.40 21.59
CA LYS H 10 15.22 -40.49 21.94
C LYS H 10 14.69 -39.13 22.42
N HIS H 11 15.31 -38.03 22.00
CA HIS H 11 14.87 -36.67 22.41
C HIS H 11 13.50 -36.41 21.77
N PRO H 12 12.49 -35.91 22.52
CA PRO H 12 11.15 -35.67 21.97
C PRO H 12 11.11 -34.84 20.68
N LEU H 13 11.99 -33.83 20.54
CA LEU H 13 12.00 -32.99 19.30
C LEU H 13 12.54 -33.83 18.14
N VAL H 14 13.45 -34.75 18.41
CA VAL H 14 14.04 -35.62 17.35
C VAL H 14 12.95 -36.60 16.88
N LYS H 15 12.19 -37.18 17.82
CA LYS H 15 11.12 -38.15 17.46
C LYS H 15 9.96 -37.43 16.75
N HIS H 16 9.60 -36.22 17.23
CA HIS H 16 8.48 -35.45 16.64
C HIS H 16 8.82 -35.06 15.19
N LYS H 17 9.96 -34.39 14.99
CA LYS H 17 10.40 -33.94 13.65
C LYS H 17 10.61 -35.14 12.73
N LEU H 18 11.17 -36.24 13.24
CA LEU H 18 11.37 -37.45 12.39
C LEU H 18 9.99 -37.94 11.92
N GLY H 19 9.02 -37.97 12.83
CA GLY H 19 7.64 -38.41 12.52
C GLY H 19 7.03 -37.59 11.40
N LEU H 20 7.26 -36.27 11.40
CA LEU H 20 6.72 -35.37 10.33
C LEU H 20 7.36 -35.72 8.98
N MET H 21 8.60 -36.22 8.98
CA MET H 21 9.30 -36.57 7.72
C MET H 21 8.72 -37.87 7.14
N ARG H 22 7.98 -38.64 7.95
CA ARG H 22 7.39 -39.93 7.47
C ARG H 22 6.05 -39.70 6.77
N GLU H 23 5.44 -38.52 6.93
CA GLU H 23 4.12 -38.24 6.28
C GLU H 23 4.34 -38.33 4.76
N HIS H 24 3.59 -39.20 4.07
CA HIS H 24 3.74 -39.46 2.61
C HIS H 24 3.49 -38.22 1.75
N ASP H 25 2.65 -37.28 2.20
CA ASP H 25 2.34 -36.05 1.42
C ASP H 25 3.18 -34.86 1.90
N ILE H 26 4.45 -35.09 2.25
CA ILE H 26 5.32 -33.98 2.73
C ILE H 26 6.04 -33.39 1.50
N SER H 27 6.10 -32.05 1.41
CA SER H 27 6.76 -31.38 0.26
C SER H 27 8.28 -31.50 0.37
N THR H 28 8.97 -31.43 -0.78
CA THR H 28 10.45 -31.53 -0.85
C THR H 28 11.08 -30.47 0.07
N LYS H 29 10.56 -29.24 0.04
CA LYS H 29 11.08 -28.14 0.88
C LYS H 29 10.97 -28.50 2.37
N ARG H 30 9.78 -28.90 2.81
CA ARG H 30 9.57 -29.21 4.24
C ARG H 30 10.43 -30.40 4.65
N PHE H 31 10.53 -31.41 3.79
CA PHE H 31 11.33 -32.63 4.05
C PHE H 31 12.83 -32.27 4.16
N ARG H 32 13.31 -31.42 3.25
CA ARG H 32 14.75 -30.98 3.25
C ARG H 32 15.05 -30.19 4.52
N GLU H 33 14.14 -29.29 4.94
CA GLU H 33 14.34 -28.47 6.17
C GLU H 33 14.41 -29.36 7.41
N LEU H 34 13.50 -30.34 7.53
CA LEU H 34 13.53 -31.26 8.71
C LEU H 34 14.79 -32.12 8.69
N ALA H 35 15.18 -32.62 7.50
CA ALA H 35 16.39 -33.45 7.40
C ALA H 35 17.58 -32.71 8.03
N SER H 36 17.75 -31.43 7.67
CA SER H 36 18.85 -30.60 8.20
C SER H 36 18.65 -30.37 9.71
N GLU H 37 17.42 -30.08 10.12
CA GLU H 37 17.09 -29.83 11.55
C GLU H 37 17.44 -31.06 12.38
N VAL H 38 16.99 -32.26 11.98
CA VAL H 38 17.30 -33.50 12.75
C VAL H 38 18.81 -33.67 12.78
N GLY H 39 19.49 -33.39 11.65
CA GLY H 39 20.95 -33.51 11.58
C GLY H 39 21.61 -32.61 12.61
N SER H 40 20.97 -31.48 12.92
CA SER H 40 21.49 -30.50 13.90
C SER H 40 21.42 -31.10 15.31
N LEU H 41 20.28 -31.70 15.67
CA LEU H 41 20.06 -32.31 17.00
C LEU H 41 21.00 -33.51 17.20
N LEU H 42 21.29 -34.25 16.12
CA LEU H 42 22.19 -35.43 16.19
C LEU H 42 23.65 -34.97 16.38
N THR H 43 24.01 -33.82 15.83
CA THR H 43 25.41 -33.30 15.95
C THR H 43 25.74 -33.02 17.41
N TYR H 44 24.79 -32.45 18.15
CA TYR H 44 24.98 -32.12 19.59
C TYR H 44 25.20 -33.39 20.40
N GLU H 45 24.32 -34.38 20.19
CA GLU H 45 24.40 -35.67 20.91
C GLU H 45 25.66 -36.44 20.48
N ALA H 46 26.14 -36.19 19.26
CA ALA H 46 27.34 -36.88 18.71
C ALA H 46 28.65 -36.18 19.12
N THR H 47 28.57 -34.92 19.55
CA THR H 47 29.79 -34.15 19.96
C THR H 47 29.83 -34.00 21.48
N ALA H 48 29.01 -34.76 22.21
CA ALA H 48 28.94 -34.69 23.69
C ALA H 48 30.21 -35.21 24.36
N ASP H 49 31.04 -35.98 23.64
CA ASP H 49 32.27 -36.55 24.27
C ASP H 49 33.56 -35.88 23.75
N LEU H 50 33.47 -34.73 23.05
CA LEU H 50 34.71 -34.07 22.56
C LEU H 50 35.58 -33.67 23.76
N GLU H 51 36.90 -33.89 23.65
CA GLU H 51 37.85 -33.56 24.74
C GLU H 51 38.11 -32.05 24.76
N THR H 52 38.23 -31.47 25.96
CA THR H 52 38.48 -30.01 26.11
C THR H 52 39.71 -29.78 26.99
N GLU H 53 40.37 -28.62 26.82
CA GLU H 53 41.57 -28.23 27.60
C GLU H 53 41.35 -26.82 28.16
N LYS H 54 41.86 -26.54 29.36
CA LYS H 54 41.70 -25.21 30.00
C LYS H 54 42.77 -24.25 29.45
N VAL H 55 42.37 -23.03 29.12
CA VAL H 55 43.29 -21.99 28.55
C VAL H 55 42.97 -20.64 29.23
N THR H 56 43.99 -19.79 29.40
CA THR H 56 43.84 -18.45 30.02
C THR H 56 43.88 -17.38 28.93
N ILE H 57 42.70 -16.82 28.58
CA ILE H 57 42.59 -15.75 27.54
C ILE H 57 42.25 -14.42 28.22
N GLU H 58 42.36 -13.31 27.48
CA GLU H 58 42.07 -11.96 28.03
C GLU H 58 40.55 -11.72 27.95
N GLY H 59 39.89 -11.65 29.10
CA GLY H 59 38.43 -11.45 29.16
C GLY H 59 38.03 -9.99 29.33
N TRP H 60 36.72 -9.73 29.36
CA TRP H 60 36.15 -8.37 29.53
C TRP H 60 36.62 -7.75 30.86
N ASN H 61 36.83 -8.58 31.87
CA ASN H 61 37.27 -8.11 33.21
C ASN H 61 38.62 -8.76 33.54
N GLY H 62 39.66 -8.44 32.77
CA GLY H 62 41.01 -9.00 32.99
C GLY H 62 41.12 -10.45 32.55
N PRO H 63 42.28 -11.11 32.79
CA PRO H 63 42.48 -12.51 32.40
C PRO H 63 41.43 -13.45 33.00
N VAL H 64 41.02 -14.45 32.23
CA VAL H 64 39.99 -15.45 32.67
C VAL H 64 40.35 -16.81 32.07
N GLU H 65 40.12 -17.89 32.84
CA GLU H 65 40.42 -19.27 32.38
C GLU H 65 39.15 -19.87 31.78
N VAL H 66 39.20 -20.25 30.49
CA VAL H 66 38.05 -20.84 29.76
C VAL H 66 38.44 -22.23 29.27
N GLU H 67 37.55 -22.89 28.53
CA GLU H 67 37.84 -24.25 27.99
C GLU H 67 37.71 -24.24 26.46
N GLN H 68 38.57 -25.00 25.78
CA GLN H 68 38.58 -25.11 24.30
C GLN H 68 38.61 -26.58 23.88
N ILE H 69 38.12 -26.89 22.68
CA ILE H 69 38.12 -28.28 22.16
C ILE H 69 39.54 -28.55 21.63
N LYS H 70 40.25 -29.50 22.23
CA LYS H 70 41.64 -29.84 21.83
C LYS H 70 41.64 -30.65 20.53
N GLY H 71 42.72 -30.56 19.74
CA GLY H 71 42.87 -31.28 18.46
C GLY H 71 42.55 -30.40 17.26
N LYS H 72 42.94 -30.84 16.06
CA LYS H 72 42.66 -30.07 14.81
C LYS H 72 41.18 -30.17 14.45
N LYS H 73 40.70 -29.24 13.60
CA LYS H 73 39.29 -29.15 13.15
C LYS H 73 38.74 -30.52 12.71
N ILE H 74 37.43 -30.66 12.84
CA ILE H 74 36.65 -31.88 12.49
C ILE H 74 36.37 -31.85 10.98
N THR H 75 36.19 -33.01 10.35
CA THR H 75 35.86 -33.05 8.89
C THR H 75 34.46 -33.65 8.74
N VAL H 76 33.53 -32.90 8.15
CA VAL H 76 32.14 -33.40 7.92
C VAL H 76 32.20 -34.17 6.59
N VAL H 77 31.67 -35.39 6.56
CA VAL H 77 31.73 -36.22 5.31
C VAL H 77 30.32 -36.50 4.81
N PRO H 78 29.74 -35.62 3.96
CA PRO H 78 28.41 -35.85 3.42
C PRO H 78 28.49 -36.83 2.23
N ILE H 79 27.57 -37.80 2.18
CA ILE H 79 27.52 -38.80 1.07
C ILE H 79 26.54 -38.27 0.03
N LEU H 80 27.04 -37.81 -1.12
CA LEU H 80 26.12 -37.27 -2.17
C LEU H 80 25.13 -38.37 -2.57
N ARG H 81 23.88 -37.98 -2.85
CA ARG H 81 23.42 -36.60 -2.82
C ARG H 81 22.77 -36.27 -1.48
N ALA H 82 21.86 -37.14 -1.02
CA ALA H 82 21.08 -36.99 0.24
C ALA H 82 21.92 -36.40 1.38
N GLY H 83 23.19 -36.78 1.50
CA GLY H 83 24.06 -36.26 2.57
C GLY H 83 24.02 -34.76 2.70
N LEU H 84 24.06 -34.03 1.57
CA LEU H 84 24.03 -32.54 1.58
C LEU H 84 22.77 -32.01 2.29
N GLY H 85 21.70 -32.80 2.32
CA GLY H 85 20.43 -32.38 2.95
C GLY H 85 20.52 -32.30 4.47
N MET H 86 21.61 -32.81 5.07
CA MET H 86 21.79 -32.79 6.54
C MET H 86 23.04 -31.99 6.92
N MET H 87 23.93 -31.78 5.96
CA MET H 87 25.22 -31.05 6.16
C MET H 87 25.02 -29.67 6.79
N GLU H 88 24.07 -28.87 6.30
CA GLU H 88 23.85 -27.49 6.84
C GLU H 88 23.50 -27.54 8.33
N GLY H 89 22.67 -28.49 8.76
CA GLY H 89 22.31 -28.60 10.19
C GLY H 89 23.51 -28.97 11.05
N VAL H 90 24.47 -29.70 10.47
CA VAL H 90 25.70 -30.14 11.20
C VAL H 90 26.69 -28.97 11.26
N LEU H 91 26.86 -28.23 10.14
CA LEU H 91 27.83 -27.10 10.09
C LEU H 91 27.40 -25.95 11.01
N GLU H 92 26.14 -25.92 11.48
CA GLU H 92 25.70 -24.83 12.39
C GLU H 92 26.53 -24.85 13.69
N HIS H 93 26.83 -26.05 14.19
CA HIS H 93 27.59 -26.26 15.46
C HIS H 93 29.10 -26.25 15.20
N VAL H 94 29.55 -26.70 14.02
CA VAL H 94 31.00 -26.72 13.66
C VAL H 94 31.18 -26.03 12.31
N PRO H 95 30.92 -24.71 12.22
CA PRO H 95 31.02 -23.99 10.95
C PRO H 95 32.42 -23.89 10.33
N SER H 96 33.47 -24.20 11.10
CA SER H 96 34.86 -24.14 10.57
C SER H 96 35.30 -25.55 10.12
N ALA H 97 34.44 -26.54 10.29
CA ALA H 97 34.74 -27.94 9.90
C ALA H 97 35.05 -28.00 8.40
N ARG H 98 36.05 -28.80 8.03
CA ARG H 98 36.42 -28.95 6.60
C ARG H 98 35.58 -30.08 6.01
N ILE H 99 34.90 -29.79 4.90
CA ILE H 99 33.98 -30.77 4.24
C ILE H 99 34.74 -31.70 3.28
N SER H 100 34.49 -33.01 3.43
CA SER H 100 35.10 -34.07 2.57
C SER H 100 33.97 -34.74 1.79
N VAL H 101 33.65 -34.21 0.60
CA VAL H 101 32.54 -34.76 -0.24
C VAL H 101 32.89 -36.16 -0.76
N VAL H 102 31.91 -37.05 -0.74
CA VAL H 102 32.03 -38.46 -1.23
C VAL H 102 30.75 -38.76 -2.02
N GLY H 103 30.88 -39.07 -3.32
CA GLY H 103 29.71 -39.37 -4.17
C GLY H 103 29.50 -40.86 -4.35
N ILE H 104 28.34 -41.37 -3.95
CA ILE H 104 28.03 -42.82 -4.08
C ILE H 104 26.54 -43.01 -4.41
N TYR H 105 26.24 -43.79 -5.46
CA TYR H 105 24.83 -44.11 -5.82
C TYR H 105 24.70 -45.63 -5.66
N ARG H 106 23.63 -46.10 -5.04
CA ARG H 106 23.47 -47.56 -4.83
C ARG H 106 22.90 -48.23 -6.09
N ASN H 107 23.50 -49.36 -6.45
CA ASN H 107 23.05 -50.19 -7.59
C ASN H 107 21.69 -50.62 -7.06
N GLU H 108 20.61 -50.39 -7.81
CA GLU H 108 19.29 -50.90 -7.39
C GLU H 108 18.86 -52.34 -7.70
N GLU H 109 19.85 -53.20 -7.91
CA GLU H 109 19.65 -54.63 -8.23
C GLU H 109 20.58 -55.46 -7.35
N THR H 110 21.84 -55.06 -7.24
CA THR H 110 22.82 -55.81 -6.41
C THR H 110 22.89 -55.18 -5.02
N LEU H 111 22.30 -53.97 -4.86
CA LEU H 111 22.29 -53.21 -3.59
C LEU H 111 23.73 -52.92 -3.13
N GLU H 112 24.66 -52.83 -4.09
CA GLU H 112 26.09 -52.54 -3.78
C GLU H 112 26.36 -51.06 -4.05
N PRO H 113 27.29 -50.44 -3.28
CA PRO H 113 27.60 -49.02 -3.46
C PRO H 113 28.47 -48.80 -4.71
N VAL H 114 28.29 -47.66 -5.39
CA VAL H 114 29.07 -47.34 -6.62
C VAL H 114 29.71 -45.97 -6.45
N PRO H 115 30.93 -45.89 -5.88
CA PRO H 115 31.61 -44.60 -5.69
C PRO H 115 31.98 -43.97 -7.04
N TYR H 116 31.62 -42.70 -7.22
CA TYR H 116 31.89 -41.97 -8.49
C TYR H 116 32.70 -40.70 -8.22
N PHE H 117 32.71 -40.22 -6.98
CA PHE H 117 33.46 -38.97 -6.65
C PHE H 117 33.96 -39.01 -5.20
N GLN H 118 35.11 -38.38 -4.96
CA GLN H 118 35.68 -38.27 -3.59
C GLN H 118 36.71 -37.15 -3.57
N LYS H 119 36.76 -36.38 -2.49
CA LYS H 119 37.75 -35.28 -2.38
C LYS H 119 37.93 -35.04 -0.87
N LEU H 120 38.74 -35.88 -0.22
CA LEU H 120 39.00 -35.81 1.24
C LEU H 120 39.94 -34.65 1.59
N VAL H 121 39.91 -34.22 2.85
CA VAL H 121 40.74 -33.10 3.36
C VAL H 121 42.16 -33.62 3.65
N SER H 122 43.12 -32.72 3.82
CA SER H 122 44.53 -33.07 4.12
C SER H 122 44.67 -33.38 5.61
N ASN H 123 45.69 -34.18 5.99
CA ASN H 123 45.95 -34.56 7.40
C ASN H 123 44.67 -35.13 8.03
N ILE H 124 43.94 -35.96 7.30
CA ILE H 124 42.66 -36.54 7.81
C ILE H 124 42.98 -37.55 8.92
N ASP H 125 44.27 -37.91 9.07
CA ASP H 125 44.70 -38.86 10.12
C ASP H 125 44.75 -38.15 11.49
N GLU H 126 44.80 -36.82 11.47
CA GLU H 126 44.83 -36.00 12.72
C GLU H 126 43.47 -35.34 12.93
N ARG H 127 42.41 -35.94 12.38
CA ARG H 127 41.04 -35.35 12.51
C ARG H 127 39.98 -36.41 12.78
N MET H 128 38.84 -35.95 13.30
CA MET H 128 37.65 -36.79 13.60
C MET H 128 36.72 -36.63 12.39
N ALA H 129 36.02 -37.68 11.98
CA ALA H 129 35.12 -37.56 10.81
C ALA H 129 33.67 -37.80 11.20
N LEU H 130 32.78 -36.88 10.78
CA LEU H 130 31.32 -37.02 11.02
C LEU H 130 30.70 -37.39 9.68
N VAL H 131 30.50 -38.69 9.43
CA VAL H 131 29.90 -39.13 8.14
C VAL H 131 28.40 -38.82 8.21
N VAL H 132 27.87 -38.16 7.18
CA VAL H 132 26.44 -37.75 7.15
C VAL H 132 25.72 -38.39 5.95
N ASP H 133 24.65 -39.13 6.22
CA ASP H 133 23.81 -39.80 5.19
C ASP H 133 22.48 -40.13 5.85
N PRO H 134 21.33 -39.68 5.32
CA PRO H 134 20.02 -39.94 5.94
C PRO H 134 19.61 -41.40 6.19
N MET H 135 19.96 -42.33 5.29
CA MET H 135 19.52 -43.74 5.47
C MET H 135 20.68 -44.73 5.50
N LEU H 136 20.55 -45.73 6.39
CA LEU H 136 21.51 -46.85 6.58
C LEU H 136 20.72 -48.13 6.36
N ALA H 137 20.53 -48.51 5.09
CA ALA H 137 19.74 -49.72 4.72
C ALA H 137 20.43 -51.09 4.74
N THR H 138 21.30 -51.36 3.75
CA THR H 138 22.19 -52.56 3.76
C THR H 138 23.53 -52.19 4.42
N GLY H 139 23.91 -50.91 4.37
CA GLY H 139 25.17 -50.43 4.97
C GLY H 139 26.30 -50.37 3.95
N GLY H 140 26.02 -50.71 2.69
CA GLY H 140 27.05 -50.70 1.63
C GLY H 140 27.70 -49.33 1.46
N SER H 141 26.89 -48.30 1.25
CA SER H 141 27.40 -46.91 1.04
C SER H 141 28.23 -46.44 2.25
N MET H 142 27.77 -46.72 3.46
CA MET H 142 28.50 -46.28 4.68
C MET H 142 29.81 -47.06 4.81
N ILE H 143 29.75 -48.39 4.72
CA ILE H 143 30.98 -49.24 4.84
C ILE H 143 31.98 -48.83 3.74
N ALA H 144 31.48 -48.51 2.54
CA ALA H 144 32.35 -48.11 1.41
C ALA H 144 33.04 -46.77 1.73
N THR H 145 32.29 -45.82 2.29
CA THR H 145 32.81 -44.48 2.65
C THR H 145 33.87 -44.60 3.76
N ILE H 146 33.61 -45.44 4.78
CA ILE H 146 34.57 -45.63 5.90
C ILE H 146 35.87 -46.27 5.38
N ASP H 147 35.78 -47.13 4.35
CA ASP H 147 37.00 -47.74 3.77
C ASP H 147 37.94 -46.62 3.28
N LEU H 148 37.37 -45.63 2.58
CA LEU H 148 38.14 -44.46 2.03
C LEU H 148 38.78 -43.68 3.18
N LEU H 149 38.01 -43.38 4.23
CA LEU H 149 38.51 -42.60 5.40
C LEU H 149 39.66 -43.35 6.09
N LYS H 150 39.49 -44.65 6.37
CA LYS H 150 40.57 -45.44 7.02
C LYS H 150 41.79 -45.53 6.09
N ASN H 151 41.53 -45.85 4.81
N ASN H 151 41.55 -45.86 4.81
CA ASN H 151 42.60 -45.97 3.78
CA ASN H 151 42.64 -45.98 3.81
C ASN H 151 43.38 -44.65 3.70
C ASN H 151 43.39 -44.65 3.71
N ALA H 152 42.71 -43.53 4.02
CA ALA H 152 43.34 -42.19 3.98
C ALA H 152 44.13 -41.95 5.28
N GLY H 153 43.85 -42.76 6.32
CA GLY H 153 44.55 -42.66 7.62
C GLY H 153 43.67 -42.15 8.77
N CYS H 154 42.37 -41.94 8.55
CA CYS H 154 41.49 -41.44 9.65
C CYS H 154 41.21 -42.56 10.65
N THR H 155 41.25 -42.23 11.95
CA THR H 155 41.01 -43.20 13.05
C THR H 155 39.70 -42.88 13.78
N SER H 156 39.55 -41.63 14.23
CA SER H 156 38.34 -41.17 14.97
C SER H 156 37.19 -40.95 13.98
N ILE H 157 36.14 -41.79 14.05
CA ILE H 157 34.98 -41.66 13.11
C ILE H 157 33.66 -41.80 13.85
N LYS H 158 32.66 -41.01 13.44
CA LYS H 158 31.27 -41.01 13.99
C LYS H 158 30.31 -41.00 12.80
N VAL H 159 29.25 -41.80 12.87
CA VAL H 159 28.23 -41.89 11.76
C VAL H 159 26.92 -41.26 12.25
N LEU H 160 26.31 -40.42 11.41
CA LEU H 160 25.03 -39.74 11.75
C LEU H 160 23.99 -40.09 10.68
N VAL H 161 22.92 -40.79 11.06
CA VAL H 161 21.85 -41.17 10.10
C VAL H 161 20.49 -40.89 10.72
N LEU H 162 19.45 -40.70 9.90
CA LEU H 162 18.08 -40.42 10.40
C LEU H 162 17.43 -41.75 10.76
N VAL H 163 17.37 -42.68 9.80
CA VAL H 163 16.76 -44.03 10.02
C VAL H 163 17.82 -45.09 9.71
N ALA H 164 17.88 -46.14 10.54
CA ALA H 164 18.86 -47.23 10.35
C ALA H 164 18.15 -48.59 10.51
N ALA H 165 18.38 -49.51 9.58
CA ALA H 165 17.76 -50.85 9.64
C ALA H 165 18.71 -51.79 10.38
N PRO H 166 18.20 -52.78 11.14
CA PRO H 166 19.07 -53.71 11.87
C PRO H 166 20.10 -54.41 10.96
N GLU H 167 19.75 -54.69 9.71
CA GLU H 167 20.66 -55.34 8.74
C GLU H 167 21.89 -54.45 8.53
N GLY H 168 21.67 -53.16 8.24
CA GLY H 168 22.76 -52.19 8.01
C GLY H 168 23.61 -51.97 9.24
N ILE H 169 23.00 -52.01 10.42
CA ILE H 169 23.72 -51.82 11.72
C ILE H 169 24.64 -53.03 11.96
N ALA H 170 24.15 -54.23 11.64
CA ALA H 170 24.93 -55.48 11.82
C ALA H 170 26.08 -55.53 10.80
N ALA H 171 25.80 -55.10 9.56
CA ALA H 171 26.81 -55.10 8.47
C ALA H 171 27.94 -54.11 8.82
N LEU H 172 27.57 -52.94 9.34
CA LEU H 172 28.53 -51.87 9.72
C LEU H 172 29.37 -52.30 10.93
N GLU H 173 28.75 -53.00 11.90
CA GLU H 173 29.47 -53.42 13.13
C GLU H 173 30.59 -54.43 12.80
N LYS H 174 30.30 -55.46 11.99
CA LYS H 174 31.34 -56.47 11.66
C LYS H 174 32.41 -55.86 10.74
N ALA H 175 32.05 -54.85 9.95
CA ALA H 175 33.02 -54.20 9.02
C ALA H 175 33.93 -53.22 9.79
N HIS H 176 33.34 -52.30 10.56
CA HIS H 176 34.12 -51.30 11.34
C HIS H 176 33.53 -51.13 12.74
N PRO H 177 33.91 -51.98 13.72
CA PRO H 177 33.36 -51.87 15.07
C PRO H 177 33.89 -50.70 15.93
N ASP H 178 34.92 -49.98 15.47
CA ASP H 178 35.48 -48.85 16.26
C ASP H 178 34.73 -47.54 15.94
N VAL H 179 33.87 -47.53 14.92
CA VAL H 179 33.12 -46.27 14.62
C VAL H 179 31.97 -46.19 15.62
N GLU H 180 31.44 -44.99 15.85
CA GLU H 180 30.31 -44.82 16.80
C GLU H 180 29.10 -44.33 16.00
N LEU H 181 28.01 -45.11 16.00
CA LEU H 181 26.78 -44.76 15.23
C LEU H 181 25.80 -43.94 16.09
N TYR H 182 25.20 -42.93 15.47
CA TYR H 182 24.18 -42.04 16.09
C TYR H 182 23.00 -41.99 15.10
N THR H 183 21.82 -42.43 15.54
CA THR H 183 20.64 -42.42 14.63
C THR H 183 19.41 -41.88 15.37
N ALA H 184 18.44 -41.34 14.63
CA ALA H 184 17.20 -40.81 15.21
C ALA H 184 16.21 -41.96 15.39
N SER H 185 16.45 -43.08 14.70
CA SER H 185 15.53 -44.24 14.81
C SER H 185 16.16 -45.53 14.26
N VAL H 186 15.73 -46.65 14.84
CA VAL H 186 16.15 -48.02 14.45
C VAL H 186 14.87 -48.70 13.95
N ASP H 187 14.58 -48.59 12.64
CA ASP H 187 13.35 -49.17 12.04
C ASP H 187 13.38 -50.71 12.13
N LYS H 188 12.34 -51.36 11.61
CA LYS H 188 12.18 -52.84 11.66
C LYS H 188 13.17 -53.55 10.72
N GLY H 189 13.22 -53.19 9.43
CA GLY H 189 14.15 -53.87 8.51
C GLY H 189 14.08 -53.36 7.09
N LEU H 190 14.43 -54.22 6.12
CA LEU H 190 14.43 -53.90 4.67
C LEU H 190 13.30 -54.66 3.97
N ASN H 191 12.86 -54.16 2.81
CA ASN H 191 11.75 -54.79 2.03
C ASN H 191 12.45 -55.46 0.82
N GLU H 192 11.66 -55.79 -0.20
CA GLU H 192 12.14 -56.63 -1.35
C GLU H 192 13.14 -55.86 -2.22
N HIS H 193 12.92 -54.55 -2.39
CA HIS H 193 13.82 -53.70 -3.21
C HIS H 193 15.00 -53.15 -2.38
N GLY H 194 15.10 -53.53 -1.10
CA GLY H 194 16.22 -53.08 -0.24
C GLY H 194 16.01 -51.71 0.39
N TYR H 195 14.75 -51.28 0.60
CA TYR H 195 14.46 -49.96 1.22
C TYR H 195 14.02 -50.17 2.67
N ILE H 196 14.39 -49.24 3.56
CA ILE H 196 14.04 -49.32 5.02
C ILE H 196 12.52 -49.18 5.19
N ILE H 197 11.96 -49.96 6.12
CA ILE H 197 10.50 -49.96 6.46
C ILE H 197 10.36 -49.84 7.98
N PRO H 198 9.52 -48.92 8.50
CA PRO H 198 8.71 -48.01 7.68
C PRO H 198 9.58 -47.06 6.83
N GLY H 199 10.75 -46.68 7.35
CA GLY H 199 11.71 -45.80 6.65
C GLY H 199 11.18 -44.42 6.29
N LEU H 200 11.85 -43.78 5.33
CA LEU H 200 11.52 -42.42 4.82
C LEU H 200 11.35 -42.47 3.29
N GLY H 201 11.32 -43.67 2.71
CA GLY H 201 11.16 -43.80 1.26
C GLY H 201 12.44 -43.43 0.53
N ASP H 202 12.32 -42.89 -0.68
CA ASP H 202 13.50 -42.48 -1.50
C ASP H 202 13.98 -41.11 -1.00
N ALA H 203 14.66 -41.10 0.15
CA ALA H 203 15.17 -39.86 0.80
C ALA H 203 15.99 -39.01 -0.17
N GLY H 204 16.83 -39.63 -1.00
CA GLY H 204 17.66 -38.87 -1.96
C GLY H 204 16.84 -38.01 -2.90
N ASP H 205 15.93 -38.65 -3.66
CA ASP H 205 15.07 -37.93 -4.63
C ASP H 205 14.07 -37.00 -3.93
N LYS H 206 13.72 -37.29 -2.68
CA LYS H 206 12.74 -36.43 -1.97
C LYS H 206 13.42 -35.13 -1.56
N ILE H 207 14.67 -35.22 -1.13
CA ILE H 207 15.46 -34.02 -0.69
C ILE H 207 15.82 -33.14 -1.90
N PHE H 208 16.21 -33.74 -3.03
CA PHE H 208 16.60 -32.97 -4.24
C PHE H 208 15.40 -32.67 -5.15
N GLY H 209 14.27 -33.34 -4.95
CA GLY H 209 13.08 -33.10 -5.79
C GLY H 209 13.19 -33.74 -7.17
N THR H 210 13.78 -34.93 -7.23
CA THR H 210 13.95 -35.67 -8.52
C THR H 210 13.10 -36.94 -8.48
N LYS H 211 13.23 -37.82 -9.48
CA LYS H 211 12.45 -39.09 -9.54
C LYS H 211 13.34 -40.18 -10.12
N ASN I 2 11.42 35.64 12.44
CA ASN I 2 11.46 34.15 12.38
C ASN I 2 12.18 33.59 13.61
N ALA I 3 12.85 34.46 14.40
CA ALA I 3 13.59 34.03 15.61
C ALA I 3 12.58 33.54 16.66
N MET I 4 13.03 32.63 17.54
CA MET I 4 12.14 32.09 18.61
C MET I 4 11.95 33.18 19.67
N LYS I 5 10.71 33.55 19.96
CA LYS I 5 10.43 34.59 20.98
C LYS I 5 10.75 34.00 22.36
N ILE I 6 11.62 34.69 23.12
CA ILE I 6 12.03 34.25 24.48
C ILE I 6 11.58 35.32 25.47
N VAL I 7 10.93 34.92 26.57
CA VAL I 7 10.44 35.89 27.60
C VAL I 7 10.95 35.45 28.97
N GLU I 8 11.89 36.21 29.54
CA GLU I 8 12.45 35.91 30.88
C GLU I 8 11.65 36.74 31.90
N VAL I 9 10.67 36.11 32.56
CA VAL I 9 9.80 36.80 33.56
C VAL I 9 10.66 37.39 34.68
N LYS I 10 10.73 38.72 34.78
CA LYS I 10 11.54 39.41 35.82
C LYS I 10 10.63 40.00 36.90
N HIS I 11 9.49 39.36 37.18
CA HIS I 11 8.56 39.86 38.22
C HIS I 11 9.18 39.59 39.60
N PRO I 12 9.15 40.56 40.54
CA PRO I 12 9.73 40.36 41.87
C PRO I 12 9.36 39.04 42.57
N LEU I 13 8.08 38.64 42.52
CA LEU I 13 7.63 37.37 43.17
C LEU I 13 8.27 36.17 42.48
N VAL I 14 8.33 36.16 41.15
CA VAL I 14 8.95 35.03 40.39
C VAL I 14 10.43 34.92 40.78
N LYS I 15 11.17 36.02 40.67
CA LYS I 15 12.61 36.08 41.00
C LYS I 15 12.84 35.67 42.47
N HIS I 16 11.99 36.16 43.38
CA HIS I 16 12.09 35.84 44.84
C HIS I 16 11.85 34.35 45.10
N LYS I 17 10.68 33.86 44.71
CA LYS I 17 10.28 32.43 44.92
C LYS I 17 11.29 31.51 44.23
N LEU I 18 11.80 31.90 43.05
CA LEU I 18 12.80 31.04 42.35
C LEU I 18 14.04 30.93 43.25
N GLY I 19 14.50 32.06 43.81
CA GLY I 19 15.66 32.11 44.71
C GLY I 19 15.52 31.14 45.87
N LEU I 20 14.32 31.04 46.46
CA LEU I 20 14.07 30.11 47.61
C LEU I 20 14.30 28.67 47.16
N MET I 21 13.88 28.31 45.94
CA MET I 21 14.03 26.93 45.42
C MET I 21 15.51 26.58 45.21
N ARG I 22 16.39 27.58 45.13
CA ARG I 22 17.84 27.31 44.90
C ARG I 22 18.53 26.90 46.22
N GLU I 23 17.88 27.11 47.38
CA GLU I 23 18.47 26.72 48.69
C GLU I 23 18.65 25.20 48.70
N HIS I 24 19.85 24.69 49.02
CA HIS I 24 20.10 23.22 49.01
C HIS I 24 19.40 22.52 50.18
N ASP I 25 19.23 23.19 51.32
CA ASP I 25 18.56 22.58 52.51
C ASP I 25 17.05 22.82 52.44
N ILE I 26 16.47 22.84 51.24
CA ILE I 26 15.00 23.05 51.09
C ILE I 26 14.33 21.67 51.11
N SER I 27 13.14 21.57 51.71
CA SER I 27 12.40 20.29 51.80
C SER I 27 11.64 20.00 50.50
N THR I 28 11.32 18.73 50.26
CA THR I 28 10.57 18.28 49.06
C THR I 28 9.23 19.01 49.02
N LYS I 29 8.60 19.13 50.19
CA LYS I 29 7.28 19.80 50.39
C LYS I 29 7.33 21.25 49.92
N ARG I 30 8.30 22.04 50.41
CA ARG I 30 8.40 23.48 50.01
C ARG I 30 8.92 23.63 48.57
N PHE I 31 9.85 22.77 48.12
CA PHE I 31 10.36 22.88 46.73
C PHE I 31 9.21 22.62 45.76
N ARG I 32 8.37 21.62 46.08
CA ARG I 32 7.19 21.22 45.26
C ARG I 32 6.13 22.32 45.33
N GLU I 33 6.01 22.98 46.49
CA GLU I 33 5.04 24.08 46.73
C GLU I 33 5.42 25.27 45.83
N LEU I 34 6.69 25.67 45.86
CA LEU I 34 7.21 26.82 45.05
C LEU I 34 7.21 26.47 43.56
N ALA I 35 7.47 25.21 43.20
CA ALA I 35 7.47 24.81 41.77
C ALA I 35 6.08 25.10 41.18
N SER I 36 5.04 24.74 41.92
CA SER I 36 3.63 24.97 41.49
C SER I 36 3.34 26.47 41.43
N GLU I 37 3.75 27.19 42.49
CA GLU I 37 3.52 28.66 42.59
C GLU I 37 4.20 29.40 41.42
N VAL I 38 5.50 29.16 41.19
CA VAL I 38 6.21 29.86 40.06
C VAL I 38 5.52 29.47 38.74
N GLY I 39 5.04 28.22 38.65
CA GLY I 39 4.33 27.76 37.43
C GLY I 39 3.07 28.57 37.22
N SER I 40 2.41 28.95 38.31
CA SER I 40 1.16 29.76 38.30
C SER I 40 1.46 31.16 37.75
N LEU I 41 2.59 31.74 38.16
CA LEU I 41 3.00 33.10 37.71
C LEU I 41 3.41 33.10 36.24
N LEU I 42 4.13 32.06 35.79
CA LEU I 42 4.57 31.96 34.37
C LEU I 42 3.36 31.76 33.45
N THR I 43 2.28 31.16 33.98
CA THR I 43 1.04 30.92 33.18
C THR I 43 0.34 32.25 32.88
N TYR I 44 0.37 33.18 33.83
CA TYR I 44 -0.28 34.52 33.63
C TYR I 44 0.48 35.27 32.54
N GLU I 45 1.81 35.28 32.61
CA GLU I 45 2.63 36.00 31.61
C GLU I 45 2.55 35.30 30.25
N ALA I 46 2.39 33.96 30.24
CA ALA I 46 2.31 33.17 28.99
C ALA I 46 0.93 33.22 28.34
N THR I 47 -0.13 33.63 29.06
CA THR I 47 -1.50 33.69 28.47
C THR I 47 -1.94 35.14 28.26
N ALA I 48 -1.00 36.09 28.29
CA ALA I 48 -1.34 37.52 28.11
C ALA I 48 -1.75 37.83 26.67
N ASP I 49 -1.42 36.94 25.71
CA ASP I 49 -1.75 37.20 24.27
C ASP I 49 -2.94 36.37 23.78
N LEU I 50 -3.66 35.66 24.67
CA LEU I 50 -4.84 34.87 24.21
C LEU I 50 -5.87 35.81 23.58
N GLU I 51 -6.44 35.43 22.42
CA GLU I 51 -7.44 36.27 21.71
C GLU I 51 -8.81 36.13 22.38
N THR I 52 -9.54 37.25 22.49
CA THR I 52 -10.90 37.28 23.09
C THR I 52 -11.91 37.60 21.98
N GLU I 53 -13.20 37.66 22.32
CA GLU I 53 -14.26 37.98 21.32
C GLU I 53 -15.48 38.53 22.07
N LYS I 54 -16.18 39.49 21.47
CA LYS I 54 -17.39 40.11 22.08
C LYS I 54 -18.54 39.09 22.06
N VAL I 55 -19.22 38.93 23.20
CA VAL I 55 -20.38 38.00 23.34
C VAL I 55 -21.38 38.62 24.33
N THR I 56 -22.66 38.62 23.98
CA THR I 56 -23.72 39.19 24.85
C THR I 56 -24.33 38.08 25.70
N ILE I 57 -24.17 38.16 27.03
CA ILE I 57 -24.73 37.15 27.98
C ILE I 57 -25.74 37.88 28.87
N GLU I 58 -26.63 37.13 29.54
CA GLU I 58 -27.65 37.76 30.42
C GLU I 58 -27.00 38.10 31.77
N GLY I 59 -26.83 39.39 32.05
CA GLY I 59 -26.23 39.87 33.32
C GLY I 59 -27.27 39.92 34.43
N TRP I 60 -26.84 40.30 35.65
CA TRP I 60 -27.78 40.37 36.79
C TRP I 60 -28.74 41.55 36.58
N ASN I 61 -28.28 42.61 35.88
CA ASN I 61 -29.09 43.82 35.62
C ASN I 61 -29.55 43.83 34.15
N GLY I 62 -29.61 42.66 33.51
CA GLY I 62 -30.05 42.57 32.11
C GLY I 62 -28.89 42.26 31.15
N PRO I 63 -29.16 42.21 29.83
CA PRO I 63 -28.14 41.92 28.82
C PRO I 63 -26.88 42.79 28.95
N VAL I 64 -25.70 42.15 28.90
CA VAL I 64 -24.38 42.86 29.01
C VAL I 64 -23.41 42.22 28.00
N GLU I 65 -22.54 43.04 27.41
CA GLU I 65 -21.53 42.55 26.43
C GLU I 65 -20.20 42.30 27.16
N VAL I 66 -19.76 41.04 27.20
CA VAL I 66 -18.47 40.66 27.88
C VAL I 66 -17.49 40.15 26.82
N GLU I 67 -16.32 39.68 27.28
CA GLU I 67 -15.27 39.14 26.38
C GLU I 67 -14.84 37.76 26.89
N GLN I 68 -14.77 36.78 25.99
CA GLN I 68 -14.36 35.40 26.37
C GLN I 68 -13.26 34.93 25.43
N ILE I 69 -12.46 33.96 25.87
CA ILE I 69 -11.32 33.41 25.07
C ILE I 69 -11.91 32.53 23.94
N LYS I 70 -11.35 32.63 22.74
CA LYS I 70 -11.81 31.87 21.54
C LYS I 70 -11.17 30.48 21.44
N GLY I 71 -11.70 29.65 20.52
CA GLY I 71 -11.20 28.29 20.24
C GLY I 71 -11.58 27.27 21.30
N LYS I 72 -11.15 26.01 21.08
CA LYS I 72 -11.41 24.90 22.04
C LYS I 72 -10.50 25.06 23.25
N LYS I 73 -10.78 24.29 24.31
CA LYS I 73 -10.00 24.35 25.58
C LYS I 73 -8.51 24.08 25.34
N ILE I 74 -7.67 24.87 26.03
CA ILE I 74 -6.19 24.77 25.99
C ILE I 74 -5.78 23.43 26.59
N THR I 75 -4.68 22.83 26.12
CA THR I 75 -4.21 21.54 26.67
C THR I 75 -2.89 21.77 27.42
N VAL I 76 -2.82 21.34 28.68
CA VAL I 76 -1.56 21.50 29.48
C VAL I 76 -0.76 20.21 29.22
N VAL I 77 0.50 20.35 28.82
CA VAL I 77 1.35 19.16 28.50
C VAL I 77 2.51 19.06 29.48
N PRO I 78 2.35 18.35 30.62
CA PRO I 78 3.43 18.20 31.59
C PRO I 78 4.39 17.07 31.18
N ILE I 79 5.70 17.33 31.26
CA ILE I 79 6.70 16.26 30.93
C ILE I 79 6.96 15.49 32.22
N LEU I 80 6.39 14.28 32.34
CA LEU I 80 6.58 13.45 33.56
C LEU I 80 8.07 13.22 33.77
N ARG I 81 8.51 13.18 35.03
CA ARG I 81 7.66 13.34 36.19
C ARG I 81 7.64 14.77 36.73
N ALA I 82 8.80 15.45 36.68
CA ALA I 82 9.01 16.85 37.13
C ALA I 82 7.88 17.80 36.70
N GLY I 83 7.31 17.62 35.51
CA GLY I 83 6.23 18.49 35.01
C GLY I 83 4.99 18.52 35.90
N LEU I 84 4.69 17.42 36.61
CA LEU I 84 3.49 17.36 37.49
C LEU I 84 3.60 18.36 38.64
N GLY I 85 4.82 18.71 39.05
CA GLY I 85 5.00 19.66 40.16
C GLY I 85 4.69 21.09 39.77
N MET I 86 4.39 21.36 38.50
CA MET I 86 4.10 22.75 38.05
C MET I 86 2.67 22.92 37.52
N MET I 87 2.01 21.85 37.05
CA MET I 87 0.66 22.07 36.47
C MET I 87 -0.40 22.37 37.54
N GLU I 88 -0.14 22.11 38.83
CA GLU I 88 -1.18 22.44 39.85
C GLU I 88 -1.42 23.96 39.80
N GLY I 89 -0.34 24.73 39.63
CA GLY I 89 -0.45 26.20 39.56
C GLY I 89 -1.00 26.65 38.21
N VAL I 90 -0.78 25.86 37.17
CA VAL I 90 -1.26 26.16 35.78
C VAL I 90 -2.78 25.97 35.73
N LEU I 91 -3.28 24.88 36.34
CA LEU I 91 -4.74 24.55 36.34
C LEU I 91 -5.55 25.56 37.17
N GLU I 92 -4.92 26.37 38.01
CA GLU I 92 -5.67 27.38 38.81
C GLU I 92 -6.27 28.43 37.86
N HIS I 93 -5.56 28.73 36.77
CA HIS I 93 -5.96 29.75 35.77
C HIS I 93 -6.81 29.13 34.66
N VAL I 94 -6.60 27.84 34.38
CA VAL I 94 -7.34 27.09 33.31
C VAL I 94 -7.76 25.74 33.90
N PRO I 95 -8.64 25.72 34.92
CA PRO I 95 -9.06 24.49 35.57
C PRO I 95 -9.83 23.46 34.72
N SER I 96 -10.31 23.84 33.53
CA SER I 96 -11.04 22.89 32.66
C SER I 96 -10.13 22.46 31.49
N ALA I 97 -8.86 22.87 31.53
CA ALA I 97 -7.88 22.53 30.47
C ALA I 97 -7.71 21.00 30.37
N ARG I 98 -7.57 20.50 29.14
CA ARG I 98 -7.37 19.05 28.88
C ARG I 98 -5.91 18.73 29.22
N ILE I 99 -5.64 17.64 29.93
CA ILE I 99 -4.25 17.32 30.33
C ILE I 99 -3.66 16.22 29.42
N SER I 100 -2.69 16.59 28.59
CA SER I 100 -1.98 15.66 27.66
C SER I 100 -0.63 15.30 28.29
N VAL I 101 -0.54 14.16 28.99
CA VAL I 101 0.75 13.79 29.65
C VAL I 101 1.72 13.21 28.61
N VAL I 102 3.01 13.45 28.84
CA VAL I 102 4.13 12.95 28.00
C VAL I 102 5.24 12.49 28.95
N GLY I 103 5.59 11.20 28.91
CA GLY I 103 6.63 10.66 29.80
C GLY I 103 7.98 10.59 29.11
N ILE I 104 9.00 11.22 29.71
CA ILE I 104 10.38 11.22 29.14
C ILE I 104 11.40 11.18 30.29
N TYR I 105 12.39 10.28 30.19
CA TYR I 105 13.48 10.20 31.20
C TYR I 105 14.78 10.38 30.40
N ARG I 106 15.63 11.31 30.84
CA ARG I 106 16.90 11.56 30.12
C ARG I 106 17.93 10.49 30.50
N ASN I 107 18.65 9.96 29.51
CA ASN I 107 19.70 8.93 29.77
C ASN I 107 20.87 9.68 30.43
N GLU I 108 21.17 9.38 31.70
CA GLU I 108 22.27 10.08 32.43
C GLU I 108 23.61 9.83 31.72
N GLU I 109 23.69 8.79 30.88
CA GLU I 109 24.92 8.43 30.14
C GLU I 109 25.11 9.32 28.89
N THR I 110 24.25 9.14 27.90
CA THR I 110 24.30 9.87 26.59
C THR I 110 23.47 11.16 26.58
N LEU I 111 22.75 11.48 27.67
CA LEU I 111 21.90 12.72 27.74
C LEU I 111 20.81 12.68 26.66
N GLU I 112 20.57 11.54 26.01
CA GLU I 112 19.51 11.49 24.96
C GLU I 112 18.16 11.27 25.65
N PRO I 113 17.09 11.93 25.18
CA PRO I 113 15.77 11.78 25.77
C PRO I 113 15.14 10.43 25.37
N VAL I 114 14.54 9.72 26.32
CA VAL I 114 13.90 8.40 26.03
C VAL I 114 12.40 8.48 26.34
N PRO I 115 11.55 8.89 25.36
CA PRO I 115 10.10 8.95 25.59
C PRO I 115 9.58 7.54 25.96
N TYR I 116 8.74 7.44 26.99
CA TYR I 116 8.20 6.13 27.45
C TYR I 116 6.65 6.13 27.50
N PHE I 117 6.00 7.29 27.31
CA PHE I 117 4.52 7.31 27.35
C PHE I 117 3.98 8.67 26.87
N GLN I 118 2.77 8.64 26.33
CA GLN I 118 2.06 9.86 25.86
C GLN I 118 0.58 9.51 25.75
N LYS I 119 -0.27 10.53 25.83
CA LYS I 119 -1.74 10.40 25.72
C LYS I 119 -2.25 11.82 25.46
N LEU I 120 -2.05 12.30 24.22
CA LEU I 120 -2.45 13.66 23.82
C LEU I 120 -3.97 13.71 23.61
N VAL I 121 -4.57 14.87 23.88
CA VAL I 121 -6.04 15.05 23.70
C VAL I 121 -6.36 15.11 22.21
N SER I 122 -7.62 14.84 21.85
CA SER I 122 -8.09 14.87 20.43
C SER I 122 -8.23 16.31 19.96
N ASN I 123 -8.30 16.51 18.64
CA ASN I 123 -8.46 17.85 18.00
C ASN I 123 -7.37 18.81 18.50
N ILE I 124 -6.17 18.29 18.77
CA ILE I 124 -5.05 19.15 19.29
C ILE I 124 -4.62 20.14 18.20
N ASP I 125 -5.01 19.91 16.94
CA ASP I 125 -4.66 20.85 15.83
C ASP I 125 -5.52 22.12 15.96
N GLU I 126 -6.55 22.06 16.79
CA GLU I 126 -7.48 23.20 17.04
C GLU I 126 -7.25 23.72 18.47
N ARG I 127 -6.08 23.44 19.04
CA ARG I 127 -5.80 23.88 20.44
C ARG I 127 -4.38 24.42 20.59
N MET I 128 -4.17 25.18 21.66
CA MET I 128 -2.86 25.76 22.03
C MET I 128 -2.31 24.82 23.10
N ALA I 129 -1.01 24.51 23.06
CA ALA I 129 -0.46 23.60 24.09
C ALA I 129 0.52 24.33 25.01
N LEU I 130 0.28 24.24 26.33
CA LEU I 130 1.18 24.83 27.36
C LEU I 130 2.04 23.69 27.89
N VAL I 131 3.29 23.61 27.41
CA VAL I 131 4.21 22.52 27.85
C VAL I 131 4.90 23.00 29.13
N VAL I 132 4.82 22.20 30.20
CA VAL I 132 5.46 22.58 31.49
C VAL I 132 6.51 21.54 31.87
N ASP I 133 7.71 22.01 32.21
CA ASP I 133 8.85 21.16 32.63
C ASP I 133 9.79 22.08 33.41
N PRO I 134 10.08 21.78 34.70
CA PRO I 134 10.95 22.65 35.50
C PRO I 134 12.31 23.05 34.91
N MET I 135 12.99 22.15 34.19
CA MET I 135 14.35 22.49 33.66
C MET I 135 14.47 22.26 32.15
N LEU I 136 15.24 23.13 31.50
CA LEU I 136 15.54 23.09 30.04
C LEU I 136 17.07 23.08 29.90
N ALA I 137 17.70 21.91 30.09
CA ALA I 137 19.17 21.78 30.02
C ALA I 137 19.91 21.65 28.69
N THR I 138 19.77 20.51 27.99
CA THR I 138 20.21 20.36 26.58
C THR I 138 19.04 20.70 25.64
N GLY I 139 17.79 20.50 26.10
CA GLY I 139 16.60 20.78 25.30
C GLY I 139 16.05 19.53 24.62
N GLY I 140 16.78 18.40 24.72
CA GLY I 140 16.36 17.12 24.10
C GLY I 140 14.95 16.71 24.47
N SER I 141 14.62 16.70 25.76
CA SER I 141 13.28 16.31 26.26
C SER I 141 12.20 17.25 25.70
N MET I 142 12.46 18.56 25.72
CA MET I 142 11.48 19.55 25.21
C MET I 142 11.30 19.38 23.70
N ILE I 143 12.41 19.22 22.96
CA ILE I 143 12.39 19.05 21.48
C ILE I 143 11.60 17.77 21.12
N ALA I 144 11.81 16.69 21.87
CA ALA I 144 11.12 15.39 21.65
C ALA I 144 9.62 15.55 21.94
N THR I 145 9.28 16.28 23.01
CA THR I 145 7.85 16.50 23.40
C THR I 145 7.13 17.28 22.29
N ILE I 146 7.76 18.33 21.78
CA ILE I 146 7.17 19.19 20.70
C ILE I 146 7.01 18.35 19.42
N ASP I 147 7.91 17.40 19.17
CA ASP I 147 7.80 16.52 17.97
C ASP I 147 6.49 15.73 18.05
N LEU I 148 6.16 15.22 19.25
CA LEU I 148 4.93 14.43 19.49
C LEU I 148 3.70 15.31 19.25
N LEU I 149 3.72 16.54 19.76
CA LEU I 149 2.58 17.49 19.60
C LEU I 149 2.40 17.84 18.11
N LYS I 150 3.49 18.11 17.38
CA LYS I 150 3.37 18.45 15.93
C LYS I 150 2.94 17.22 15.13
N ASN I 151 3.40 16.03 15.51
CA ASN I 151 3.02 14.79 14.77
C ASN I 151 1.51 14.60 14.99
N ALA I 152 1.02 15.01 16.16
CA ALA I 152 -0.42 14.90 16.51
C ALA I 152 -1.24 15.94 15.75
N GLY I 153 -0.60 17.02 15.28
CA GLY I 153 -1.28 18.09 14.49
C GLY I 153 -1.28 19.47 15.15
N CYS I 154 -0.73 19.63 16.36
CA CYS I 154 -0.74 20.94 17.05
C CYS I 154 0.22 21.93 16.36
N THR I 155 -0.21 23.19 16.20
CA THR I 155 0.62 24.23 15.52
C THR I 155 0.81 25.47 16.42
N SER I 156 0.20 25.48 17.60
CA SER I 156 0.32 26.62 18.56
C SER I 156 0.89 26.09 19.88
N ILE I 157 2.18 26.32 20.13
CA ILE I 157 2.80 25.78 21.38
C ILE I 157 3.57 26.86 22.15
N LYS I 158 3.38 26.86 23.48
CA LYS I 158 4.05 27.78 24.44
C LYS I 158 4.79 26.88 25.44
N VAL I 159 6.02 27.24 25.82
CA VAL I 159 6.81 26.39 26.76
C VAL I 159 7.07 27.14 28.07
N LEU I 160 6.73 26.51 29.20
CA LEU I 160 6.94 27.11 30.55
C LEU I 160 8.03 26.31 31.27
N VAL I 161 9.08 27.00 31.75
CA VAL I 161 10.20 26.32 32.49
C VAL I 161 10.67 27.25 33.61
N LEU I 162 11.19 26.70 34.70
CA LEU I 162 11.69 27.52 35.82
C LEU I 162 13.09 28.03 35.47
N VAL I 163 14.01 27.13 35.11
CA VAL I 163 15.40 27.51 34.74
C VAL I 163 15.72 26.97 33.34
N ALA I 164 16.41 27.77 32.52
CA ALA I 164 16.79 27.38 31.14
C ALA I 164 18.27 27.69 30.89
N ALA I 165 18.98 26.76 30.25
CA ALA I 165 20.41 26.94 29.92
C ALA I 165 20.52 27.46 28.50
N PRO I 166 21.50 28.35 28.19
CA PRO I 166 21.66 28.88 26.84
C PRO I 166 21.74 27.78 25.76
N GLU I 167 22.28 26.61 26.12
CA GLU I 167 22.41 25.47 25.17
C GLU I 167 21.02 24.96 24.79
N GLY I 168 20.13 24.80 25.77
CA GLY I 168 18.75 24.33 25.53
C GLY I 168 17.96 25.32 24.69
N ILE I 169 18.15 26.62 24.94
CA ILE I 169 17.45 27.69 24.18
C ILE I 169 17.89 27.64 22.71
N ALA I 170 19.20 27.54 22.46
CA ALA I 170 19.73 27.47 21.08
C ALA I 170 19.25 26.19 20.38
N ALA I 171 19.29 25.07 21.09
CA ALA I 171 18.86 23.76 20.53
C ALA I 171 17.35 23.79 20.24
N LEU I 172 16.57 24.38 21.16
CA LEU I 172 15.09 24.48 21.01
C LEU I 172 14.73 25.39 19.82
N GLU I 173 15.40 26.54 19.72
CA GLU I 173 15.14 27.52 18.62
C GLU I 173 15.54 26.94 17.26
N LYS I 174 16.58 26.11 17.22
CA LYS I 174 17.03 25.51 15.93
C LYS I 174 16.02 24.48 15.44
N ALA I 175 15.48 23.66 16.36
CA ALA I 175 14.51 22.60 16.00
C ALA I 175 13.07 23.14 15.85
N HIS I 176 12.61 23.98 16.79
CA HIS I 176 11.23 24.51 16.72
C HIS I 176 11.19 26.01 17.02
N PRO I 177 11.56 26.88 16.05
CA PRO I 177 11.55 28.32 16.28
C PRO I 177 10.17 29.00 16.37
N ASP I 178 9.07 28.27 16.12
CA ASP I 178 7.71 28.90 16.17
C ASP I 178 7.08 28.73 17.56
N VAL I 179 7.81 28.21 18.55
CA VAL I 179 7.24 28.05 19.92
C VAL I 179 7.70 29.26 20.75
N GLU I 180 6.90 29.67 21.73
CA GLU I 180 7.27 30.82 22.60
C GLU I 180 7.82 30.23 23.91
N LEU I 181 9.02 30.64 24.31
CA LEU I 181 9.65 30.15 25.55
C LEU I 181 9.45 31.16 26.68
N TYR I 182 8.93 30.70 27.82
CA TYR I 182 8.72 31.52 29.04
C TYR I 182 9.50 30.85 30.16
N THR I 183 10.52 31.54 30.69
CA THR I 183 11.35 30.96 31.77
C THR I 183 11.48 31.96 32.92
N ALA I 184 11.60 31.44 34.15
CA ALA I 184 11.77 32.31 35.35
C ALA I 184 13.22 32.78 35.40
N SER I 185 14.13 32.11 34.67
CA SER I 185 15.56 32.50 34.67
C SER I 185 16.35 31.84 33.53
N VAL I 186 17.41 32.52 33.10
CA VAL I 186 18.36 32.06 32.05
C VAL I 186 19.72 31.92 32.75
N ASP I 187 20.07 30.70 33.17
CA ASP I 187 21.34 30.44 33.92
C ASP I 187 22.55 30.54 32.98
N LYS I 188 23.76 30.39 33.56
CA LYS I 188 25.05 30.49 32.83
C LYS I 188 25.21 29.36 31.81
N GLY I 189 25.12 28.10 32.22
CA GLY I 189 25.27 26.99 31.24
C GLY I 189 25.11 25.61 31.86
N LEU I 190 25.66 24.60 31.18
CA LEU I 190 25.60 23.18 31.63
C LEU I 190 26.97 22.73 32.12
N ASN I 191 27.02 21.77 33.05
CA ASN I 191 28.30 21.24 33.57
C ASN I 191 28.67 20.01 32.72
N GLU I 192 29.61 19.18 33.17
CA GLU I 192 30.01 17.97 32.41
C GLU I 192 28.93 16.90 32.50
N HIS I 193 28.20 16.83 33.63
CA HIS I 193 27.14 15.80 33.83
C HIS I 193 25.85 16.20 33.08
N GLY I 194 25.80 17.40 32.49
CA GLY I 194 24.62 17.86 31.72
C GLY I 194 23.59 18.60 32.56
N TYR I 195 23.90 18.93 33.82
CA TYR I 195 22.96 19.67 34.70
C TYR I 195 23.17 21.18 34.58
N ILE I 196 22.08 21.94 34.70
CA ILE I 196 22.12 23.43 34.61
C ILE I 196 22.81 23.99 35.86
N ILE I 197 23.58 25.07 35.70
CA ILE I 197 24.31 25.73 36.83
C ILE I 197 24.08 27.24 36.70
N PRO I 198 23.68 27.95 37.79
CA PRO I 198 23.43 27.34 39.10
C PRO I 198 22.38 26.22 39.08
N GLY I 199 21.28 26.43 38.36
CA GLY I 199 20.19 25.43 38.22
C GLY I 199 19.41 25.20 39.50
N LEU I 200 18.71 24.06 39.56
CA LEU I 200 17.87 23.64 40.71
C LEU I 200 18.21 22.20 41.09
N GLY I 201 19.39 21.71 40.68
CA GLY I 201 19.79 20.33 40.98
C GLY I 201 18.89 19.33 40.27
N ASP I 202 18.64 18.17 40.89
CA ASP I 202 17.77 17.14 40.27
C ASP I 202 16.32 17.47 40.67
N ALA I 203 15.72 18.46 39.99
CA ALA I 203 14.33 18.94 40.23
C ALA I 203 13.34 17.78 40.29
N GLY I 204 13.39 16.87 39.32
CA GLY I 204 12.46 15.71 39.28
C GLY I 204 12.46 14.95 40.60
N ASP I 205 13.62 14.47 41.03
CA ASP I 205 13.74 13.71 42.29
C ASP I 205 13.52 14.62 43.50
N LYS I 206 13.65 15.93 43.34
CA LYS I 206 13.50 16.82 44.51
C LYS I 206 12.00 17.10 44.74
N ILE I 207 11.21 17.07 43.67
CA ILE I 207 9.73 17.33 43.71
C ILE I 207 9.00 16.08 44.23
N PHE I 208 9.49 14.89 43.86
CA PHE I 208 8.85 13.60 44.24
C PHE I 208 9.49 13.00 45.50
N GLY I 209 10.62 13.55 45.95
CA GLY I 209 11.29 13.03 47.16
C GLY I 209 11.98 11.69 46.89
N THR I 210 12.49 11.50 45.67
CA THR I 210 13.22 10.26 45.31
C THR I 210 14.72 10.57 45.32
N LYS I 211 15.58 9.59 44.99
CA LYS I 211 17.05 9.83 45.00
C LYS I 211 17.66 9.33 43.68
N ASN J 2 -1.78 66.21 41.80
CA ASN J 2 -1.27 64.82 42.04
C ASN J 2 -2.44 63.84 41.87
N ALA J 3 -2.73 63.48 40.61
CA ALA J 3 -3.85 62.56 40.26
C ALA J 3 -3.60 61.15 40.82
N MET J 4 -4.68 60.37 40.95
CA MET J 4 -4.62 58.98 41.47
C MET J 4 -4.26 58.04 40.31
N LYS J 5 -3.28 57.14 40.52
CA LYS J 5 -2.88 56.21 39.44
C LYS J 5 -3.89 55.07 39.35
N ILE J 6 -4.51 54.91 38.17
CA ILE J 6 -5.53 53.85 37.90
C ILE J 6 -4.94 52.82 36.94
N VAL J 7 -5.15 51.53 37.22
CA VAL J 7 -4.64 50.44 36.34
C VAL J 7 -5.80 49.48 36.06
N GLU J 8 -6.33 49.54 34.83
CA GLU J 8 -7.45 48.66 34.42
C GLU J 8 -6.82 47.41 33.79
N VAL J 9 -6.70 46.33 34.56
CA VAL J 9 -6.09 45.05 34.10
C VAL J 9 -6.91 44.48 32.94
N LYS J 10 -6.34 44.52 31.73
CA LYS J 10 -7.03 44.01 30.50
C LYS J 10 -6.51 42.63 30.08
N HIS J 11 -5.81 41.92 30.98
CA HIS J 11 -5.29 40.57 30.65
C HIS J 11 -6.45 39.68 30.20
N PRO J 12 -6.29 38.84 29.15
CA PRO J 12 -7.37 37.99 28.66
C PRO J 12 -8.10 37.15 29.72
N LEU J 13 -7.35 36.46 30.61
CA LEU J 13 -7.99 35.62 31.68
C LEU J 13 -8.85 36.49 32.62
N VAL J 14 -8.39 37.70 32.94
CA VAL J 14 -9.14 38.61 33.85
C VAL J 14 -10.45 39.03 33.18
N LYS J 15 -10.42 39.35 31.88
CA LYS J 15 -11.64 39.79 31.15
C LYS J 15 -12.60 38.61 30.98
N HIS J 16 -12.06 37.41 30.79
CA HIS J 16 -12.89 36.18 30.61
C HIS J 16 -13.57 35.81 31.93
N LYS J 17 -12.79 35.64 32.99
CA LYS J 17 -13.31 35.26 34.34
C LYS J 17 -14.30 36.31 34.84
N LEU J 18 -14.01 37.60 34.66
CA LEU J 18 -14.94 38.67 35.10
C LEU J 18 -16.26 38.51 34.34
N GLY J 19 -16.18 38.18 33.04
CA GLY J 19 -17.36 37.99 32.18
C GLY J 19 -18.23 36.84 32.64
N LEU J 20 -17.62 35.84 33.29
CA LEU J 20 -18.36 34.65 33.80
C LEU J 20 -19.14 35.05 35.06
N MET J 21 -18.57 35.94 35.88
CA MET J 21 -19.22 36.41 37.14
C MET J 21 -20.46 37.25 36.84
N ARG J 22 -20.49 37.94 35.69
CA ARG J 22 -21.67 38.80 35.35
C ARG J 22 -22.88 37.91 35.06
N GLU J 23 -22.67 36.64 34.70
CA GLU J 23 -23.78 35.69 34.42
C GLU J 23 -24.71 35.69 35.65
N HIS J 24 -26.02 35.89 35.45
CA HIS J 24 -26.95 35.94 36.61
C HIS J 24 -27.21 34.52 37.16
N ASP J 25 -27.03 33.50 36.32
CA ASP J 25 -27.26 32.08 36.73
C ASP J 25 -26.01 31.49 37.39
N ILE J 26 -24.95 32.28 37.60
CA ILE J 26 -23.72 31.72 38.22
C ILE J 26 -24.03 31.27 39.65
N SER J 27 -23.47 30.14 40.07
CA SER J 27 -23.67 29.59 41.44
C SER J 27 -22.71 30.27 42.42
N THR J 28 -22.91 30.02 43.72
CA THR J 28 -22.04 30.59 44.78
C THR J 28 -20.64 29.96 44.67
N LYS J 29 -20.55 28.62 44.57
CA LYS J 29 -19.23 27.94 44.46
C LYS J 29 -18.42 28.57 43.33
N ARG J 30 -19.03 28.64 42.13
CA ARG J 30 -18.44 29.19 40.89
C ARG J 30 -18.00 30.65 41.09
N PHE J 31 -18.92 31.50 41.56
CA PHE J 31 -18.67 32.95 41.78
C PHE J 31 -17.55 33.15 42.81
N ARG J 32 -17.54 32.35 43.86
CA ARG J 32 -16.52 32.41 44.95
C ARG J 32 -15.16 32.04 44.36
N GLU J 33 -15.12 30.95 43.58
CA GLU J 33 -13.89 30.46 42.89
C GLU J 33 -13.26 31.59 42.08
N LEU J 34 -14.04 32.16 41.16
CA LEU J 34 -13.57 33.25 40.26
C LEU J 34 -13.14 34.48 41.07
N ALA J 35 -13.88 34.84 42.12
CA ALA J 35 -13.53 36.03 42.94
C ALA J 35 -12.11 35.87 43.48
N SER J 36 -11.80 34.68 43.99
CA SER J 36 -10.46 34.37 44.56
C SER J 36 -9.43 34.32 43.43
N GLU J 37 -9.78 33.70 42.30
CA GLU J 37 -8.84 33.54 41.16
C GLU J 37 -8.53 34.94 40.59
N VAL J 38 -9.56 35.76 40.32
CA VAL J 38 -9.33 37.12 39.76
C VAL J 38 -8.52 37.94 40.78
N GLY J 39 -8.79 37.78 42.08
CA GLY J 39 -8.03 38.51 43.12
C GLY J 39 -6.56 38.15 43.06
N SER J 40 -6.28 36.91 42.64
CA SER J 40 -4.90 36.37 42.51
C SER J 40 -4.16 37.12 41.38
N LEU J 41 -4.82 37.29 40.23
CA LEU J 41 -4.25 37.97 39.05
C LEU J 41 -4.02 39.46 39.36
N LEU J 42 -4.95 40.11 40.07
CA LEU J 42 -4.79 41.55 40.41
C LEU J 42 -3.61 41.71 41.38
N THR J 43 -3.34 40.70 42.20
CA THR J 43 -2.21 40.74 43.17
C THR J 43 -0.88 40.71 42.41
N TYR J 44 -0.77 39.81 41.43
CA TYR J 44 0.47 39.69 40.60
C TYR J 44 0.75 41.05 39.94
N GLU J 45 -0.30 41.62 39.33
CA GLU J 45 -0.22 42.92 38.61
C GLU J 45 0.16 44.05 39.58
N ALA J 46 -0.37 44.01 40.81
CA ALA J 46 -0.12 45.06 41.83
C ALA J 46 1.23 44.89 42.54
N THR J 47 1.83 43.69 42.49
CA THR J 47 3.14 43.45 43.17
C THR J 47 4.28 43.42 42.13
N ALA J 48 4.07 44.04 40.96
CA ALA J 48 5.11 44.07 39.90
C ALA J 48 6.20 45.09 40.22
N ASP J 49 5.91 46.07 41.09
CA ASP J 49 6.91 47.13 41.44
C ASP J 49 7.60 46.84 42.77
N LEU J 50 7.36 45.69 43.41
CA LEU J 50 8.04 45.41 44.72
C LEU J 50 9.55 45.51 44.54
N GLU J 51 10.22 46.27 45.42
CA GLU J 51 11.69 46.46 45.37
C GLU J 51 12.37 45.15 45.80
N THR J 52 13.53 44.84 45.22
CA THR J 52 14.27 43.60 45.57
C THR J 52 15.73 43.94 45.89
N GLU J 53 16.42 43.03 46.58
CA GLU J 53 17.85 43.20 46.96
C GLU J 53 18.58 41.89 46.62
N LYS J 54 19.74 41.98 45.97
CA LYS J 54 20.51 40.77 45.60
C LYS J 54 21.25 40.26 46.85
N VAL J 55 21.04 38.98 47.21
CA VAL J 55 21.67 38.34 48.40
C VAL J 55 22.36 37.05 47.92
N THR J 56 23.33 36.56 48.70
CA THR J 56 24.07 35.31 48.34
C THR J 56 23.68 34.20 49.31
N ILE J 57 23.20 33.06 48.77
CA ILE J 57 22.77 31.88 49.59
C ILE J 57 23.50 30.64 49.05
N GLU J 58 23.50 29.55 49.81
CA GLU J 58 24.19 28.28 49.39
C GLU J 58 23.23 27.52 48.47
N GLY J 59 23.51 27.53 47.16
CA GLY J 59 22.68 26.85 46.14
C GLY J 59 23.01 25.38 46.01
N TRP J 60 22.39 24.71 45.04
CA TRP J 60 22.61 23.25 44.79
C TRP J 60 24.00 23.00 44.20
N ASN J 61 24.65 24.04 43.67
CA ASN J 61 26.00 23.90 43.06
C ASN J 61 26.96 24.89 43.76
N GLY J 62 26.72 25.18 45.03
CA GLY J 62 27.56 26.13 45.80
C GLY J 62 26.91 27.51 45.90
N PRO J 63 27.66 28.54 46.35
CA PRO J 63 27.12 29.89 46.48
C PRO J 63 26.46 30.42 45.19
N VAL J 64 25.32 31.10 45.33
CA VAL J 64 24.58 31.67 44.16
C VAL J 64 23.92 32.99 44.61
N GLU J 65 23.88 33.98 43.72
CA GLU J 65 23.29 35.31 44.01
C GLU J 65 21.80 35.29 43.62
N VAL J 66 20.91 35.19 44.61
CA VAL J 66 19.44 35.15 44.39
C VAL J 66 18.86 36.53 44.72
N GLU J 67 17.54 36.62 44.97
CA GLU J 67 16.92 37.92 45.31
C GLU J 67 15.84 37.75 46.38
N GLN J 68 15.71 38.78 47.23
CA GLN J 68 14.73 38.84 48.34
C GLN J 68 13.96 40.17 48.24
N ILE J 69 12.67 40.16 48.56
CA ILE J 69 11.84 41.40 48.51
C ILE J 69 12.15 42.22 49.77
N LYS J 70 12.54 43.50 49.60
CA LYS J 70 12.87 44.36 50.76
C LYS J 70 11.58 44.81 51.46
N GLY J 71 11.73 45.44 52.64
CA GLY J 71 10.59 45.92 53.45
C GLY J 71 10.02 44.81 54.30
N LYS J 72 9.08 45.15 55.19
CA LYS J 72 8.44 44.14 56.08
C LYS J 72 7.24 43.52 55.37
N LYS J 73 6.81 42.35 55.87
CA LYS J 73 5.67 41.58 55.30
C LYS J 73 4.50 42.50 54.97
N ILE J 74 3.94 42.36 53.77
CA ILE J 74 2.78 43.16 53.27
C ILE J 74 1.56 42.81 54.13
N THR J 75 0.63 43.77 54.31
CA THR J 75 -0.61 43.50 55.09
C THR J 75 -1.79 43.47 54.13
N VAL J 76 -2.58 42.39 54.17
CA VAL J 76 -3.80 42.27 53.29
C VAL J 76 -4.95 42.87 54.11
N VAL J 77 -5.65 43.85 53.54
CA VAL J 77 -6.78 44.53 54.24
C VAL J 77 -8.09 44.21 53.53
N PRO J 78 -8.76 43.08 53.86
CA PRO J 78 -10.03 42.73 53.24
C PRO J 78 -11.20 43.50 53.89
N ILE J 79 -12.09 44.07 53.07
CA ILE J 79 -13.27 44.79 53.63
C ILE J 79 -14.37 43.74 53.78
N LEU J 80 -14.63 43.32 55.02
CA LEU J 80 -15.66 42.29 55.34
C LEU J 80 -17.02 42.77 54.87
N ARG J 81 -17.84 41.89 54.28
CA ARG J 81 -17.55 40.43 54.19
C ARG J 81 -16.94 40.14 52.82
N ALA J 82 -17.48 40.75 51.77
CA ALA J 82 -17.11 40.54 50.36
C ALA J 82 -15.61 40.37 50.13
N GLY J 83 -14.76 41.21 50.71
CA GLY J 83 -13.30 41.13 50.56
C GLY J 83 -12.72 39.77 50.87
N LEU J 84 -13.24 39.04 51.84
CA LEU J 84 -12.73 37.69 52.17
C LEU J 84 -12.71 36.81 50.91
N GLY J 85 -13.64 37.00 49.99
CA GLY J 85 -13.70 36.20 48.73
C GLY J 85 -12.50 36.39 47.82
N MET J 86 -11.71 37.44 48.03
CA MET J 86 -10.52 37.73 47.18
C MET J 86 -9.23 37.48 47.97
N MET J 87 -9.31 37.54 49.31
CA MET J 87 -8.14 37.36 50.20
C MET J 87 -7.41 36.05 49.91
N GLU J 88 -8.15 34.96 49.67
N GLU J 88 -8.15 34.95 49.68
CA GLU J 88 -7.55 33.63 49.40
CA GLU J 88 -7.54 33.62 49.39
C GLU J 88 -6.66 33.70 48.15
C GLU J 88 -6.64 33.72 48.16
N GLY J 89 -7.06 34.50 47.15
CA GLY J 89 -6.26 34.66 45.92
C GLY J 89 -4.99 35.46 46.19
N VAL J 90 -5.08 36.46 47.06
CA VAL J 90 -3.91 37.31 47.42
C VAL J 90 -2.91 36.46 48.22
N LEU J 91 -3.42 35.68 49.19
CA LEU J 91 -2.56 34.83 50.05
C LEU J 91 -1.84 33.72 49.26
N GLU J 92 -2.22 33.48 48.00
CA GLU J 92 -1.50 32.43 47.21
C GLU J 92 -0.10 32.93 46.84
N HIS J 93 0.02 34.24 46.60
CA HIS J 93 1.31 34.85 46.18
C HIS J 93 2.05 35.46 47.38
N VAL J 94 1.30 35.87 48.42
CA VAL J 94 1.91 36.47 49.64
C VAL J 94 1.30 35.77 50.87
N PRO J 95 1.56 34.46 51.06
CA PRO J 95 1.00 33.71 52.18
C PRO J 95 1.49 34.11 53.58
N SER J 96 2.61 34.84 53.67
CA SER J 96 3.15 35.28 54.98
C SER J 96 2.59 36.65 55.35
N ALA J 97 1.78 37.23 54.46
CA ALA J 97 1.17 38.57 54.68
C ALA J 97 0.31 38.59 55.94
N ARG J 98 0.40 39.69 56.70
CA ARG J 98 -0.38 39.90 57.95
C ARG J 98 -1.80 40.31 57.51
N ILE J 99 -2.83 39.83 58.21
CA ILE J 99 -4.24 40.15 57.80
C ILE J 99 -4.84 41.20 58.75
N SER J 100 -5.25 42.34 58.18
CA SER J 100 -5.89 43.47 58.90
C SER J 100 -7.35 43.56 58.43
N VAL J 101 -8.27 42.89 59.11
CA VAL J 101 -9.70 42.90 58.72
C VAL J 101 -10.32 44.26 59.05
N VAL J 102 -11.27 44.69 58.23
CA VAL J 102 -12.02 45.97 58.39
C VAL J 102 -13.48 45.66 58.03
N GLY J 103 -14.34 45.59 59.05
CA GLY J 103 -15.77 45.27 58.85
C GLY J 103 -16.60 46.50 58.54
N ILE J 104 -17.31 46.47 57.40
CA ILE J 104 -18.19 47.61 56.96
C ILE J 104 -19.41 47.04 56.24
N TYR J 105 -20.61 47.51 56.61
CA TYR J 105 -21.84 47.06 55.91
C TYR J 105 -22.49 48.34 55.37
N ARG J 106 -22.69 48.42 54.05
CA ARG J 106 -23.30 49.64 53.49
C ARG J 106 -24.81 49.60 53.72
N ASN J 107 -25.37 50.68 54.29
CA ASN J 107 -26.83 50.78 54.53
C ASN J 107 -27.47 50.95 53.14
N GLU J 108 -28.25 49.96 52.69
CA GLU J 108 -28.87 50.00 51.34
C GLU J 108 -29.94 51.11 51.23
N GLU J 109 -30.25 51.79 52.33
CA GLU J 109 -31.28 52.87 52.29
C GLU J 109 -30.58 54.23 52.16
N THR J 110 -29.45 54.42 52.85
CA THR J 110 -28.70 55.70 52.82
C THR J 110 -27.35 55.55 52.11
N LEU J 111 -27.00 54.33 51.67
CA LEU J 111 -25.71 54.04 50.98
C LEU J 111 -24.55 54.43 51.91
N GLU J 112 -24.84 54.62 53.19
CA GLU J 112 -23.84 55.03 54.22
C GLU J 112 -22.95 53.84 54.56
N PRO J 113 -21.61 54.04 54.64
CA PRO J 113 -20.69 52.96 55.00
C PRO J 113 -20.65 52.82 56.53
N VAL J 114 -21.38 51.84 57.08
CA VAL J 114 -21.42 51.66 58.56
C VAL J 114 -20.31 50.71 59.01
N PRO J 115 -19.38 51.17 59.87
CA PRO J 115 -18.29 50.32 60.36
C PRO J 115 -18.77 49.51 61.57
N TYR J 116 -18.22 48.30 61.77
CA TYR J 116 -18.65 47.48 62.93
C TYR J 116 -17.43 46.90 63.68
N PHE J 117 -16.30 46.74 62.99
CA PHE J 117 -15.10 46.18 63.67
C PHE J 117 -13.85 46.34 62.79
N GLN J 118 -12.70 46.41 63.45
CA GLN J 118 -11.38 46.52 62.78
C GLN J 118 -10.29 45.98 63.71
N LYS J 119 -9.18 45.54 63.13
CA LYS J 119 -8.06 44.91 63.89
C LYS J 119 -6.83 44.99 62.98
N LEU J 120 -6.23 46.18 62.91
CA LEU J 120 -5.03 46.44 62.06
C LEU J 120 -3.80 45.82 62.73
N VAL J 121 -2.85 45.36 61.92
CA VAL J 121 -1.59 44.75 62.42
C VAL J 121 -0.72 45.85 63.04
N SER J 122 0.27 45.46 63.87
CA SER J 122 1.17 46.45 64.52
C SER J 122 2.22 46.94 63.52
N ASN J 123 2.80 48.12 63.79
CA ASN J 123 3.85 48.73 62.93
C ASN J 123 3.39 48.77 61.47
N ILE J 124 2.14 49.19 61.23
CA ILE J 124 1.57 49.27 59.85
C ILE J 124 2.22 50.43 59.09
N ASP J 125 2.90 51.34 59.80
CA ASP J 125 3.56 52.50 59.14
C ASP J 125 4.81 52.03 58.38
N GLU J 126 5.26 50.80 58.63
CA GLU J 126 6.45 50.22 57.97
C GLU J 126 6.01 49.09 57.01
N ARG J 127 4.77 49.16 56.52
CA ARG J 127 4.25 48.10 55.62
C ARG J 127 3.43 48.67 54.47
N MET J 128 3.24 47.85 53.43
CA MET J 128 2.41 48.21 52.25
C MET J 128 1.03 47.58 52.51
N ALA J 129 -0.06 48.28 52.19
CA ALA J 129 -1.40 47.71 52.44
C ALA J 129 -2.09 47.34 51.13
N LEU J 130 -2.50 46.07 51.01
CA LEU J 130 -3.26 45.57 49.82
C LEU J 130 -4.73 45.50 50.25
N VAL J 131 -5.50 46.56 49.98
CA VAL J 131 -6.94 46.58 50.35
C VAL J 131 -7.71 45.81 49.27
N VAL J 132 -8.55 44.85 49.66
CA VAL J 132 -9.32 44.06 48.66
C VAL J 132 -10.82 44.16 48.96
N ASP J 133 -11.60 44.52 47.93
CA ASP J 133 -13.08 44.64 48.02
C ASP J 133 -13.60 44.46 46.60
N PRO J 134 -14.49 43.49 46.33
CA PRO J 134 -14.99 43.26 44.97
C PRO J 134 -15.58 44.46 44.23
N MET J 135 -16.27 45.35 44.92
CA MET J 135 -16.92 46.50 44.20
C MET J 135 -16.56 47.84 44.83
N LEU J 136 -16.49 48.87 43.98
CA LEU J 136 -16.20 50.28 44.35
C LEU J 136 -17.32 51.12 43.72
N ALA J 137 -18.48 51.16 44.38
CA ALA J 137 -19.65 51.92 43.88
C ALA J 137 -19.75 53.42 44.12
N THR J 138 -19.97 53.85 45.37
CA THR J 138 -19.87 55.28 45.76
C THR J 138 -18.45 55.59 46.24
N GLY J 139 -17.74 54.57 46.74
CA GLY J 139 -16.36 54.72 47.25
C GLY J 139 -16.34 55.02 48.74
N GLY J 140 -17.52 55.12 49.37
CA GLY J 140 -17.63 55.41 50.81
C GLY J 140 -16.94 54.36 51.67
N SER J 141 -17.16 53.09 51.36
CA SER J 141 -16.56 51.97 52.14
C SER J 141 -15.03 52.02 52.04
N MET J 142 -14.50 52.17 50.82
CA MET J 142 -13.04 52.22 50.56
C MET J 142 -12.42 53.45 51.24
N ILE J 143 -13.05 54.62 51.10
CA ILE J 143 -12.55 55.89 51.71
C ILE J 143 -12.52 55.74 53.24
N ALA J 144 -13.52 55.08 53.82
CA ALA J 144 -13.60 54.88 55.29
C ALA J 144 -12.45 53.98 55.74
N THR J 145 -12.18 52.91 54.99
CA THR J 145 -11.10 51.94 55.31
C THR J 145 -9.73 52.63 55.26
N ILE J 146 -9.48 53.43 54.22
CA ILE J 146 -8.19 54.15 54.07
C ILE J 146 -8.03 55.19 55.19
N ASP J 147 -9.13 55.82 55.62
CA ASP J 147 -9.03 56.81 56.73
C ASP J 147 -8.41 56.11 57.96
N LEU J 148 -8.86 54.89 58.26
CA LEU J 148 -8.36 54.08 59.40
C LEU J 148 -6.87 53.76 59.20
N LEU J 149 -6.51 53.29 57.99
CA LEU J 149 -5.11 52.93 57.65
C LEU J 149 -4.19 54.17 57.76
N LYS J 150 -4.65 55.34 57.30
CA LYS J 150 -3.78 56.56 57.40
C LYS J 150 -3.56 56.94 58.87
N ASN J 151 -4.65 57.09 59.64
CA ASN J 151 -4.54 57.46 61.07
C ASN J 151 -3.64 56.46 61.81
N ALA J 152 -3.57 55.22 61.31
CA ALA J 152 -2.73 54.18 61.93
C ALA J 152 -1.24 54.43 61.60
N GLY J 153 -0.97 55.12 60.49
CA GLY J 153 0.41 55.44 60.07
C GLY J 153 0.79 54.84 58.72
N CYS J 154 -0.12 54.14 58.06
CA CYS J 154 0.19 53.51 56.74
C CYS J 154 0.32 54.58 55.65
N THR J 155 1.43 54.55 54.90
CA THR J 155 1.71 55.53 53.81
C THR J 155 1.54 54.87 52.44
N SER J 156 2.07 53.65 52.26
CA SER J 156 1.98 52.91 50.97
C SER J 156 0.70 52.05 50.97
N ILE J 157 -0.26 52.39 50.10
CA ILE J 157 -1.56 51.64 50.01
C ILE J 157 -1.92 51.34 48.56
N LYS J 158 -2.38 50.11 48.31
CA LYS J 158 -2.83 49.63 46.96
C LYS J 158 -4.25 49.06 47.11
N VAL J 159 -5.16 49.45 46.20
CA VAL J 159 -6.58 48.96 46.26
C VAL J 159 -6.84 47.99 45.10
N LEU J 160 -7.38 46.81 45.42
CA LEU J 160 -7.71 45.77 44.39
C LEU J 160 -9.22 45.55 44.38
N VAL J 161 -9.89 45.92 43.29
CA VAL J 161 -11.38 45.73 43.18
C VAL J 161 -11.69 45.01 41.87
N LEU J 162 -12.81 44.28 41.81
CA LEU J 162 -13.21 43.57 40.57
C LEU J 162 -13.85 44.57 39.61
N VAL J 163 -14.82 45.35 40.09
CA VAL J 163 -15.52 46.38 39.26
C VAL J 163 -15.50 47.73 40.01
N ALA J 164 -15.43 48.83 39.27
CA ALA J 164 -15.38 50.19 39.86
C ALA J 164 -16.21 51.16 39.02
N ALA J 165 -17.10 51.92 39.67
CA ALA J 165 -17.93 52.91 38.95
C ALA J 165 -17.16 54.23 38.93
N PRO J 166 -17.26 55.03 37.83
CA PRO J 166 -16.55 56.31 37.77
C PRO J 166 -16.79 57.18 39.02
N GLU J 167 -18.03 57.20 39.53
CA GLU J 167 -18.38 58.00 40.74
C GLU J 167 -17.45 57.59 41.90
N GLY J 168 -17.28 56.28 42.10
CA GLY J 168 -16.42 55.74 43.18
C GLY J 168 -14.96 56.13 42.99
N ILE J 169 -14.48 56.06 41.74
CA ILE J 169 -13.07 56.43 41.39
C ILE J 169 -12.87 57.92 41.67
N ALA J 170 -13.84 58.75 41.27
CA ALA J 170 -13.77 60.22 41.46
C ALA J 170 -13.75 60.56 42.96
N ALA J 171 -14.59 59.89 43.76
CA ALA J 171 -14.66 60.14 45.22
C ALA J 171 -13.37 59.67 45.91
N LEU J 172 -12.81 58.55 45.46
CA LEU J 172 -11.56 58.00 46.05
C LEU J 172 -10.35 58.86 45.70
N GLU J 173 -10.35 59.46 44.49
CA GLU J 173 -9.20 60.31 44.04
C GLU J 173 -9.08 61.58 44.87
N LYS J 174 -10.18 62.34 45.03
CA LYS J 174 -10.11 63.61 45.82
C LYS J 174 -9.95 63.29 47.31
N ALA J 175 -10.43 62.13 47.77
CA ALA J 175 -10.31 61.76 49.20
C ALA J 175 -8.89 61.24 49.49
N HIS J 176 -8.35 60.39 48.61
CA HIS J 176 -6.98 59.81 48.80
C HIS J 176 -6.29 59.64 47.45
N PRO J 177 -5.63 60.69 46.91
CA PRO J 177 -4.95 60.60 45.61
C PRO J 177 -3.68 59.74 45.61
N ASP J 178 -2.95 59.68 46.74
CA ASP J 178 -1.69 58.91 46.85
C ASP J 178 -1.97 57.40 46.85
N VAL J 179 -3.24 57.00 46.72
CA VAL J 179 -3.61 55.56 46.68
C VAL J 179 -3.55 55.09 45.22
N GLU J 180 -3.16 53.83 44.98
CA GLU J 180 -3.09 53.30 43.59
C GLU J 180 -4.21 52.26 43.44
N LEU J 181 -5.14 52.50 42.50
CA LEU J 181 -6.29 51.59 42.27
C LEU J 181 -6.01 50.60 41.14
N TYR J 182 -6.26 49.32 41.41
CA TYR J 182 -6.11 48.20 40.45
C TYR J 182 -7.50 47.58 40.29
N THR J 183 -8.12 47.76 39.13
CA THR J 183 -9.48 47.20 38.90
C THR J 183 -9.49 46.29 37.68
N ALA J 184 -10.34 45.26 37.69
CA ALA J 184 -10.46 44.33 36.55
C ALA J 184 -11.36 44.98 35.49
N SER J 185 -12.03 46.08 35.88
CA SER J 185 -12.94 46.80 34.94
C SER J 185 -13.44 48.11 35.55
N VAL J 186 -13.77 49.06 34.66
CA VAL J 186 -14.34 50.40 35.01
C VAL J 186 -15.70 50.44 34.30
N ASP J 187 -16.76 50.09 35.03
CA ASP J 187 -18.15 50.04 34.47
C ASP J 187 -18.63 51.45 34.12
N LYS J 188 -19.86 51.55 33.61
CA LYS J 188 -20.47 52.83 33.17
C LYS J 188 -20.83 53.73 34.38
N GLY J 189 -21.54 53.21 35.38
CA GLY J 189 -21.87 54.08 36.54
C GLY J 189 -22.69 53.37 37.60
N LEU J 190 -23.46 54.15 38.37
CA LEU J 190 -24.34 53.63 39.46
C LEU J 190 -25.80 53.78 39.07
N ASN J 191 -26.67 52.88 39.53
CA ASN J 191 -28.12 52.96 39.22
C ASN J 191 -28.77 53.88 40.26
N GLU J 192 -30.10 53.81 40.40
CA GLU J 192 -30.83 54.66 41.38
C GLU J 192 -30.59 54.14 42.82
N HIS J 193 -30.31 52.85 42.98
CA HIS J 193 -30.11 52.25 44.33
C HIS J 193 -28.63 52.13 44.71
N GLY J 194 -27.73 52.83 44.00
CA GLY J 194 -26.29 52.81 44.31
C GLY J 194 -25.56 51.55 43.87
N TYR J 195 -26.11 50.78 42.91
CA TYR J 195 -25.42 49.56 42.42
C TYR J 195 -24.68 49.85 41.11
N ILE J 196 -23.47 49.29 40.98
CA ILE J 196 -22.63 49.47 39.76
C ILE J 196 -23.32 48.80 38.58
N ILE J 197 -23.29 49.43 37.40
CA ILE J 197 -23.92 48.88 36.16
C ILE J 197 -22.87 48.89 35.05
N PRO J 198 -22.67 47.78 34.30
CA PRO J 198 -23.41 46.52 34.49
C PRO J 198 -23.24 45.89 35.88
N GLY J 199 -22.04 46.03 36.48
CA GLY J 199 -21.71 45.51 37.83
C GLY J 199 -21.79 44.00 37.99
N LEU J 200 -21.91 43.55 39.25
CA LEU J 200 -22.00 42.12 39.64
C LEU J 200 -23.13 41.87 40.66
N GLY J 201 -23.95 42.89 40.96
CA GLY J 201 -25.05 42.75 41.93
C GLY J 201 -24.54 42.68 43.37
N ASP J 202 -25.16 41.85 44.21
CA ASP J 202 -24.71 41.70 45.63
C ASP J 202 -23.52 40.75 45.67
N ALA J 203 -22.33 41.25 45.34
CA ALA J 203 -21.10 40.42 45.34
C ALA J 203 -20.97 39.69 46.68
N GLY J 204 -21.26 40.37 47.79
CA GLY J 204 -21.17 39.77 49.13
C GLY J 204 -22.08 38.57 49.29
N ASP J 205 -23.37 38.75 49.00
CA ASP J 205 -24.38 37.67 49.12
C ASP J 205 -24.03 36.51 48.16
N LYS J 206 -23.60 36.80 46.93
CA LYS J 206 -23.24 35.74 45.94
C LYS J 206 -22.04 34.92 46.43
N ILE J 207 -21.04 35.59 47.04
CA ILE J 207 -19.81 34.90 47.54
C ILE J 207 -20.14 33.98 48.73
N PHE J 208 -20.95 34.45 49.68
CA PHE J 208 -21.31 33.67 50.90
C PHE J 208 -22.61 32.86 50.74
N GLY J 209 -23.39 33.12 49.69
CA GLY J 209 -24.66 32.39 49.48
C GLY J 209 -25.76 32.85 50.43
N THR J 210 -25.67 34.11 50.90
CA THR J 210 -26.67 34.70 51.83
C THR J 210 -27.59 35.63 51.03
N LYS J 211 -28.32 35.04 50.08
CA LYS J 211 -29.25 35.79 49.20
C LYS J 211 -30.67 35.22 49.35
C1 GLC K . 15.44 -4.68 -10.48
C2 GLC K . 16.55 -5.59 -9.94
C3 GLC K . 17.54 -4.81 -9.10
C4 GLC K . 18.21 -3.73 -9.95
C5 GLC K . 17.20 -3.04 -10.86
C6 GLC K . 17.37 -3.44 -12.33
O2 GLC K . 15.99 -6.65 -9.15
O3 GLC K . 18.55 -5.68 -8.58
O4 GLC K . 18.84 -2.79 -9.07
O5 GLC K . 15.85 -3.31 -10.44
O6 GLC K . 18.47 -2.71 -12.90
C1 FRU K . 12.29 -5.87 -10.59
C2 FRU K . 12.99 -4.55 -10.24
C3 FRU K . 12.17 -3.73 -9.23
C4 FRU K . 12.07 -2.33 -9.80
C5 FRU K . 12.45 -2.48 -11.27
C6 FRU K . 13.37 -1.35 -11.74
O1 FRU K . 12.60 -6.28 -11.92
O2 FRU K . 14.27 -4.85 -9.66
O3 FRU K . 12.80 -3.69 -7.95
O4 FRU K . 10.74 -1.83 -9.66
O5 FRU K . 13.10 -3.74 -11.42
O6 FRU K . 12.64 -0.12 -11.78
C1 BDF L . -19.07 -24.10 -30.84
C2 BDF L . -18.32 -23.31 -31.91
C3 BDF L . -17.09 -24.07 -32.39
C4 BDF L . -16.26 -23.21 -33.34
C5 BDF L . -15.89 -21.89 -32.67
C6 BDF L . -17.16 -21.22 -32.16
O1 BDF L . -19.54 -25.32 -31.35
O2 BDF L . -19.18 -23.07 -32.99
O3 BDF L . -17.48 -25.27 -33.03
O4 BDF L . -15.09 -23.91 -33.75
O5 BDF L . -14.99 -22.11 -31.59
O6 BDF L . -17.92 -22.08 -31.29
C1 BDF M . -19.63 -19.33 -37.30
C2 BDF M . -18.17 -19.54 -37.68
C3 BDF M . -17.51 -20.65 -36.84
C4 BDF M . -16.03 -20.34 -36.62
C5 BDF M . -15.88 -19.07 -35.80
C6 BDF M . -17.02 -18.13 -36.10
O1 BDF M . -20.05 -18.02 -37.68
O2 BDF M . -18.08 -19.89 -39.04
O3 BDF M . -17.66 -21.89 -37.52
O4 BDF M . -15.40 -21.44 -35.97
O5 BDF M . -15.87 -19.37 -34.40
O6 BDF M . -17.51 -18.29 -37.44
S SO4 N . -35.82 -9.58 -14.02
O1 SO4 N . -36.24 -10.87 -14.49
O2 SO4 N . -34.86 -9.75 -12.96
O3 SO4 N . -35.20 -8.86 -15.10
O4 SO4 N . -36.95 -8.85 -13.53
S SO4 O . -38.68 -3.81 -42.94
O1 SO4 O . -40.08 -3.95 -43.23
O2 SO4 O . -38.45 -4.08 -41.55
O3 SO4 O . -37.93 -4.74 -43.73
O4 SO4 O . -38.26 -2.46 -43.24
S SO4 P . -36.76 -19.29 -15.96
O1 SO4 P . -36.83 -20.04 -14.74
O2 SO4 P . -38.02 -19.37 -16.66
O3 SO4 P . -35.71 -19.84 -16.80
O4 SO4 P . -36.46 -17.92 -15.65
S SO4 Q . -36.56 2.92 -41.16
O1 SO4 Q . -37.38 1.80 -41.59
O2 SO4 Q . -36.07 2.66 -39.84
O3 SO4 Q . -35.46 3.09 -42.06
O4 SO4 Q . -37.37 4.12 -41.16
S SO4 R . -42.40 -24.51 -32.48
O1 SO4 R . -41.67 -25.74 -32.37
O2 SO4 R . -43.37 -24.43 -31.42
O3 SO4 R . -41.49 -23.40 -32.37
O4 SO4 R . -43.06 -24.46 -33.75
S SO4 S . -48.71 -5.88 -29.45
O1 SO4 S . -47.98 -6.60 -28.45
O2 SO4 S . -50.12 -6.19 -29.32
O3 SO4 S . -48.26 -6.28 -30.75
O4 SO4 S . -48.52 -4.46 -29.29
S SO4 T . -49.38 -7.74 -38.03
O1 SO4 T . -50.25 -8.87 -38.21
O2 SO4 T . -49.84 -6.95 -36.93
O3 SO4 T . -48.05 -8.20 -37.76
O4 SO4 T . -49.38 -6.95 -39.22
S SO4 U . -29.59 -26.49 -2.92
O1 SO4 U . -30.67 -25.55 -2.85
O2 SO4 U . -29.57 -27.28 -1.73
O3 SO4 U . -28.35 -25.77 -3.06
O4 SO4 U . -29.79 -27.34 -4.06
S SO4 V . -26.34 2.01 -57.01
O1 SO4 V . -25.28 1.70 -56.09
O2 SO4 V . -27.60 2.08 -56.30
O3 SO4 V . -26.42 0.99 -58.01
O4 SO4 V . -26.08 3.28 -57.64
CL CL W . -35.99 -10.32 -50.90
CL CL X . -28.10 -15.43 -55.41
CL CL Y . -18.25 -23.59 -19.19
CL CL Z . -28.55 -7.62 -60.18
C1 BDF AA . 13.45 5.93 -30.91
C2 BDF AA . 12.93 6.17 -32.32
C3 BDF AA . 11.49 5.67 -32.51
C4 BDF AA . 11.06 5.87 -33.95
C5 BDF AA . 12.03 5.22 -34.93
C6 BDF AA . 13.47 5.60 -34.59
O1 BDF AA . 12.87 6.85 -29.99
O2 BDF AA . 12.98 7.55 -32.61
O3 BDF AA . 10.63 6.38 -31.63
O4 BDF AA . 9.75 5.31 -34.13
O5 BDF AA . 11.90 3.80 -34.90
O6 BDF AA . 13.77 5.43 -33.20
S SO4 BA . 0.78 -2.92 -50.45
O1 SO4 BA . -0.01 -1.90 -49.82
O2 SO4 BA . 0.24 -4.22 -50.11
O3 SO4 BA . 2.14 -2.82 -50.00
O4 SO4 BA . 0.73 -2.75 -51.88
S SO4 CA . 7.51 -17.00 -41.72
O1 SO4 CA . 6.34 -16.35 -41.20
O2 SO4 CA . 8.20 -17.67 -40.66
O3 SO4 CA . 8.38 -16.02 -42.32
O4 SO4 CA . 7.11 -17.96 -42.71
S SO4 DA . 1.33 -8.79 -20.59
O1 SO4 DA . 1.11 -10.13 -21.08
O2 SO4 DA . 0.18 -8.37 -19.84
O3 SO4 DA . 2.49 -8.78 -19.75
O4 SO4 DA . 1.52 -7.90 -21.70
S SO4 EA . -27.12 -2.40 -41.58
O1 SO4 EA . -28.19 -3.05 -40.87
O2 SO4 EA . -25.92 -3.19 -41.46
O3 SO4 EA . -26.89 -1.10 -41.04
O4 SO4 EA . -27.47 -2.29 -42.97
S SO4 FA . -16.19 -18.89 -42.39
O1 SO4 FA . -17.08 -20.02 -42.45
O2 SO4 FA . -15.14 -19.15 -41.46
O3 SO4 FA . -15.64 -18.65 -43.70
O4 SO4 FA . -16.93 -17.73 -41.96
S SO4 GA . -2.70 5.70 -45.76
O1 SO4 GA . -3.94 6.35 -45.43
O2 SO4 GA . -2.55 4.51 -44.96
O3 SO4 GA . -1.60 6.59 -45.51
O4 SO4 GA . -2.70 5.32 -47.15
S SO4 HA . -9.79 -8.87 -21.42
O1 SO4 HA . -11.07 -9.47 -21.73
O2 SO4 HA . -9.06 -9.75 -20.54
O3 SO4 HA . -9.04 -8.66 -22.63
O4 SO4 HA . -10.01 -7.61 -20.75
S SO4 IA . -6.56 -27.78 -19.30
O1 SO4 IA . -7.25 -28.57 -18.30
O2 SO4 IA . -5.78 -28.65 -20.14
O3 SO4 IA . -5.69 -26.85 -18.65
O4 SO4 IA . -7.52 -27.08 -20.09
CL CL JA . -16.76 -10.88 -52.44
CL CL KA . 11.94 -7.20 -25.62
S SO4 LA . 5.57 18.11 -24.64
O1 SO4 LA . 5.16 16.73 -24.62
O2 SO4 LA . 4.50 18.93 -24.15
O3 SO4 LA . 5.89 18.50 -25.98
O4 SO4 LA . 6.72 18.28 -23.80
S SO4 MA . 3.85 8.91 -27.90
O1 SO4 MA . 2.49 9.36 -27.67
O2 SO4 MA . 4.31 8.19 -26.75
O3 SO4 MA . 3.89 8.05 -29.06
O4 SO4 MA . 4.70 10.05 -28.13
S SO4 NA . -2.45 -4.00 -17.74
O1 SO4 NA . -3.13 -5.20 -18.17
O2 SO4 NA . -2.93 -3.63 -16.43
O3 SO4 NA . -1.04 -4.25 -17.68
O4 SO4 NA . -2.72 -2.93 -18.68
S SO4 OA . -18.67 12.43 -46.94
O1 SO4 OA . -19.99 12.28 -46.36
O2 SO4 OA . -17.67 12.11 -45.95
O3 SO4 OA . -18.49 13.79 -47.38
O4 SO4 OA . -18.54 11.54 -48.06
S SO4 PA . -17.25 24.24 -15.83
O1 SO4 PA . -17.68 22.88 -16.01
O2 SO4 PA . -18.19 24.94 -15.02
O3 SO4 PA . -15.96 24.24 -15.19
O4 SO4 PA . -17.13 24.89 -17.11
S SO4 QA . -17.07 19.13 -46.10
O1 SO4 QA . -18.16 18.19 -46.14
O2 SO4 QA . -17.12 19.86 -44.86
O3 SO4 QA . -15.83 18.42 -46.19
O4 SO4 QA . -17.20 20.05 -47.20
S SO4 RA . 0.08 17.15 -46.20
O1 SO4 RA . -0.23 15.77 -46.50
O2 SO4 RA . -0.32 17.45 -44.85
O3 SO4 RA . 1.49 17.35 -46.34
O4 SO4 RA . -0.63 18.02 -47.11
S SO4 SA . -1.95 32.30 -33.46
O1 SO4 SA . -2.62 31.06 -33.21
O2 SO4 SA . -2.12 33.17 -32.33
O3 SO4 SA . -0.54 32.05 -33.67
O4 SO4 SA . -2.49 32.91 -34.63
S SO4 TA . 12.51 15.08 -10.14
O1 SO4 TA . 11.43 14.34 -9.53
O2 SO4 TA . 13.72 14.86 -9.39
O3 SO4 TA . 12.69 14.62 -11.49
O4 SO4 TA . 12.20 16.48 -10.15
S SO4 UA . -23.36 14.66 -37.43
O1 SO4 UA . -23.40 13.37 -38.09
O2 SO4 UA . -24.03 14.57 -36.16
O3 SO4 UA . -21.99 15.05 -37.23
O4 SO4 UA . -24.02 15.63 -38.25
S SO4 VA . -6.22 22.74 -50.36
O1 SO4 VA . -7.28 22.07 -51.07
O2 SO4 VA . -6.31 22.43 -48.96
O3 SO4 VA . -4.95 22.30 -50.88
O4 SO4 VA . -6.35 24.17 -50.54
CL CL WA . -36.81 18.31 -45.53
S SO4 XA . -47.36 12.21 -21.07
O1 SO4 XA . -47.65 11.27 -20.03
O2 SO4 XA . -48.57 12.85 -21.51
O3 SO4 XA . -46.45 13.21 -20.56
O4 SO4 XA . -46.76 11.54 -22.19
S SO4 YA . -24.35 2.06 -3.58
O1 SO4 YA . -25.07 0.87 -3.97
O2 SO4 YA . -24.55 2.30 -2.18
O3 SO4 YA . -22.95 1.88 -3.84
O4 SO4 YA . -24.84 3.18 -4.33
S SO4 ZA . -44.01 3.84 -25.57
O1 SO4 ZA . -44.90 2.79 -25.18
O2 SO4 ZA . -43.47 4.47 -24.39
O3 SO4 ZA . -42.94 3.29 -26.35
O4 SO4 ZA . -44.73 4.82 -26.34
S SO4 AB . -21.12 -2.64 -7.84
O1 SO4 AB . -21.63 -3.92 -7.44
O2 SO4 AB . -21.73 -1.61 -7.04
O3 SO4 AB . -19.69 -2.62 -7.65
O4 SO4 AB . -21.42 -2.42 -9.22
S SO4 BB . -18.41 5.11 -12.14
O1 SO4 BB . -18.34 3.79 -12.73
O2 SO4 BB . -18.31 5.00 -10.71
O3 SO4 BB . -17.32 5.92 -12.64
O4 SO4 BB . -19.66 5.74 -12.48
S SO4 CB . -26.99 25.93 -21.64
O1 SO4 CB . -28.34 26.11 -22.07
O2 SO4 CB . -26.97 25.29 -20.35
O3 SO4 CB . -26.34 27.21 -21.53
O4 SO4 CB . -26.28 25.11 -22.59
S SO4 DB . -42.10 17.52 -4.82
O1 SO4 DB . -43.43 16.97 -4.74
O2 SO4 DB . -41.51 17.55 -3.51
O3 SO4 DB . -41.30 16.73 -5.70
O4 SO4 DB . -42.18 18.87 -5.32
S SO4 EB . -35.77 25.03 -30.70
O1 SO4 EB . -35.67 24.20 -29.55
O2 SO4 EB . -36.36 24.30 -31.79
O3 SO4 EB . -34.45 25.47 -31.09
O4 SO4 EB . -36.58 26.18 -30.41
S SO4 FB . -22.01 23.40 -19.90
O1 SO4 FB . -22.19 22.24 -19.07
O2 SO4 FB . -23.21 23.66 -20.65
O3 SO4 FB . -20.92 23.18 -20.82
O4 SO4 FB . -21.72 24.54 -19.07
S SO4 GB . -57.57 10.41 -29.81
O1 SO4 GB . -57.86 11.57 -29.01
O2 SO4 GB . -57.97 9.23 -29.11
O3 SO4 GB . -56.16 10.36 -30.08
O4 SO4 GB . -58.29 10.50 -31.05
S SO4 HB . -44.69 -5.63 -9.38
O1 SO4 HB . -45.45 -6.52 -8.54
O2 SO4 HB . -43.30 -5.68 -9.01
O3 SO4 HB . -44.83 -6.02 -10.75
O4 SO4 HB . -45.18 -4.28 -9.22
CL CL IB . -35.24 0.53 1.33
C1 BDF JB . 21.36 -4.27 -12.63
C2 BDF JB . 22.78 -3.72 -12.55
C3 BDF JB . 23.64 -4.35 -11.45
C4 BDF JB . 23.17 -3.96 -10.05
C5 BDF JB . 23.05 -2.45 -9.93
C6 BDF JB . 22.20 -1.90 -11.06
O1 BDF JB . 21.37 -5.66 -12.87
O2 BDF JB . 23.43 -3.98 -13.77
O3 BDF JB . 24.99 -3.95 -11.63
O4 BDF JB . 21.92 -4.59 -9.75
O5 BDF JB . 22.45 -2.10 -8.68
O6 BDF JB . 22.69 -2.30 -12.35
C1 BDF KB . 25.93 -41.53 -14.99
C2 BDF KB . 24.67 -42.25 -14.52
C3 BDF KB . 24.34 -41.89 -13.06
C4 BDF KB . 23.07 -42.58 -12.61
C5 BDF KB . 22.96 -43.97 -13.24
C6 BDF KB . 24.33 -44.48 -13.61
O1 BDF KB . 25.62 -40.23 -15.43
O2 BDF KB . 23.58 -41.90 -15.33
O3 BDF KB . 24.19 -40.48 -12.95
O4 BDF KB . 23.03 -42.67 -11.18
O5 BDF KB . 22.35 -44.89 -12.31
O6 BDF KB . 24.96 -43.66 -14.61
S SO4 LB . 8.20 -20.93 -2.28
O1 SO4 LB . 8.34 -21.84 -1.18
O2 SO4 LB . 6.88 -21.04 -2.84
O3 SO4 LB . 9.18 -21.24 -3.28
O4 SO4 LB . 8.40 -19.58 -1.81
S SO4 MB . 21.32 -22.15 -27.36
O1 SO4 MB . 20.07 -22.76 -26.98
O2 SO4 MB . 21.77 -21.29 -26.30
O3 SO4 MB . 22.30 -23.17 -27.60
O4 SO4 MB . 21.12 -21.37 -28.56
S SO4 NB . 36.08 -28.61 -7.83
O1 SO4 NB . 36.80 -29.83 -8.06
O2 SO4 NB . 35.90 -28.41 -6.42
O3 SO4 NB . 36.83 -27.50 -8.37
O4 SO4 NB . 34.80 -28.69 -8.47
S SO4 OB . 36.20 -24.17 -17.03
O1 SO4 OB . 36.05 -25.51 -17.55
O2 SO4 OB . 36.49 -24.23 -15.62
O3 SO4 OB . 37.28 -23.51 -17.70
O4 SO4 OB . 34.98 -23.43 -17.24
S SO4 PB . 6.55 -28.93 -10.12
O1 SO4 PB . 5.95 -30.00 -10.85
O2 SO4 PB . 5.99 -28.87 -8.80
O3 SO4 PB . 7.97 -29.14 -10.04
O4 SO4 PB . 6.30 -27.68 -10.80
S SO4 QB . 40.89 -21.67 7.62
O1 SO4 QB . 41.56 -22.72 8.35
O2 SO4 QB . 39.63 -22.17 7.13
O3 SO4 QB . 41.71 -21.28 6.50
O4 SO4 QB . 40.66 -20.55 8.48
S SO4 RB . 6.44 -31.25 -3.67
O1 SO4 RB . 5.57 -30.13 -3.42
O2 SO4 RB . 5.91 -32.42 -3.02
O3 SO4 RB . 7.76 -30.96 -3.15
O4 SO4 RB . 6.53 -31.49 -5.09
CL CL SB . -2.31 -11.53 -15.45
CL CL TB . 17.57 -41.05 -13.91
CL CL UB . 48.76 -25.94 -18.05
S SO4 VB . 3.31 -4.20 17.44
O1 SO4 VB . 2.40 -5.29 17.32
O2 SO4 VB . 4.30 -4.50 18.43
O3 SO4 VB . 3.95 -3.97 16.17
O4 SO4 VB . 2.59 -3.01 17.84
S SO4 WB . 0.77 3.64 11.79
O1 SO4 WB . 0.86 2.28 12.21
O2 SO4 WB . -0.60 4.06 11.76
O3 SO4 WB . 1.34 3.79 10.47
O4 SO4 WB . 1.52 4.48 12.70
S SO4 XB . 13.86 15.53 6.63
O1 SO4 XB . 14.11 14.11 6.74
O2 SO4 XB . 12.95 15.93 7.67
O3 SO4 XB . 15.10 16.24 6.78
O4 SO4 XB . 13.28 15.82 5.34
S SO4 YB . 31.82 1.71 13.53
O1 SO4 YB . 32.38 0.39 13.63
O2 SO4 YB . 30.39 1.63 13.52
O3 SO4 YB . 32.28 2.34 12.32
O4 SO4 YB . 32.24 2.49 14.67
S SO4 ZB . 30.55 -7.62 6.69
O1 SO4 ZB . 30.25 -8.69 5.77
O2 SO4 ZB . 30.85 -8.15 7.98
O3 SO4 ZB . 31.68 -6.87 6.19
O4 SO4 ZB . 29.42 -6.74 6.78
S SO4 AC . 7.46 -27.48 14.16
O1 SO4 AC . 6.28 -28.26 14.37
O2 SO4 AC . 7.86 -26.86 15.40
O3 SO4 AC . 8.52 -28.32 13.68
O4 SO4 AC . 7.19 -26.45 13.19
S SO4 BC . 49.85 -3.43 -1.20
O1 SO4 BC . 49.01 -4.42 -0.57
O2 SO4 BC . 49.70 -2.18 -0.50
O3 SO4 BC . 51.23 -3.85 -1.14
O4 SO4 BC . 49.46 -3.27 -2.57
S SO4 CC . -14.57 0.07 6.94
O1 SO4 CC . -16.00 0.24 6.87
O2 SO4 CC . -14.13 0.19 8.30
O3 SO4 CC . -13.93 1.08 6.13
O4 SO4 CC . -14.22 -1.23 6.44
S SO4 DC . 45.71 -7.53 2.56
O1 SO4 DC . 46.72 -8.25 3.30
O2 SO4 DC . 44.87 -6.82 3.49
O3 SO4 DC . 46.35 -6.58 1.68
O4 SO4 DC . 44.92 -8.45 1.79
CL CL EC . 44.79 1.88 -1.14
CL CL FC . -7.44 -18.91 -0.96
CL CL GC . 27.06 10.87 19.50
CL CL HC . 37.56 6.09 -4.63
S SO4 IC . 19.87 -8.13 36.65
O1 SO4 IC . 19.67 -9.54 36.89
O2 SO4 IC . 18.60 -7.46 36.72
O3 SO4 IC . 20.76 -7.59 37.64
O4 SO4 IC . 20.45 -7.94 35.35
S SO4 JC . -1.83 -22.94 19.97
O1 SO4 JC . -3.20 -23.29 20.26
O2 SO4 JC . -0.95 -23.90 20.58
O3 SO4 JC . -1.55 -21.64 20.49
O4 SO4 JC . -1.63 -22.94 18.54
S SO4 KC . -0.77 -20.65 13.63
O1 SO4 KC . -0.15 -21.78 13.01
O2 SO4 KC . -1.56 -21.09 14.75
O3 SO4 KC . 0.24 -19.73 14.09
O4 SO4 KC . -1.63 -19.98 12.69
S SO4 LC . 6.95 -19.89 41.58
O1 SO4 LC . 5.61 -20.42 41.56
O2 SO4 LC . 7.74 -20.64 42.53
O3 SO4 LC . 7.52 -19.99 40.28
O4 SO4 LC . 6.90 -18.51 42.00
S SO4 MC . 32.70 -4.46 16.38
O1 SO4 MC . 33.89 -5.00 16.97
O2 SO4 MC . 31.55 -5.22 16.82
O3 SO4 MC . 32.80 -4.53 14.95
O4 SO4 MC . 32.54 -3.09 16.79
S SO4 NC . 19.74 -4.15 27.56
O1 SO4 NC . 19.95 -5.54 27.89
O2 SO4 NC . 19.76 -3.37 28.77
O3 SO4 NC . 20.80 -3.70 26.70
O4 SO4 NC . 18.48 -3.99 26.90
S SO4 OC . -5.83 -15.44 28.57
O1 SO4 OC . -6.57 -16.61 28.15
O2 SO4 OC . -6.41 -14.92 29.78
O3 SO4 OC . -4.46 -15.80 28.82
O4 SO4 OC . -5.88 -14.44 27.54
S SO4 PC . 34.99 -4.39 42.02
O1 SO4 PC . 34.59 -5.77 42.04
O2 SO4 PC . 35.41 -4.01 43.34
O3 SO4 PC . 36.07 -4.22 41.09
O4 SO4 PC . 33.87 -3.57 41.62
CL CL QC . 25.01 -31.21 30.72
S SO4 RC . 21.24 -40.58 -4.10
O1 SO4 RC . 21.66 -41.95 -4.10
O2 SO4 RC . 21.48 -40.00 -2.80
O3 SO4 RC . 21.99 -39.85 -5.09
O4 SO4 RC . 19.85 -40.49 -4.41
S SO4 SC . 33.84 -21.62 15.07
O1 SO4 SC . 33.62 -22.95 14.58
O2 SO4 SC . 34.63 -21.67 16.28
O3 SO4 SC . 34.53 -20.85 14.07
O4 SO4 SC . 32.56 -21.01 15.36
S SO4 TC . 37.36 -49.73 12.52
O1 SO4 TC . 36.62 -50.51 13.48
O2 SO4 TC . 38.73 -49.65 12.95
O3 SO4 TC . 36.81 -48.42 12.46
O4 SO4 TC . 37.30 -50.36 11.24
S SO4 UC . 42.82 -27.10 10.72
O1 SO4 UC . 41.83 -27.64 9.84
O2 SO4 UC . 42.66 -27.66 12.03
O3 SO4 UC . 44.14 -27.43 10.21
O4 SO4 UC . 42.68 -25.67 10.80
S SO4 VC . 47.40 -36.06 3.47
O1 SO4 VC . 48.20 -37.25 3.62
O2 SO4 VC . 46.17 -36.21 4.22
O3 SO4 VC . 48.13 -34.95 4.00
O4 SO4 VC . 47.11 -35.85 2.09
S SO4 WC . 43.76 -29.15 30.85
O1 SO4 WC . 42.37 -29.22 31.21
O2 SO4 WC . 44.58 -29.50 31.98
O3 SO4 WC . 44.03 -30.06 29.77
O4 SO4 WC . 44.08 -27.81 30.44
S SO4 XC . 8.07 -56.25 0.48
O1 SO4 XC . 7.15 -57.30 0.15
O2 SO4 XC . 7.42 -55.30 1.34
O3 SO4 XC . 9.21 -56.80 1.15
O4 SO4 XC . 8.48 -55.58 -0.72
S SO4 YC . 41.28 -37.47 -2.58
O1 SO4 YC . 40.13 -38.17 -2.10
O2 SO4 YC . 42.46 -38.01 -1.97
O3 SO4 YC . 41.17 -36.07 -2.24
O4 SO4 YC . 41.37 -37.60 -4.01
S SO4 ZC . 19.11 -39.35 24.44
O1 SO4 ZC . 18.05 -40.12 23.85
O2 SO4 ZC . 18.91 -39.28 25.86
O3 SO4 ZC . 20.37 -39.97 24.16
O4 SO4 ZC . 19.10 -38.02 23.88
S SO4 AD . 22.59 -34.60 26.46
O1 SO4 AD . 22.48 -36.03 26.66
O2 SO4 AD . 23.14 -33.99 27.63
O3 SO4 AD . 23.45 -34.35 25.34
O4 SO4 AD . 21.29 -34.05 26.20
S SO4 BD . 35.61 -26.70 14.87
O1 SO4 BD . 35.95 -28.03 14.44
O2 SO4 BD . 35.57 -26.66 16.30
O3 SO4 BD . 36.59 -25.77 14.38
O4 SO4 BD . 34.31 -26.36 14.34
S SO4 CD . 22.59 -48.61 1.55
O1 SO4 CD . 21.92 -49.78 1.08
O2 SO4 CD . 22.74 -48.67 2.98
O3 SO4 CD . 23.89 -48.51 0.95
O4 SO4 CD . 21.82 -47.44 1.20
S SO4 DD . 12.35 12.92 36.05
O1 SO4 DD . 12.75 12.68 37.41
O2 SO4 DD . 10.98 12.55 35.88
O3 SO4 DD . 13.17 12.14 35.16
O4 SO4 DD . 12.51 14.32 35.76
S SO4 ED . 17.19 17.94 28.96
O1 SO4 ED . 16.39 17.35 27.91
O2 SO4 ED . 16.82 17.35 30.22
O3 SO4 ED . 18.58 17.69 28.71
O4 SO4 ED . 16.95 19.36 29.00
S SO4 FD . -16.14 18.34 29.77
O1 SO4 FD . -17.52 18.36 30.17
O2 SO4 FD . -15.30 18.46 30.94
O3 SO4 FD . -15.84 17.12 29.09
O4 SO4 FD . -15.89 19.45 28.89
S SO4 GD . -13.24 21.23 24.12
O1 SO4 GD . -12.07 20.78 24.83
O2 SO4 GD . -14.40 21.06 24.96
O3 SO4 GD . -13.40 20.48 22.92
O4 SO4 GD . -13.10 22.64 23.81
S SO4 HD . 8.04 24.75 14.84
O1 SO4 HD . 8.81 23.57 14.56
O2 SO4 HD . 7.39 24.60 16.11
O3 SO4 HD . 8.89 25.90 14.85
O4 SO4 HD . 7.04 24.92 13.81
S SO4 ID . -13.28 27.50 33.65
O1 SO4 ID . -13.98 26.24 33.59
O2 SO4 ID . -13.47 28.10 34.93
O3 SO4 ID . -11.88 27.27 33.43
O4 SO4 ID . -13.78 28.37 32.62
S SO4 JD . 8.00 40.70 32.95
O1 SO4 JD . 7.33 40.10 31.83
O2 SO4 JD . 7.36 40.27 34.17
O3 SO4 JD . 9.37 40.28 32.97
O4 SO4 JD . 7.94 42.12 32.85
S SO4 KD . -7.69 13.76 15.96
O1 SO4 KD . -8.57 12.62 15.86
O2 SO4 KD . -7.72 14.27 17.31
O3 SO4 KD . -6.34 13.35 15.64
O4 SO4 KD . -8.12 14.79 15.05
S SO4 LD . -10.11 27.24 29.73
O1 SO4 LD . -9.95 26.63 31.03
O2 SO4 LD . -11.44 26.96 29.24
O3 SO4 LD . -9.14 26.68 28.82
O4 SO4 LD . -9.93 28.65 29.84
CL CL MD . 31.63 19.87 36.07
CL CL ND . -26.32 33.75 28.93
S SO4 OD . 6.78 33.14 51.45
O1 SO4 OD . 6.64 31.97 50.62
O2 SO4 OD . 6.72 32.75 52.84
O3 SO4 OD . 8.05 33.76 51.17
O4 SO4 OD . 5.72 34.06 51.17
S SO4 PD . -3.60 60.06 50.70
O1 SO4 PD . -3.76 58.68 50.32
O2 SO4 PD . -4.77 60.50 51.41
O3 SO4 PD . -2.45 60.19 51.56
O4 SO4 PD . -3.42 60.85 49.53
S SO4 QD . -2.53 44.91 31.86
O1 SO4 QD . -2.66 43.71 32.64
O2 SO4 QD . -3.79 45.21 31.23
O3 SO4 QD . -1.52 44.73 30.85
O4 SO4 QD . -2.14 46.00 32.72
S SO4 RD . -21.06 42.57 52.58
O1 SO4 RD . -22.15 41.92 51.89
O2 SO4 RD . -20.88 41.96 53.88
O3 SO4 RD . -19.85 42.43 51.82
O4 SO4 RD . -21.37 43.96 52.74
S SO4 SD . -19.69 51.59 48.30
O1 SO4 SD . -20.04 50.21 48.48
O2 SO4 SD . -19.22 52.12 49.54
O3 SO4 SD . -18.66 51.70 47.30
O4 SO4 SD . -20.86 52.32 47.86
S SO4 TD . 5.45 34.76 61.70
O1 SO4 TD . 6.56 33.88 61.91
O2 SO4 TD . 4.73 34.94 62.93
O3 SO4 TD . 4.57 34.18 60.71
O4 SO4 TD . 5.92 36.03 61.22
S SO4 UD . 7.41 41.23 59.88
O1 SO4 UD . 6.96 39.93 60.32
O2 SO4 UD . 7.75 42.03 61.02
O3 SO4 UD . 8.56 41.08 59.04
O4 SO4 UD . 6.35 41.88 59.14
CL CL VD . -31.83 53.11 37.79
CL CL WD . -18.79 28.59 30.68
CL CL XD . 2.12 50.06 66.36
CL CL YD . -4.07 56.40 35.65
CL CL ZD . -22.31 27.89 37.52
#